data_8VAN
#
_entry.id   8VAN
#
loop_
_entity.id
_entity.type
_entity.pdbx_description
1 polymer 'DNA polymerase III subunit delta'
2 polymer 'DNA polymerase III subunit tau'
3 polymer "DNA polymerase III subunit delta'"
4 polymer 'Beta sliding clamp'
#
loop_
_entity_poly.entity_id
_entity_poly.type
_entity_poly.pdbx_seq_one_letter_code
_entity_poly.pdbx_strand_id
1 'polypeptide(L)'
;MIRLYPEQLRAQLNEGLRAAYLLLGNDPLLLQESQDAVRQVAAAQGFEEHHTFSIDPNTDWNAIFSLCQAMSLFASRQTL
LLLLPENGPNAAINEQLLTLTGLLHDDLLLIVRGNKLSKAQENAAWFTALANRSVQVTCQTPEQAQLPRWVAARAKQLNL
ELDDAANQVLCYCYEGNLLALAQALERLSLLWPDGKLTLPRVEQAVNDAAHFTPFHWVDALLMGKSKRALHILQQLRLEG
SEPVILLRTLQRELLLLVNLKRQSAHTPLRALFDKHRVWQNRRGMMGEALNRLSQTQLRQAVQLLTRTELTLKQDYGQSV
WAELEGLSLLLCHKPLADVFIDG
;
A
2 'polypeptide(L)'
;GPHMSYQVLARKWRPQTFADVVGQEHVLTALANGLSLGRIHHAYLFSGTRGVGKTSIARLLAKGLNCETGITATPCGVCD
NCREIEQGRFVDLIEIDAASRTKVEDTRDLLDNVQYAPARGRFKVYLIDEVHMLSRHSFNALLKTLEEPPEHVKFLLATT
DPQKLPVTILSRCLQFHLKALDVEQIRHQLEHILNEEHIAHEPRALQLLARAAEGSLRDALSLTDQAIASGDGQVSTQAV
SAMLGTLDDDQALSLVEAMVEANGERVMALINEAAARGIEWEALLVEMLGLLHRIAMVQLSPAALGNDMAAIELRMRELA
RTIPPTDIQLYYQTLLIGRKELPYAPDRRMGVEMTLLRALAFHPRMPLPEPEVPRQ
;
B,C,D
3 'polypeptide(L)'
;GPHMRWYPWLRPDFEKLVASYQAGRGHHALLIQALPGMGDDALIYALSRYLLCQQPQGHKSCGHCRGCQLMQAGTHPDYY
TLAPEKGKNTLGVDAVREVTEKLNEHARLGGAKVVWVTDAALLTDAAANALLKTLEEPPAETWFFLATREPERLLATLRS
RCRLHYLAPPPEQYAVTWLSREVTMSQDALLAALRLSAGSPGAALALFQGDNWQARETLCQALAYSVPSGDWYSLLAALN
HEQAPARLHWLATLLMDALKRHHGAAQVTNVDVPGLVAELANHLSPSRLQAILGDVCHIREQLMSVTGINRELLITDLLL
RIEHYLQPGVVLPVPHL
;
E
4 'polypeptide(L)'
;GPHMKFTVEREHLLKPLQQVSGPLGGRPTLPILGNLLLQVADGTLSLTGTDLEMEMVARVALVQPHEPGATTVPARKFFD
ICRGLPEGAEIAVQLEGERMLVRSGRSRFSLSTLPAADFPNLDDWQSEVEFTLPQATMKRLIEATQFSMAHQDVRYYLNG
MLFETEGEELRTVATDGHRLAVCSMPIGQSLPSHSVIVPRKGVIELMRMLDGGDNPLRVQIGSNNIRAHVGDFIFTSKLV
DGRFPDYRRVLPKNPDKHLEAGCDLLKQAFARAAILSNEKFRGVRLYVSENQLKITANNPEQEEAEEILDVTYSGAEMEI
GFNVSYVLDVLNALKCENVRMMLTDSVSSVQIEDAASQSAAYVVMPMRL
;
F,G
#
# COMPACT_ATOMS: atom_id res chain seq x y z
N MET A 1 33.40 29.66 1.25
CA MET A 1 32.34 30.67 0.99
C MET A 1 32.03 31.42 2.22
N ILE A 2 31.94 32.74 2.04
CA ILE A 2 31.53 33.73 2.96
C ILE A 2 30.32 33.34 3.71
N ARG A 3 30.42 33.51 5.02
CA ARG A 3 29.46 33.13 5.97
C ARG A 3 29.08 34.43 6.46
N LEU A 4 27.82 34.58 6.75
CA LEU A 4 27.39 35.87 7.04
C LEU A 4 26.44 35.49 8.03
N TYR A 5 26.12 36.45 8.85
CA TYR A 5 25.19 36.13 9.84
C TYR A 5 24.08 36.90 9.29
N PRO A 6 22.87 36.48 9.47
CA PRO A 6 21.71 37.06 8.96
C PRO A 6 21.62 38.47 9.23
N GLU A 7 22.02 38.93 10.48
CA GLU A 7 21.83 40.31 10.82
C GLU A 7 22.72 41.15 9.92
N GLN A 8 23.75 40.55 9.28
CA GLN A 8 24.72 41.25 8.50
C GLN A 8 24.58 40.91 7.10
N LEU A 9 23.44 40.33 6.75
CA LEU A 9 23.15 40.01 5.39
C LEU A 9 23.20 41.12 4.42
N ARG A 10 22.95 42.35 4.90
CA ARG A 10 22.98 43.51 4.07
C ARG A 10 24.28 43.80 3.57
N ALA A 11 25.31 43.36 4.30
CA ALA A 11 26.61 43.65 3.86
C ALA A 11 26.87 43.16 2.49
N GLN A 12 26.52 41.90 2.22
CA GLN A 12 26.81 41.27 0.95
C GLN A 12 25.69 41.37 0.05
N LEU A 13 24.51 41.51 0.57
CA LEU A 13 23.41 41.61 -0.28
C LEU A 13 23.46 42.75 -1.19
N ASN A 14 23.59 43.84 -0.46
CA ASN A 14 23.51 45.15 -0.90
C ASN A 14 24.66 45.49 -1.69
N GLU A 15 25.86 45.17 -1.19
CA GLU A 15 27.05 45.61 -1.86
C GLU A 15 27.18 45.04 -3.20
N GLY A 16 26.45 43.98 -3.52
CA GLY A 16 26.71 43.43 -4.76
C GLY A 16 25.87 42.27 -4.79
N LEU A 17 25.67 41.87 -6.04
CA LEU A 17 24.73 40.87 -6.39
C LEU A 17 25.43 39.65 -6.12
N ARG A 18 24.94 39.02 -5.04
CA ARG A 18 25.51 37.80 -4.68
C ARG A 18 24.72 36.85 -5.43
N ALA A 19 25.35 35.78 -5.91
CA ALA A 19 24.68 34.82 -6.67
C ALA A 19 23.92 34.08 -5.66
N ALA A 20 24.47 33.10 -5.03
CA ALA A 20 23.71 32.19 -4.22
C ALA A 20 23.79 32.62 -2.84
N TYR A 21 22.74 33.22 -2.35
CA TYR A 21 22.84 33.65 -0.97
C TYR A 21 22.14 32.51 -0.36
N LEU A 22 22.97 31.71 0.30
CA LEU A 22 22.82 30.44 0.83
C LEU A 22 22.64 30.56 2.27
N LEU A 23 21.41 30.56 2.76
CA LEU A 23 21.14 30.82 4.13
C LEU A 23 21.11 29.48 4.63
N LEU A 24 22.25 28.95 5.02
CA LEU A 24 22.24 27.64 5.51
C LEU A 24 22.31 27.98 6.91
N GLY A 25 21.41 27.37 7.61
CA GLY A 25 21.33 27.53 8.98
C GLY A 25 20.03 27.00 9.16
N ASN A 26 19.56 27.11 10.41
CA ASN A 26 18.53 26.21 10.78
C ASN A 26 17.57 26.84 11.66
N ASP A 27 17.95 27.95 12.37
CA ASP A 27 16.99 28.65 13.15
C ASP A 27 16.05 29.22 12.14
N PRO A 28 14.77 28.95 12.24
CA PRO A 28 13.84 29.27 11.21
C PRO A 28 13.65 30.69 11.23
N LEU A 29 13.67 31.29 12.44
CA LEU A 29 13.68 32.70 12.61
C LEU A 29 14.82 33.25 11.80
N LEU A 30 16.07 32.71 11.92
CA LEU A 30 17.20 33.13 11.14
C LEU A 30 17.15 32.88 9.69
N LEU A 31 16.70 31.72 9.27
CA LEU A 31 16.52 31.42 7.90
C LEU A 31 15.51 32.26 7.22
N GLN A 32 14.41 32.60 7.94
CA GLN A 32 13.26 33.31 7.43
C GLN A 32 13.71 34.66 7.17
N GLU A 33 14.35 35.19 8.21
CA GLU A 33 14.92 36.48 8.19
C GLU A 33 15.98 36.59 7.08
N SER A 34 16.86 35.59 6.84
CA SER A 34 17.87 35.76 5.82
C SER A 34 17.27 35.69 4.43
N GLN A 35 16.19 34.91 4.27
CA GLN A 35 15.47 34.83 3.03
C GLN A 35 14.84 36.12 2.55
N ASP A 36 14.03 36.73 3.43
CA ASP A 36 13.21 37.84 3.01
C ASP A 36 14.03 39.05 2.71
N ALA A 37 15.17 39.23 3.37
CA ALA A 37 16.10 40.31 3.16
C ALA A 37 16.79 40.33 1.85
N VAL A 38 17.07 39.13 1.32
CA VAL A 38 17.66 39.07 0.00
C VAL A 38 16.59 39.41 -0.92
N ARG A 39 15.48 38.68 -0.85
CA ARG A 39 14.30 38.88 -1.66
C ARG A 39 13.80 40.26 -1.79
N GLN A 40 13.76 40.96 -0.67
CA GLN A 40 13.23 42.25 -0.58
C GLN A 40 14.03 43.19 -1.36
N VAL A 41 15.34 43.03 -1.17
CA VAL A 41 16.28 43.82 -1.84
C VAL A 41 16.45 43.29 -3.22
N ALA A 42 16.18 42.02 -3.50
CA ALA A 42 16.21 41.45 -4.79
C ALA A 42 15.10 41.95 -5.66
N ALA A 43 13.83 41.87 -5.15
CA ALA A 43 12.63 42.30 -5.79
C ALA A 43 12.73 43.72 -6.13
N ALA A 44 13.31 44.48 -5.16
CA ALA A 44 13.59 45.84 -5.37
C ALA A 44 14.62 45.94 -6.45
N GLN A 45 15.62 45.04 -6.47
CA GLN A 45 16.62 45.01 -7.49
C GLN A 45 16.22 44.41 -8.82
N GLY A 46 14.97 44.53 -9.30
CA GLY A 46 14.67 44.13 -10.68
C GLY A 46 14.82 42.67 -10.90
N PHE A 47 14.17 41.97 -9.99
CA PHE A 47 14.14 40.58 -10.03
C PHE A 47 12.84 40.19 -9.48
N GLU A 48 11.90 41.09 -9.69
CA GLU A 48 10.57 41.06 -9.22
C GLU A 48 9.94 39.80 -9.61
N GLU A 49 10.39 39.24 -10.78
CA GLU A 49 9.98 37.94 -11.17
C GLU A 49 10.64 37.08 -10.18
N HIS A 50 9.78 36.59 -9.31
CA HIS A 50 10.29 35.98 -8.16
C HIS A 50 9.39 34.86 -8.10
N HIS A 51 10.02 33.75 -7.99
CA HIS A 51 9.29 32.57 -7.93
C HIS A 51 9.99 31.86 -6.86
N THR A 52 9.29 30.91 -6.23
CA THR A 52 9.85 29.92 -5.37
C THR A 52 9.74 28.61 -6.06
N PHE A 53 10.79 27.78 -5.99
CA PHE A 53 10.74 26.48 -6.60
C PHE A 53 11.72 25.72 -5.83
N SER A 54 11.26 24.66 -5.12
CA SER A 54 12.15 23.88 -4.29
C SER A 54 13.12 23.16 -5.19
N ILE A 55 14.00 22.37 -4.59
CA ILE A 55 14.79 21.49 -5.31
C ILE A 55 14.53 20.39 -4.42
N ASP A 56 13.90 19.37 -5.04
CA ASP A 56 13.48 18.20 -4.37
C ASP A 56 14.78 17.52 -4.10
N PRO A 57 14.74 16.41 -3.41
CA PRO A 57 15.86 15.51 -3.38
C PRO A 57 16.03 15.00 -4.78
N ASN A 58 14.84 15.02 -5.46
CA ASN A 58 14.57 14.74 -6.84
C ASN A 58 15.49 15.61 -7.58
N THR A 59 15.82 15.13 -8.77
CA THR A 59 16.76 15.64 -9.71
C THR A 59 16.55 17.08 -9.90
N ASP A 60 15.23 17.28 -10.00
CA ASP A 60 14.42 18.39 -10.11
C ASP A 60 15.05 19.28 -11.08
N TRP A 61 14.83 20.58 -10.98
CA TRP A 61 15.16 21.51 -11.97
C TRP A 61 14.10 21.69 -12.95
N ASN A 62 13.94 22.94 -13.37
CA ASN A 62 12.88 23.33 -14.19
C ASN A 62 13.39 24.51 -14.91
N ALA A 63 13.42 25.65 -14.20
CA ALA A 63 13.74 26.91 -14.75
C ALA A 63 15.21 26.94 -14.56
N ILE A 64 15.88 26.78 -15.71
CA ILE A 64 17.29 26.71 -15.76
C ILE A 64 17.70 27.69 -16.83
N PHE A 65 16.92 28.81 -17.02
CA PHE A 65 17.11 29.81 -18.05
C PHE A 65 18.48 30.43 -18.08
N SER A 66 18.95 31.02 -16.93
CA SER A 66 20.24 31.63 -16.70
C SER A 66 20.84 32.25 -17.91
N LEU A 67 20.07 33.11 -18.66
CA LEU A 67 20.41 33.70 -19.95
C LEU A 67 19.99 32.86 -21.19
N CYS A 68 19.21 33.39 -22.19
CA CYS A 68 18.89 32.67 -23.42
C CYS A 68 18.20 33.54 -24.45
N GLN A 69 17.86 34.75 -24.01
CA GLN A 69 17.24 35.80 -24.73
C GLN A 69 15.96 35.47 -25.33
N ALA A 70 15.16 34.89 -24.46
CA ALA A 70 13.93 34.26 -24.76
C ALA A 70 12.83 35.13 -24.53
N MET A 71 13.12 36.21 -23.83
CA MET A 71 12.06 36.99 -23.40
C MET A 71 12.37 38.32 -23.79
N SER A 72 11.27 38.96 -23.96
CA SER A 72 11.09 40.24 -24.45
C SER A 72 9.60 40.26 -24.58
N LEU A 73 8.88 39.19 -24.14
CA LEU A 73 7.45 39.26 -23.99
C LEU A 73 7.30 39.51 -22.52
N PHE A 74 8.35 39.22 -21.73
CA PHE A 74 8.43 39.36 -20.32
C PHE A 74 9.88 39.07 -20.08
N ALA A 75 10.75 40.04 -20.42
CA ALA A 75 12.20 40.08 -20.32
C ALA A 75 12.95 39.69 -19.01
N SER A 76 12.77 40.48 -17.90
CA SER A 76 13.48 40.61 -16.60
C SER A 76 14.18 39.47 -15.96
N ARG A 77 14.92 39.85 -14.90
CA ARG A 77 15.48 38.89 -14.10
C ARG A 77 14.54 38.49 -13.10
N GLN A 78 14.74 37.26 -12.75
CA GLN A 78 13.91 36.56 -11.96
C GLN A 78 14.82 35.98 -11.07
N THR A 79 14.16 35.47 -10.09
CA THR A 79 14.80 35.07 -8.95
C THR A 79 14.08 33.90 -8.56
N LEU A 80 14.87 33.02 -7.99
CA LEU A 80 14.50 31.69 -7.79
C LEU A 80 14.87 31.25 -6.44
N LEU A 81 13.86 31.02 -5.56
CA LEU A 81 14.08 30.46 -4.25
C LEU A 81 14.31 29.01 -4.51
N LEU A 82 15.37 28.42 -3.95
CA LEU A 82 15.56 27.00 -3.88
C LEU A 82 15.48 26.66 -2.43
N LEU A 83 14.55 25.75 -2.09
CA LEU A 83 14.55 25.14 -0.78
C LEU A 83 15.34 23.89 -1.10
N LEU A 84 16.31 23.58 -0.23
CA LEU A 84 17.29 22.55 -0.45
C LEU A 84 16.77 21.27 0.05
N PRO A 85 17.32 20.14 -0.38
CA PRO A 85 17.08 18.89 0.23
C PRO A 85 17.69 19.00 1.55
N GLU A 86 17.29 18.10 2.43
CA GLU A 86 17.69 17.80 3.75
C GLU A 86 19.09 18.23 4.03
N ASN A 87 20.02 17.73 3.25
CA ASN A 87 21.37 18.03 3.43
C ASN A 87 21.90 18.91 2.39
N GLY A 88 21.08 19.15 1.37
CA GLY A 88 21.39 20.01 0.30
C GLY A 88 21.35 19.26 -0.96
N PRO A 89 21.64 20.01 -2.01
CA PRO A 89 21.59 19.54 -3.36
C PRO A 89 22.41 18.37 -3.58
N ASN A 90 21.86 17.48 -4.37
CA ASN A 90 22.37 16.18 -4.56
C ASN A 90 22.83 16.27 -5.90
N ALA A 91 23.10 15.11 -6.46
CA ALA A 91 23.38 15.01 -7.84
C ALA A 91 22.17 15.45 -8.60
N ALA A 92 22.37 15.86 -9.88
CA ALA A 92 21.37 16.40 -10.80
C ALA A 92 21.17 17.80 -10.46
N ILE A 93 20.87 17.99 -9.19
CA ILE A 93 20.75 19.21 -8.56
C ILE A 93 22.04 19.93 -8.63
N ASN A 94 23.11 19.35 -8.05
CA ASN A 94 24.48 19.78 -7.98
C ASN A 94 24.91 20.11 -9.31
N GLU A 95 24.58 19.26 -10.24
CA GLU A 95 24.88 19.42 -11.61
C GLU A 95 24.37 20.64 -12.23
N GLN A 96 23.04 20.77 -12.17
CA GLN A 96 22.33 21.93 -12.62
C GLN A 96 22.54 23.08 -11.77
N LEU A 97 23.22 22.89 -10.65
CA LEU A 97 23.67 23.91 -9.79
C LEU A 97 24.92 24.42 -10.34
N LEU A 98 25.87 23.54 -10.68
CA LEU A 98 27.11 23.87 -11.31
C LEU A 98 26.93 24.51 -12.65
N THR A 99 25.73 24.40 -13.24
CA THR A 99 25.53 24.99 -14.53
C THR A 99 25.33 26.47 -14.43
N LEU A 100 24.44 26.84 -13.50
CA LEU A 100 24.10 28.19 -13.12
C LEU A 100 25.22 29.03 -12.72
N THR A 101 26.13 28.44 -11.89
CA THR A 101 27.39 29.06 -11.51
C THR A 101 28.13 29.49 -12.74
N GLY A 102 28.23 28.57 -13.72
CA GLY A 102 28.72 28.81 -15.05
C GLY A 102 28.11 29.96 -15.85
N LEU A 103 26.87 30.45 -15.54
CA LEU A 103 26.18 31.45 -16.34
C LEU A 103 25.60 32.61 -15.50
N LEU A 104 25.19 33.71 -16.17
CA LEU A 104 24.75 35.00 -15.63
C LEU A 104 23.71 34.93 -14.57
N HIS A 105 23.14 33.71 -14.44
CA HIS A 105 22.10 33.24 -13.60
C HIS A 105 21.08 34.24 -13.77
N ASP A 106 20.95 34.61 -15.06
CA ASP A 106 20.32 35.75 -15.47
C ASP A 106 18.97 35.32 -15.33
N ASP A 107 18.15 36.16 -14.74
CA ASP A 107 16.83 35.82 -14.48
C ASP A 107 16.69 34.77 -13.47
N LEU A 108 17.79 34.37 -12.85
CA LEU A 108 17.75 33.33 -11.91
C LEU A 108 18.72 33.75 -10.96
N LEU A 109 18.32 34.75 -10.24
CA LEU A 109 19.06 35.25 -9.18
C LEU A 109 18.90 34.34 -8.00
N LEU A 110 19.94 33.57 -7.68
CA LEU A 110 19.90 32.55 -6.69
C LEU A 110 19.77 33.00 -5.29
N ILE A 111 18.81 32.39 -4.64
CA ILE A 111 18.54 32.57 -3.27
C ILE A 111 18.38 31.15 -2.89
N VAL A 112 19.35 30.61 -2.16
CA VAL A 112 19.31 29.22 -1.86
C VAL A 112 19.12 29.28 -0.34
N ARG A 113 17.91 28.89 0.16
CA ARG A 113 17.69 28.91 1.61
C ARG A 113 17.91 27.50 1.89
N GLY A 114 18.28 27.17 3.12
CA GLY A 114 18.34 25.80 3.44
C GLY A 114 19.08 25.75 4.67
N ASN A 115 19.76 24.62 4.68
CA ASN A 115 20.45 24.16 5.78
C ASN A 115 21.75 23.99 5.27
N LYS A 116 22.57 23.66 6.25
CA LYS A 116 23.89 23.34 5.99
C LYS A 116 23.98 22.26 5.08
N LEU A 117 24.91 22.48 4.16
CA LEU A 117 25.07 21.50 3.18
C LEU A 117 25.85 20.45 3.81
N SER A 118 25.92 19.37 3.06
CA SER A 118 26.74 18.27 3.30
C SER A 118 28.02 18.70 2.75
N LYS A 119 29.08 18.08 3.22
CA LYS A 119 30.44 18.35 2.87
C LYS A 119 30.72 18.16 1.43
N ALA A 120 30.41 16.96 0.93
CA ALA A 120 30.68 16.59 -0.41
C ALA A 120 29.97 17.42 -1.38
N GLN A 121 28.77 17.93 -1.02
CA GLN A 121 28.05 18.90 -1.76
C GLN A 121 28.76 20.20 -1.86
N GLU A 122 29.45 20.53 -0.73
CA GLU A 122 30.18 21.75 -0.54
C GLU A 122 31.49 21.65 -1.17
N ASN A 123 31.88 20.46 -1.57
CA ASN A 123 33.11 20.27 -2.25
C ASN A 123 32.65 20.00 -3.67
N ALA A 124 31.37 19.67 -3.89
CA ALA A 124 30.81 19.36 -5.17
C ALA A 124 30.75 20.61 -5.88
N ALA A 125 31.25 20.48 -7.11
CA ALA A 125 31.67 21.49 -8.03
C ALA A 125 30.76 22.64 -8.11
N TRP A 126 29.46 22.41 -7.99
CA TRP A 126 28.55 23.50 -8.03
C TRP A 126 28.77 24.45 -6.90
N PHE A 127 28.91 23.86 -5.71
CA PHE A 127 29.26 24.47 -4.49
C PHE A 127 30.74 24.59 -4.52
N THR A 128 31.27 25.48 -5.35
CA THR A 128 32.66 25.67 -5.52
C THR A 128 32.70 26.84 -6.47
N ALA A 129 31.84 26.84 -7.50
CA ALA A 129 31.77 27.89 -8.47
C ALA A 129 30.73 28.93 -8.11
N LEU A 130 29.94 28.71 -7.07
CA LEU A 130 29.06 29.75 -6.57
C LEU A 130 29.80 30.75 -5.81
N ALA A 131 30.96 30.29 -5.33
CA ALA A 131 31.73 30.91 -4.32
C ALA A 131 32.13 32.18 -4.87
N ASN A 132 32.37 33.11 -3.95
CA ASN A 132 32.87 34.39 -4.27
C ASN A 132 31.83 35.30 -4.86
N ARG A 133 30.58 34.88 -4.82
CA ARG A 133 29.60 35.66 -5.46
C ARG A 133 28.45 35.37 -4.66
N SER A 134 28.39 34.24 -4.01
CA SER A 134 27.30 33.89 -3.21
C SER A 134 27.57 34.37 -1.84
N VAL A 135 26.63 34.10 -0.96
CA VAL A 135 26.69 34.48 0.41
C VAL A 135 26.19 33.36 1.19
N GLN A 136 26.91 32.81 2.16
CA GLN A 136 26.36 31.77 2.99
C GLN A 136 25.92 32.57 4.16
N VAL A 137 24.69 32.39 4.69
CA VAL A 137 24.25 33.09 5.83
C VAL A 137 23.97 32.01 6.78
N THR A 138 24.69 31.99 7.88
CA THR A 138 24.61 31.03 8.91
C THR A 138 23.40 31.40 9.62
N CYS A 139 22.44 30.52 9.63
CA CYS A 139 21.16 30.84 10.14
C CYS A 139 20.92 29.96 11.31
N GLN A 140 22.03 29.41 11.88
CA GLN A 140 22.21 28.64 13.10
C GLN A 140 21.88 29.46 14.37
N THR A 141 21.31 28.83 15.45
CA THR A 141 20.83 29.43 16.72
C THR A 141 21.86 29.72 17.88
N PRO A 142 21.62 30.68 18.81
CA PRO A 142 22.39 30.94 19.98
C PRO A 142 22.59 29.82 20.91
N GLU A 143 23.80 29.73 21.50
CA GLU A 143 23.99 28.93 22.66
C GLU A 143 23.14 29.60 23.72
N GLN A 144 22.93 28.95 24.86
CA GLN A 144 22.20 29.40 26.02
C GLN A 144 22.73 30.68 26.41
N ALA A 145 24.03 30.71 26.36
CA ALA A 145 24.78 31.87 26.60
C ALA A 145 24.53 33.09 25.77
N GLN A 146 24.53 32.97 24.46
CA GLN A 146 24.42 34.11 23.58
C GLN A 146 23.03 34.43 23.40
N LEU A 147 22.22 33.44 23.71
CA LEU A 147 20.86 33.62 23.72
C LEU A 147 20.34 34.85 24.45
N PRO A 148 20.65 35.23 25.67
CA PRO A 148 20.16 36.44 26.25
C PRO A 148 20.53 37.64 25.55
N ARG A 149 21.74 37.68 25.03
CA ARG A 149 22.19 38.82 24.33
C ARG A 149 21.35 39.20 23.22
N TRP A 150 21.17 38.14 22.43
CA TRP A 150 20.43 38.17 21.27
C TRP A 150 19.08 38.59 21.62
N VAL A 151 18.55 37.94 22.67
CA VAL A 151 17.22 38.09 23.15
C VAL A 151 17.03 39.51 23.51
N ALA A 152 18.04 40.08 24.15
CA ALA A 152 17.99 41.40 24.58
C ALA A 152 18.01 42.35 23.45
N ALA A 153 18.64 42.03 22.33
CA ALA A 153 18.63 42.97 21.26
C ALA A 153 17.31 42.85 20.65
N ARG A 154 16.88 41.60 20.58
CA ARG A 154 15.65 41.22 20.06
C ARG A 154 14.46 41.81 20.76
N ALA A 155 14.63 42.25 22.00
CA ALA A 155 13.55 42.87 22.72
C ALA A 155 13.12 44.11 22.10
N LYS A 156 14.15 44.76 21.55
CA LYS A 156 14.01 46.08 21.08
C LYS A 156 13.50 46.01 19.76
N GLN A 157 13.45 44.82 19.19
CA GLN A 157 12.66 44.58 18.06
C GLN A 157 11.28 44.92 18.39
N LEU A 158 10.88 44.50 19.57
CA LEU A 158 9.59 44.86 20.02
C LEU A 158 9.55 46.05 20.78
N ASN A 159 10.72 46.64 20.95
CA ASN A 159 10.95 47.86 21.53
C ASN A 159 10.59 47.91 22.96
N LEU A 160 9.76 47.00 23.43
CA LEU A 160 9.28 46.97 24.74
C LEU A 160 10.44 46.54 25.47
N GLU A 161 10.25 46.71 26.75
CA GLU A 161 11.33 46.71 27.64
C GLU A 161 11.82 45.38 27.81
N LEU A 162 10.86 44.48 28.03
CA LEU A 162 11.03 43.06 27.99
C LEU A 162 11.26 42.53 29.34
N ASP A 163 12.25 43.14 30.00
CA ASP A 163 12.86 42.75 31.23
C ASP A 163 13.87 41.66 30.97
N ASP A 164 15.11 41.82 31.47
CA ASP A 164 16.16 40.90 31.17
C ASP A 164 16.04 39.85 32.17
N ALA A 165 15.43 40.17 33.34
CA ALA A 165 15.00 39.19 34.27
C ALA A 165 14.13 38.25 33.53
N ALA A 166 13.13 38.80 32.86
CA ALA A 166 12.41 38.00 31.97
C ALA A 166 13.15 37.40 30.87
N ASN A 167 14.26 37.96 30.39
CA ASN A 167 14.93 37.54 29.18
C ASN A 167 15.49 36.25 29.39
N GLN A 168 16.19 36.12 30.47
CA GLN A 168 16.75 34.95 30.96
C GLN A 168 15.78 33.90 31.06
N VAL A 169 14.60 34.26 31.59
CA VAL A 169 13.65 33.26 31.92
C VAL A 169 13.05 32.81 30.68
N LEU A 170 13.13 33.61 29.70
CA LEU A 170 12.84 33.25 28.41
C LEU A 170 13.96 32.53 27.80
N CYS A 171 15.24 32.89 28.05
CA CYS A 171 16.39 32.34 27.46
C CYS A 171 16.56 30.98 27.91
N TYR A 172 16.26 30.68 29.14
CA TYR A 172 16.24 29.35 29.61
C TYR A 172 15.09 28.63 29.01
N CYS A 173 13.89 29.23 29.11
CA CYS A 173 12.79 28.34 28.89
C CYS A 173 12.45 28.21 27.52
N TYR A 174 12.98 29.13 26.78
CA TYR A 174 12.95 29.16 25.38
C TYR A 174 14.35 29.15 25.01
N GLU A 175 15.17 28.40 25.75
CA GLU A 175 16.54 28.24 25.41
C GLU A 175 16.62 27.64 24.08
N GLY A 176 17.09 28.44 23.09
CA GLY A 176 17.22 28.01 21.73
C GLY A 176 15.99 28.14 20.85
N ASN A 177 14.93 28.89 21.20
CA ASN A 177 13.76 28.92 20.33
C ASN A 177 13.38 30.30 19.99
N LEU A 178 14.18 30.90 19.13
CA LEU A 178 14.07 32.24 18.70
C LEU A 178 12.79 32.61 18.12
N LEU A 179 12.31 31.77 17.20
CA LEU A 179 11.13 32.11 16.48
C LEU A 179 9.95 32.24 17.33
N ALA A 180 9.68 31.19 18.12
CA ALA A 180 8.57 31.20 19.01
C ALA A 180 8.70 32.20 20.06
N LEU A 181 9.95 32.50 20.44
CA LEU A 181 10.20 33.52 21.38
C LEU A 181 9.90 34.81 20.78
N ALA A 182 10.16 34.98 19.50
CA ALA A 182 9.82 36.18 18.88
C ALA A 182 8.33 36.34 18.89
N GLN A 183 7.59 35.26 18.56
CA GLN A 183 6.15 35.32 18.57
C GLN A 183 5.56 35.39 19.91
N ALA A 184 6.28 34.89 20.88
CA ALA A 184 5.96 34.98 22.26
C ALA A 184 5.83 36.38 22.65
N LEU A 185 6.74 37.20 22.12
CA LEU A 185 6.75 38.53 22.60
C LEU A 185 5.66 39.29 21.96
N GLU A 186 5.36 38.83 20.77
CA GLU A 186 4.20 39.30 20.12
C GLU A 186 2.85 39.02 20.66
N ARG A 187 2.51 37.79 21.07
CA ARG A 187 1.16 37.55 21.50
C ARG A 187 0.73 38.36 22.71
N LEU A 188 1.67 38.61 23.58
CA LEU A 188 1.43 39.22 24.82
C LEU A 188 1.45 40.66 24.72
N SER A 189 2.18 41.17 23.72
CA SER A 189 2.17 42.57 23.57
C SER A 189 0.79 43.02 23.21
N LEU A 190 0.21 42.29 22.24
CA LEU A 190 -1.15 42.43 21.84
C LEU A 190 -2.12 42.29 22.91
N LEU A 191 -1.89 41.26 23.73
CA LEU A 191 -2.80 40.83 24.69
C LEU A 191 -3.07 41.91 25.63
N TRP A 192 -2.04 42.68 25.98
CA TRP A 192 -2.31 43.78 26.82
C TRP A 192 -2.57 44.85 25.94
N PRO A 193 -2.94 45.91 26.53
CA PRO A 193 -2.89 47.13 25.81
C PRO A 193 -1.41 47.44 25.76
N ASP A 194 -0.74 47.64 26.90
CA ASP A 194 0.65 48.02 26.91
C ASP A 194 1.60 47.17 26.14
N GLY A 195 1.41 45.85 26.16
CA GLY A 195 2.30 44.95 25.53
C GLY A 195 3.72 45.09 25.88
N LYS A 196 4.06 45.50 27.15
CA LYS A 196 5.43 45.76 27.52
C LYS A 196 5.81 44.65 28.31
N LEU A 197 6.83 43.96 27.84
CA LEU A 197 7.22 42.90 28.65
C LEU A 197 8.04 43.37 29.73
N THR A 198 7.91 42.52 30.70
CA THR A 198 8.61 42.60 31.85
C THR A 198 8.25 41.28 32.37
N LEU A 199 9.07 40.75 33.25
CA LEU A 199 8.86 39.49 33.87
C LEU A 199 7.48 39.34 34.55
N PRO A 200 6.89 40.24 35.40
CA PRO A 200 5.65 40.02 36.17
C PRO A 200 4.51 39.78 35.29
N ARG A 201 4.47 40.64 34.28
CA ARG A 201 3.48 40.62 33.27
C ARG A 201 3.61 39.32 32.54
N VAL A 202 4.84 38.84 32.22
CA VAL A 202 4.89 37.64 31.37
C VAL A 202 4.53 36.42 32.15
N GLU A 203 4.50 36.53 33.48
CA GLU A 203 3.92 35.47 34.24
C GLU A 203 2.46 35.29 34.18
N GLN A 204 1.70 36.38 34.22
CA GLN A 204 0.26 36.34 34.28
C GLN A 204 -0.35 35.60 33.12
N ALA A 205 0.13 35.88 31.90
CA ALA A 205 -0.32 35.15 30.74
C ALA A 205 0.95 34.74 30.13
N VAL A 206 1.09 33.45 29.78
CA VAL A 206 2.30 32.94 29.19
C VAL A 206 1.83 32.48 27.86
N ASN A 207 2.69 32.69 26.82
CA ASN A 207 2.41 32.38 25.44
C ASN A 207 2.20 30.89 25.39
N ASP A 208 1.02 30.50 24.82
CA ASP A 208 0.60 29.13 24.69
C ASP A 208 0.90 28.75 23.25
N ALA A 209 1.71 29.60 22.54
CA ALA A 209 2.31 29.27 21.28
C ALA A 209 3.85 29.09 21.46
N ALA A 210 4.40 28.92 22.74
CA ALA A 210 5.85 28.64 23.05
C ALA A 210 6.18 27.71 24.26
N HIS A 211 6.77 26.45 24.02
CA HIS A 211 7.10 25.35 24.98
C HIS A 211 8.01 25.54 26.18
N PHE A 212 7.61 24.71 27.18
CA PHE A 212 8.18 24.54 28.48
C PHE A 212 8.85 23.25 28.50
N THR A 213 10.01 23.33 27.86
CA THR A 213 11.04 22.38 27.67
C THR A 213 11.11 21.27 28.71
N PRO A 214 11.62 20.10 28.37
CA PRO A 214 11.82 18.95 29.22
C PRO A 214 12.55 19.31 30.46
N PHE A 215 13.36 20.40 30.36
CA PHE A 215 14.38 20.82 31.26
C PHE A 215 13.76 21.00 32.58
N HIS A 216 12.59 21.63 32.62
CA HIS A 216 11.92 21.96 33.82
C HIS A 216 11.71 20.75 34.70
N TRP A 217 11.46 19.66 34.07
CA TRP A 217 11.20 18.48 34.75
C TRP A 217 12.48 17.85 35.14
N VAL A 218 13.30 17.58 34.16
CA VAL A 218 14.52 16.89 34.30
C VAL A 218 15.45 17.61 35.25
N ASP A 219 15.51 18.93 35.19
CA ASP A 219 16.29 19.75 36.04
C ASP A 219 15.71 19.64 37.36
N ALA A 220 14.35 19.57 37.41
CA ALA A 220 13.80 19.45 38.71
C ALA A 220 14.22 18.24 39.45
N LEU A 221 14.26 17.23 38.53
CA LEU A 221 15.03 15.97 38.89
C LEU A 221 16.48 15.99 39.24
N LEU A 222 17.25 16.85 38.49
CA LEU A 222 18.60 17.03 38.92
C LEU A 222 18.91 17.28 40.33
N MET A 223 18.11 18.22 40.76
CA MET A 223 18.06 18.65 42.08
C MET A 223 17.77 17.49 42.98
N GLY A 224 16.91 16.64 42.49
CA GLY A 224 16.66 15.41 43.11
C GLY A 224 15.23 15.53 43.29
N LYS A 225 14.64 16.72 42.95
CA LYS A 225 13.27 17.04 43.06
C LYS A 225 12.55 16.19 42.14
N SER A 226 12.08 15.22 42.93
CA SER A 226 11.49 14.01 42.62
C SER A 226 10.07 14.24 42.70
N LYS A 227 9.61 15.49 42.99
CA LYS A 227 8.21 15.77 42.96
C LYS A 227 8.10 16.83 41.97
N ARG A 228 9.12 17.66 41.84
CA ARG A 228 9.04 18.76 41.00
C ARG A 228 9.04 18.39 39.59
N ALA A 229 9.91 17.44 39.38
CA ALA A 229 10.15 16.93 38.11
C ALA A 229 8.88 16.30 37.69
N LEU A 230 8.20 15.58 38.64
CA LEU A 230 6.93 14.90 38.43
C LEU A 230 5.82 15.81 38.03
N HIS A 231 5.71 16.97 38.68
CA HIS A 231 4.68 17.88 38.33
C HIS A 231 4.82 18.34 36.91
N ILE A 232 6.05 18.61 36.46
CA ILE A 232 6.28 19.18 35.17
C ILE A 232 5.87 18.23 34.14
N LEU A 233 5.92 16.97 34.49
CA LEU A 233 5.42 15.97 33.65
C LEU A 233 3.94 15.87 33.58
N GLN A 234 3.18 16.24 34.65
CA GLN A 234 1.71 16.23 34.61
C GLN A 234 1.35 17.15 33.55
N GLN A 235 2.05 18.27 33.59
CA GLN A 235 1.92 19.18 32.54
C GLN A 235 2.38 18.67 31.24
N LEU A 236 3.53 17.98 31.13
CA LEU A 236 4.00 17.45 29.87
C LEU A 236 2.98 16.50 29.22
N ARG A 237 2.07 15.89 30.01
CA ARG A 237 0.90 15.16 29.55
C ARG A 237 -0.24 15.87 28.98
N LEU A 238 -0.80 16.81 29.76
CA LEU A 238 -1.97 17.57 29.36
C LEU A 238 -1.65 18.26 28.08
N GLU A 239 -0.32 18.61 27.98
CA GLU A 239 0.38 19.19 26.87
C GLU A 239 0.48 18.20 25.68
N GLY A 240 0.29 16.88 25.88
CA GLY A 240 0.14 15.89 24.86
C GLY A 240 1.45 15.28 24.44
N SER A 241 2.58 15.75 25.01
CA SER A 241 3.92 15.47 24.55
C SER A 241 4.15 14.10 24.11
N GLU A 242 4.98 13.94 23.09
CA GLU A 242 5.31 12.65 22.71
C GLU A 242 6.33 12.20 23.65
N PRO A 243 6.11 11.02 24.08
CA PRO A 243 6.91 10.48 25.14
C PRO A 243 8.30 10.31 24.65
N VAL A 244 8.49 10.13 23.34
CA VAL A 244 9.75 9.84 22.76
C VAL A 244 10.70 10.87 23.14
N ILE A 245 10.22 12.07 23.10
CA ILE A 245 10.99 13.22 23.29
C ILE A 245 11.53 13.37 24.61
N LEU A 246 10.74 12.90 25.53
CA LEU A 246 11.02 13.10 26.89
C LEU A 246 12.07 12.20 27.22
N LEU A 247 11.98 11.04 26.59
CA LEU A 247 12.89 10.00 26.76
C LEU A 247 14.17 10.37 26.16
N ARG A 248 14.11 10.90 24.96
CA ARG A 248 15.24 11.33 24.27
C ARG A 248 16.03 12.27 25.02
N THR A 249 15.38 13.32 25.49
CA THR A 249 16.04 14.33 26.21
C THR A 249 16.51 13.96 27.55
N LEU A 250 15.76 13.09 28.18
CA LEU A 250 16.14 12.59 29.44
C LEU A 250 17.34 11.76 29.37
N GLN A 251 17.46 11.10 28.22
CA GLN A 251 18.47 10.14 27.92
C GLN A 251 19.67 10.89 27.73
N ARG A 252 19.50 12.00 27.03
CA ARG A 252 20.56 12.90 26.86
C ARG A 252 21.24 13.37 28.06
N GLU A 253 20.50 13.53 29.15
CA GLU A 253 21.10 14.16 30.27
C GLU A 253 21.59 13.17 31.16
N LEU A 254 20.85 12.10 31.23
CA LEU A 254 21.25 11.12 32.13
C LEU A 254 22.49 10.42 31.72
N LEU A 255 22.68 10.15 30.41
CA LEU A 255 23.87 9.48 29.94
C LEU A 255 25.00 10.41 30.17
N LEU A 256 24.75 11.71 29.96
CA LEU A 256 25.69 12.72 30.31
C LEU A 256 26.02 12.66 31.79
N LEU A 257 25.03 12.49 32.69
CA LEU A 257 25.23 12.30 34.09
C LEU A 257 26.02 11.12 34.43
N VAL A 258 25.93 9.98 33.70
CA VAL A 258 26.68 8.77 33.98
C VAL A 258 28.08 9.02 33.85
N ASN A 259 28.37 9.60 32.67
CA ASN A 259 29.69 9.69 32.26
C ASN A 259 30.40 10.72 33.05
N LEU A 260 29.63 11.74 33.42
CA LEU A 260 30.13 12.80 34.20
C LEU A 260 30.13 12.37 35.57
N LYS A 261 29.28 11.46 35.99
CA LYS A 261 29.36 10.90 37.29
C LYS A 261 30.54 10.01 37.38
N ARG A 262 31.01 9.40 36.26
CA ARG A 262 32.17 8.60 36.37
C ARG A 262 33.33 9.44 36.61
N GLN A 263 33.41 10.55 35.89
CA GLN A 263 34.49 11.43 36.12
C GLN A 263 34.18 12.42 37.17
N SER A 264 32.98 12.36 37.77
CA SER A 264 32.59 13.39 38.69
C SER A 264 32.03 12.74 39.85
N ALA A 265 32.93 12.91 40.76
CA ALA A 265 33.06 12.41 42.05
C ALA A 265 34.51 12.65 42.21
N HIS A 266 35.15 13.50 41.38
CA HIS A 266 36.54 13.75 41.49
C HIS A 266 36.84 14.89 40.63
N THR A 267 35.83 15.54 40.06
CA THR A 267 36.09 16.69 39.28
C THR A 267 35.01 17.65 39.65
N PRO A 268 35.41 18.86 40.02
CA PRO A 268 34.52 19.94 40.30
C PRO A 268 33.39 20.05 39.36
N LEU A 269 32.22 20.08 39.98
CA LEU A 269 30.95 20.17 39.45
C LEU A 269 30.96 21.30 38.59
N ARG A 270 30.02 21.34 37.73
CA ARG A 270 29.75 22.31 36.83
C ARG A 270 30.65 22.93 35.98
N ALA A 271 31.90 22.65 36.15
CA ALA A 271 32.84 23.11 35.25
C ALA A 271 32.58 22.27 34.11
N LEU A 272 32.40 20.99 34.43
CA LEU A 272 32.06 19.94 33.56
C LEU A 272 30.73 20.10 33.10
N PHE A 273 29.89 20.78 33.86
CA PHE A 273 28.67 21.15 33.30
C PHE A 273 28.79 22.05 32.23
N ASP A 274 29.91 22.67 31.95
CA ASP A 274 29.94 23.34 30.72
C ASP A 274 31.11 22.93 29.95
N LYS A 275 32.11 22.15 30.51
CA LYS A 275 33.24 21.57 29.76
C LYS A 275 32.66 20.62 28.82
N HIS A 276 31.45 20.24 29.15
CA HIS A 276 30.60 19.54 28.31
C HIS A 276 29.55 20.57 28.20
N ARG A 277 28.50 20.31 28.91
CA ARG A 277 27.38 21.06 28.64
C ARG A 277 26.66 20.65 29.83
N VAL A 278 25.59 21.38 30.03
CA VAL A 278 24.83 21.41 31.21
C VAL A 278 24.82 22.79 31.37
N TRP A 279 23.70 23.40 31.03
CA TRP A 279 23.53 24.78 31.20
C TRP A 279 23.85 25.15 32.52
N GLN A 280 24.23 26.36 32.52
CA GLN A 280 24.77 27.22 33.44
C GLN A 280 24.03 26.99 34.68
N ASN A 281 22.75 27.08 34.52
CA ASN A 281 21.88 27.00 35.58
C ASN A 281 21.68 25.64 36.06
N ARG A 282 21.91 24.72 35.18
CA ARG A 282 21.79 23.37 35.52
C ARG A 282 22.92 22.81 36.08
N ARG A 283 23.98 23.51 35.93
CA ARG A 283 25.20 23.02 36.28
C ARG A 283 25.25 22.75 37.73
N GLY A 284 24.54 23.56 38.47
CA GLY A 284 24.46 23.38 39.86
C GLY A 284 23.67 22.20 40.14
N MET A 285 22.58 21.99 39.40
CA MET A 285 21.65 20.96 39.69
C MET A 285 22.29 19.70 39.34
N MET A 286 23.17 19.89 38.43
CA MET A 286 23.84 18.87 37.88
C MET A 286 25.06 18.57 38.61
N GLY A 287 25.60 19.43 39.44
CA GLY A 287 26.83 18.99 40.02
C GLY A 287 26.50 18.22 41.21
N GLU A 288 25.38 18.56 41.77
CA GLU A 288 24.69 17.85 42.75
C GLU A 288 24.32 16.45 42.47
N ALA A 289 23.77 16.20 41.27
CA ALA A 289 23.19 14.94 41.00
C ALA A 289 24.27 13.96 40.85
N LEU A 290 25.50 14.39 40.65
CA LEU A 290 26.53 13.44 40.56
C LEU A 290 26.91 12.99 41.89
N ASN A 291 26.56 13.77 42.86
CA ASN A 291 27.00 13.45 44.16
C ASN A 291 25.91 12.74 44.76
N ARG A 292 24.73 12.97 44.20
CA ARG A 292 23.61 12.41 44.78
C ARG A 292 23.56 11.09 44.19
N LEU A 293 23.93 11.06 42.93
CA LEU A 293 23.73 9.95 42.14
C LEU A 293 25.04 9.50 41.98
N SER A 294 25.14 8.39 42.64
CA SER A 294 26.18 7.51 42.79
C SER A 294 25.87 6.63 41.63
N GLN A 295 26.91 6.33 40.85
CA GLN A 295 26.86 5.55 39.65
C GLN A 295 26.27 4.18 39.66
N THR A 296 26.33 3.48 40.78
CA THR A 296 25.72 2.22 40.98
C THR A 296 24.19 2.23 40.98
N GLN A 297 23.59 3.11 41.84
CA GLN A 297 22.14 3.24 42.01
C GLN A 297 21.57 3.81 40.78
N LEU A 298 22.46 4.55 40.16
CA LEU A 298 22.34 5.05 38.88
C LEU A 298 22.20 3.94 37.84
N ARG A 299 22.87 2.74 37.95
CA ARG A 299 22.80 1.65 36.95
C ARG A 299 21.47 1.07 36.68
N GLN A 300 20.75 0.68 37.74
CA GLN A 300 19.44 0.13 37.64
C GLN A 300 18.43 1.01 37.07
N ALA A 301 18.69 2.32 37.17
CA ALA A 301 17.83 3.35 36.72
C ALA A 301 17.85 3.25 35.22
N VAL A 302 19.06 3.13 34.61
CA VAL A 302 19.29 3.05 33.16
C VAL A 302 18.70 1.88 32.51
N GLN A 303 18.54 0.89 33.33
CA GLN A 303 18.08 -0.34 32.94
C GLN A 303 16.59 -0.22 32.84
N LEU A 304 16.00 0.71 33.59
CA LEU A 304 14.59 0.91 33.52
C LEU A 304 14.31 1.90 32.47
N LEU A 305 15.12 2.93 32.36
CA LEU A 305 15.01 3.78 31.23
C LEU A 305 15.03 3.11 29.89
N THR A 306 15.95 2.18 29.76
CA THR A 306 16.11 1.48 28.56
C THR A 306 14.89 0.72 28.38
N ARG A 307 14.47 0.06 29.45
CA ARG A 307 13.25 -0.69 29.45
C ARG A 307 12.09 0.03 28.88
N THR A 308 11.88 1.26 29.31
CA THR A 308 10.75 1.98 28.85
C THR A 308 10.88 2.36 27.47
N GLU A 309 12.08 2.69 27.08
CA GLU A 309 12.39 3.11 25.76
C GLU A 309 12.06 2.08 24.77
N LEU A 310 12.17 0.87 25.19
CA LEU A 310 11.96 -0.21 24.33
C LEU A 310 10.58 -0.51 24.34
N THR A 311 9.92 -0.22 25.47
CA THR A 311 8.53 -0.46 25.59
C THR A 311 7.83 0.32 24.66
N LEU A 312 8.38 1.46 24.42
CA LEU A 312 7.83 2.24 23.46
C LEU A 312 8.11 1.77 22.15
N LYS A 313 9.38 1.57 21.95
CA LYS A 313 9.86 1.67 20.67
C LYS A 313 9.92 0.51 19.98
N GLN A 314 9.61 -0.56 20.56
CA GLN A 314 9.64 -1.68 19.79
C GLN A 314 8.26 -2.12 19.93
N ASP A 315 7.65 -1.68 21.04
CA ASP A 315 6.49 -2.36 21.47
C ASP A 315 5.37 -1.51 21.38
N TYR A 316 5.61 -0.23 21.55
CA TYR A 316 4.60 0.74 21.32
C TYR A 316 3.66 0.61 22.41
N GLY A 317 4.24 0.34 23.57
CA GLY A 317 3.53 0.30 24.79
C GLY A 317 3.69 1.71 25.17
N GLN A 318 2.53 2.25 25.60
CA GLN A 318 2.18 3.62 25.88
C GLN A 318 1.83 3.71 27.32
N SER A 319 2.66 3.01 28.08
CA SER A 319 2.50 2.81 29.50
C SER A 319 3.80 3.25 30.08
N VAL A 320 4.65 3.76 29.19
CA VAL A 320 5.90 4.35 29.47
C VAL A 320 5.63 5.56 30.39
N TRP A 321 4.45 6.23 30.21
CA TRP A 321 3.86 7.24 31.07
C TRP A 321 3.84 6.83 32.53
N ALA A 322 3.40 5.60 32.89
CA ALA A 322 3.50 5.11 34.22
C ALA A 322 4.90 4.67 34.64
N GLU A 323 5.73 4.05 33.71
CA GLU A 323 7.12 3.57 33.94
C GLU A 323 8.05 4.63 34.49
N LEU A 324 7.79 5.88 34.06
CA LEU A 324 8.55 7.01 34.45
C LEU A 324 8.46 7.33 35.97
N GLU A 325 7.24 7.25 36.57
CA GLU A 325 7.01 7.50 37.99
C GLU A 325 7.92 6.77 38.93
N GLY A 326 8.20 5.51 38.54
CA GLY A 326 9.17 4.63 39.14
C GLY A 326 10.56 5.18 39.13
N LEU A 327 10.91 5.57 37.90
CA LEU A 327 12.20 5.93 37.42
C LEU A 327 12.65 7.16 38.07
N SER A 328 11.76 8.14 38.23
CA SER A 328 12.00 9.39 38.90
C SER A 328 12.61 9.34 40.24
N LEU A 329 12.23 8.28 40.91
CA LEU A 329 12.46 8.00 42.21
C LEU A 329 13.45 6.94 42.20
N LEU A 330 13.69 6.26 41.08
CA LEU A 330 14.61 5.17 40.94
C LEU A 330 15.90 5.77 40.68
N LEU A 331 15.91 6.94 40.07
CA LEU A 331 17.06 7.59 39.57
C LEU A 331 17.59 8.58 40.50
N CYS A 332 16.66 9.38 41.01
CA CYS A 332 16.84 10.46 41.94
C CYS A 332 17.31 9.73 43.07
N HIS A 333 16.37 8.81 43.32
CA HIS A 333 16.34 7.94 44.36
C HIS A 333 15.71 8.86 45.26
N LYS A 334 14.61 9.54 44.88
CA LYS A 334 14.18 10.66 45.66
C LYS A 334 15.24 11.78 45.65
N PRO A 335 15.07 12.96 46.16
CA PRO A 335 16.13 13.94 46.28
C PRO A 335 17.25 13.44 47.01
N LEU A 336 16.99 12.42 47.79
CA LEU A 336 17.96 11.67 48.43
C LEU A 336 18.26 10.51 47.54
N ALA A 337 18.22 9.35 48.18
CA ALA A 337 18.33 8.07 47.59
C ALA A 337 17.03 7.41 47.93
N ASP A 338 16.63 6.35 47.24
CA ASP A 338 15.45 5.57 47.33
C ASP A 338 15.27 5.05 45.96
N VAL A 339 15.93 3.93 45.79
CA VAL A 339 16.19 3.16 44.64
C VAL A 339 15.39 1.95 44.96
N PHE A 340 14.65 1.36 44.02
CA PHE A 340 13.76 0.31 44.46
C PHE A 340 13.67 -0.57 43.34
N ILE A 341 12.79 -1.61 43.36
CA ILE A 341 12.64 -2.55 42.26
C ILE A 341 12.45 -1.72 41.08
N ASP A 342 13.02 -2.14 39.97
CA ASP A 342 12.92 -1.37 38.80
C ASP A 342 11.46 -1.49 38.46
N GLY A 343 10.80 -0.32 38.35
CA GLY A 343 9.36 -0.14 38.40
C GLY A 343 8.77 -0.59 39.73
N MET B 4 -36.51 12.42 14.30
CA MET B 4 -36.59 13.32 15.45
C MET B 4 -35.42 13.12 16.34
N SER B 5 -34.60 14.19 16.39
CA SER B 5 -33.33 14.31 17.06
C SER B 5 -33.50 15.28 18.16
N TYR B 6 -34.72 15.80 18.35
CA TYR B 6 -35.07 16.80 19.33
C TYR B 6 -34.15 17.98 19.13
N GLN B 7 -33.68 18.52 20.25
CA GLN B 7 -32.67 19.53 20.41
C GLN B 7 -31.31 19.04 19.85
N VAL B 8 -30.49 19.97 19.26
CA VAL B 8 -29.16 19.68 18.72
C VAL B 8 -28.27 20.93 19.01
N LEU B 9 -27.52 20.99 20.17
CA LEU B 9 -26.77 22.19 20.63
C LEU B 9 -25.35 22.12 20.28
N ALA B 10 -25.00 20.99 19.65
CA ALA B 10 -23.70 20.65 19.19
C ALA B 10 -23.60 21.23 17.83
N ARG B 11 -23.98 22.52 17.69
CA ARG B 11 -23.84 23.20 16.45
C ARG B 11 -23.46 24.59 16.90
N LYS B 12 -23.96 25.06 18.06
CA LYS B 12 -23.62 26.37 18.53
C LYS B 12 -22.98 26.30 19.84
N TRP B 13 -22.67 27.51 20.33
CA TRP B 13 -22.12 27.76 21.59
C TRP B 13 -20.64 27.51 21.56
N ARG B 14 -20.03 27.38 20.35
CA ARG B 14 -18.60 27.63 20.16
C ARG B 14 -18.59 29.03 19.78
N PRO B 15 -17.52 29.78 19.74
CA PRO B 15 -17.57 31.22 19.60
C PRO B 15 -18.16 31.66 18.34
N GLN B 16 -19.41 32.14 18.36
CA GLN B 16 -20.03 32.63 17.18
C GLN B 16 -20.11 34.09 17.27
N THR B 17 -19.70 34.63 18.40
CA THR B 17 -19.53 36.02 18.51
C THR B 17 -18.31 36.02 19.33
N PHE B 18 -17.62 37.19 19.30
CA PHE B 18 -16.36 37.43 19.93
C PHE B 18 -16.48 37.10 21.40
N ALA B 19 -17.62 37.54 22.00
CA ALA B 19 -18.15 37.08 23.26
C ALA B 19 -19.32 36.13 22.99
N ASP B 20 -19.31 34.85 23.42
CA ASP B 20 -20.42 33.89 23.22
C ASP B 20 -20.12 32.76 24.14
N VAL B 21 -18.82 32.46 24.20
CA VAL B 21 -18.34 31.32 24.90
C VAL B 21 -17.41 31.86 25.92
N VAL B 22 -17.61 31.44 27.20
CA VAL B 22 -16.81 31.83 28.32
C VAL B 22 -15.73 30.84 28.74
N GLY B 23 -15.13 30.19 27.73
CA GLY B 23 -13.96 29.35 27.86
C GLY B 23 -13.22 29.56 26.58
N GLN B 24 -11.85 29.66 26.62
CA GLN B 24 -10.94 29.85 25.49
C GLN B 24 -10.57 31.30 25.29
N GLU B 25 -10.79 32.13 26.35
CA GLU B 25 -10.47 33.54 26.38
C GLU B 25 -9.08 33.94 26.10
N HIS B 26 -8.14 33.03 26.36
CA HIS B 26 -6.73 33.17 26.09
C HIS B 26 -6.46 33.69 24.72
N VAL B 27 -7.30 33.25 23.79
CA VAL B 27 -7.25 33.69 22.44
C VAL B 27 -8.19 34.84 22.29
N LEU B 28 -9.47 34.71 22.71
CA LEU B 28 -10.47 35.74 22.48
C LEU B 28 -10.08 37.16 22.84
N THR B 29 -9.33 37.34 23.94
CA THR B 29 -8.93 38.67 24.37
C THR B 29 -7.95 39.40 23.48
N ALA B 30 -6.81 38.78 23.09
CA ALA B 30 -5.85 39.44 22.21
C ALA B 30 -6.34 39.54 20.80
N LEU B 31 -7.36 38.69 20.39
CA LEU B 31 -7.98 38.65 19.09
C LEU B 31 -8.67 39.93 18.69
N ALA B 32 -9.41 40.58 19.63
CA ALA B 32 -10.11 41.79 19.32
C ALA B 32 -9.25 43.01 19.44
N ASN B 33 -8.18 43.00 20.30
CA ASN B 33 -7.32 44.16 20.47
C ASN B 33 -6.49 44.37 19.21
N GLY B 34 -6.19 43.26 18.53
CA GLY B 34 -5.40 43.20 17.32
C GLY B 34 -6.21 43.64 16.16
N LEU B 35 -7.36 43.01 15.97
CA LEU B 35 -8.33 43.17 14.93
C LEU B 35 -9.01 44.48 14.84
N SER B 36 -9.43 45.03 16.02
CA SER B 36 -10.19 46.26 16.08
C SER B 36 -9.31 47.32 15.63
N LEU B 37 -8.13 47.31 16.26
CA LEU B 37 -6.99 47.99 15.83
C LEU B 37 -6.56 47.44 14.53
N GLY B 38 -5.81 48.29 13.85
CA GLY B 38 -5.20 47.94 12.62
C GLY B 38 -3.87 47.48 13.05
N ARG B 39 -3.67 46.17 13.19
CA ARG B 39 -2.35 45.69 13.49
C ARG B 39 -2.44 44.22 13.22
N ILE B 40 -3.41 43.92 12.33
CA ILE B 40 -3.73 42.64 11.78
C ILE B 40 -2.72 42.23 10.76
N HIS B 41 -2.32 40.97 10.75
CA HIS B 41 -1.47 40.43 9.78
C HIS B 41 -2.17 39.90 8.59
N HIS B 42 -1.38 39.65 7.53
CA HIS B 42 -1.87 39.13 6.27
C HIS B 42 -2.37 37.74 6.46
N ALA B 43 -1.58 36.99 7.25
CA ALA B 43 -1.69 35.58 7.47
C ALA B 43 -1.55 35.24 8.95
N TYR B 44 -2.22 34.15 9.35
CA TYR B 44 -2.38 33.74 10.74
C TYR B 44 -2.28 32.25 10.89
N LEU B 45 -2.44 31.73 12.14
CA LEU B 45 -2.58 30.31 12.30
C LEU B 45 -3.43 30.12 13.54
N PHE B 46 -4.35 29.11 13.46
CA PHE B 46 -5.24 28.61 14.49
C PHE B 46 -4.89 27.18 14.58
N SER B 47 -5.18 26.61 15.74
CA SER B 47 -4.80 25.28 16.05
C SER B 47 -5.77 25.00 17.14
N GLY B 48 -5.40 24.00 17.94
CA GLY B 48 -6.13 23.62 19.10
C GLY B 48 -7.28 22.77 18.89
N THR B 49 -7.38 21.90 19.90
CA THR B 49 -8.29 20.87 20.12
C THR B 49 -9.62 21.31 19.76
N ARG B 50 -10.35 20.38 19.24
CA ARG B 50 -11.67 20.58 18.92
C ARG B 50 -12.52 21.07 20.02
N GLY B 51 -13.60 21.73 19.63
CA GLY B 51 -14.45 22.34 20.59
C GLY B 51 -13.86 23.52 21.15
N VAL B 52 -12.83 24.04 20.51
CA VAL B 52 -12.40 25.31 20.95
C VAL B 52 -13.11 26.24 20.08
N GLY B 53 -13.88 25.66 19.12
CA GLY B 53 -14.51 26.38 18.11
C GLY B 53 -13.37 26.80 17.32
N LYS B 54 -12.64 25.82 16.79
CA LYS B 54 -11.39 26.02 16.11
C LYS B 54 -11.46 27.10 15.12
N THR B 55 -12.45 26.89 14.27
CA THR B 55 -12.83 27.70 13.17
C THR B 55 -13.55 28.92 13.65
N SER B 56 -14.20 28.78 14.81
CA SER B 56 -15.17 29.70 15.35
C SER B 56 -14.46 31.01 15.58
N ILE B 57 -13.17 30.89 15.84
CA ILE B 57 -12.23 31.98 15.85
C ILE B 57 -11.95 32.68 14.51
N ALA B 58 -11.56 31.91 13.43
CA ALA B 58 -11.16 32.47 12.14
C ALA B 58 -12.26 33.30 11.57
N ARG B 59 -13.47 32.75 11.70
CA ARG B 59 -14.67 33.42 11.30
C ARG B 59 -14.93 34.73 11.99
N LEU B 60 -14.61 34.83 13.32
CA LEU B 60 -14.78 36.08 14.04
C LEU B 60 -13.80 37.14 13.52
N LEU B 61 -12.56 36.69 13.21
CA LEU B 61 -11.55 37.57 12.62
C LEU B 61 -11.95 38.26 11.31
N ALA B 62 -12.48 37.48 10.33
CA ALA B 62 -12.94 37.98 9.04
C ALA B 62 -14.03 39.03 9.16
N LYS B 63 -14.91 38.90 10.18
CA LYS B 63 -16.12 39.69 10.46
C LYS B 63 -15.73 41.03 10.79
N GLY B 64 -14.77 41.20 11.70
CA GLY B 64 -14.27 42.49 12.00
C GLY B 64 -13.51 43.09 10.91
N LEU B 65 -13.08 42.34 9.90
CA LEU B 65 -12.41 42.88 8.78
C LEU B 65 -13.40 43.32 7.88
N ASN B 66 -14.43 42.53 7.81
CA ASN B 66 -15.35 42.61 6.78
C ASN B 66 -16.61 43.01 7.31
N CYS B 67 -16.65 43.72 8.42
CA CYS B 67 -17.90 43.96 9.06
C CYS B 67 -18.50 45.00 8.30
N GLU B 68 -19.71 45.42 8.66
CA GLU B 68 -20.23 46.61 8.07
C GLU B 68 -20.04 47.58 9.17
N THR B 69 -19.10 47.35 10.13
CA THR B 69 -18.72 48.43 10.96
C THR B 69 -17.28 48.23 10.87
N GLY B 70 -16.73 48.75 9.75
CA GLY B 70 -15.37 48.84 9.31
C GLY B 70 -14.54 47.69 9.58
N ILE B 71 -13.48 48.01 10.31
CA ILE B 71 -12.59 47.08 10.83
C ILE B 71 -12.87 47.20 12.26
N THR B 72 -13.85 46.50 12.81
CA THR B 72 -14.07 46.66 14.20
C THR B 72 -13.97 45.30 14.67
N ALA B 73 -13.54 45.20 15.93
CA ALA B 73 -13.64 43.95 16.61
C ALA B 73 -14.92 44.06 17.36
N THR B 74 -15.67 45.18 17.16
CA THR B 74 -16.89 45.44 17.84
C THR B 74 -17.87 44.59 17.11
N PRO B 75 -18.78 44.01 17.87
CA PRO B 75 -19.82 43.14 17.40
C PRO B 75 -20.69 43.94 16.50
N CYS B 76 -21.24 43.31 15.49
CA CYS B 76 -22.03 44.08 14.62
C CYS B 76 -23.00 43.12 14.08
N GLY B 77 -24.25 43.26 14.53
CA GLY B 77 -25.30 42.31 14.24
C GLY B 77 -26.21 42.92 13.27
N VAL B 78 -26.40 44.25 13.41
CA VAL B 78 -27.03 45.02 12.40
C VAL B 78 -26.12 45.01 11.23
N CYS B 79 -24.81 44.76 11.47
CA CYS B 79 -24.00 44.46 10.34
C CYS B 79 -24.23 43.12 9.80
N ASP B 80 -24.98 43.04 8.72
CA ASP B 80 -25.15 41.83 8.01
C ASP B 80 -23.95 41.32 7.34
N ASN B 81 -22.85 42.11 7.16
CA ASN B 81 -21.58 41.60 6.74
C ASN B 81 -21.19 40.62 7.67
N CYS B 82 -21.26 41.11 8.88
CA CYS B 82 -20.98 40.37 10.02
C CYS B 82 -21.69 39.12 10.13
N ARG B 83 -22.97 39.10 9.73
CA ARG B 83 -23.65 37.83 9.78
C ARG B 83 -23.26 36.92 8.67
N GLU B 84 -23.05 37.47 7.48
CA GLU B 84 -22.57 36.80 6.34
C GLU B 84 -21.29 36.16 6.51
N ILE B 85 -20.42 36.85 7.24
CA ILE B 85 -19.11 36.39 7.51
C ILE B 85 -19.15 35.18 8.36
N GLU B 86 -20.17 35.05 9.25
CA GLU B 86 -20.18 33.91 10.14
C GLU B 86 -20.65 32.71 9.41
N GLN B 87 -21.15 32.94 8.19
CA GLN B 87 -21.45 31.90 7.32
C GLN B 87 -20.53 32.17 6.18
N GLY B 88 -20.62 31.37 5.11
CA GLY B 88 -19.75 31.51 3.98
C GLY B 88 -20.14 32.68 3.18
N ARG B 89 -21.45 33.03 3.33
CA ARG B 89 -22.30 33.97 2.64
C ARG B 89 -21.59 35.24 2.32
N PHE B 90 -20.60 35.58 3.15
CA PHE B 90 -19.87 36.72 2.90
C PHE B 90 -18.96 36.45 1.81
N VAL B 91 -19.06 37.26 0.77
CA VAL B 91 -18.26 37.14 -0.39
C VAL B 91 -16.81 37.23 -0.06
N ASP B 92 -16.47 38.11 0.89
CA ASP B 92 -15.06 38.25 1.23
C ASP B 92 -14.61 37.21 2.09
N LEU B 93 -15.53 36.38 2.57
CA LEU B 93 -15.03 35.29 3.25
C LEU B 93 -15.15 34.26 2.21
N ILE B 94 -14.07 33.52 2.02
CA ILE B 94 -14.13 32.36 1.22
C ILE B 94 -13.88 31.35 2.19
N GLU B 95 -14.76 30.37 2.29
CA GLU B 95 -14.46 29.20 3.03
C GLU B 95 -13.94 28.29 1.95
N ILE B 96 -12.59 28.25 1.72
CA ILE B 96 -12.02 27.60 0.54
C ILE B 96 -11.47 26.23 0.87
N ASP B 97 -11.59 25.74 2.12
CA ASP B 97 -11.04 24.47 2.62
C ASP B 97 -9.56 24.24 2.30
N ALA B 98 -9.08 22.95 2.35
CA ALA B 98 -7.68 22.61 2.24
C ALA B 98 -7.53 21.12 1.95
N ALA B 99 -8.66 20.40 1.83
CA ALA B 99 -8.67 18.98 1.69
C ALA B 99 -8.71 18.61 0.25
N SER B 100 -8.52 19.58 -0.66
CA SER B 100 -8.57 19.33 -2.06
C SER B 100 -7.81 20.45 -2.67
N ARG B 101 -7.04 21.16 -1.83
CA ARG B 101 -6.26 22.26 -2.21
C ARG B 101 -4.82 21.80 -2.05
N THR B 102 -4.59 20.46 -2.20
CA THR B 102 -3.39 19.73 -1.89
C THR B 102 -2.48 19.40 -3.01
N LYS B 103 -2.94 19.62 -4.26
CA LYS B 103 -2.12 19.44 -5.43
C LYS B 103 -1.76 20.84 -5.75
N VAL B 104 -0.67 20.98 -6.51
CA VAL B 104 -0.16 22.24 -6.93
C VAL B 104 -1.13 23.15 -7.68
N GLU B 105 -1.95 22.57 -8.61
CA GLU B 105 -3.03 23.17 -9.38
C GLU B 105 -4.22 23.68 -8.61
N ASP B 106 -4.48 23.13 -7.42
CA ASP B 106 -5.56 23.47 -6.53
C ASP B 106 -5.35 24.81 -5.86
N THR B 107 -4.08 25.23 -5.82
CA THR B 107 -3.60 26.36 -5.08
C THR B 107 -3.34 27.46 -6.11
N ARG B 108 -2.83 27.15 -7.36
CA ARG B 108 -2.57 28.10 -8.48
C ARG B 108 -3.68 29.11 -8.69
N ASP B 109 -4.91 28.56 -8.79
CA ASP B 109 -6.19 29.20 -8.91
C ASP B 109 -6.58 30.21 -7.87
N LEU B 110 -6.31 29.88 -6.56
CA LEU B 110 -6.55 30.69 -5.40
C LEU B 110 -5.71 31.96 -5.46
N LEU B 111 -4.52 31.86 -6.11
CA LEU B 111 -3.60 32.97 -6.34
C LEU B 111 -3.97 33.85 -7.55
N ASP B 112 -4.64 33.29 -8.62
CA ASP B 112 -5.26 34.01 -9.73
C ASP B 112 -6.40 34.85 -9.14
N ASN B 113 -6.90 34.53 -7.89
CA ASN B 113 -7.89 35.29 -7.12
C ASN B 113 -7.33 36.24 -6.09
N VAL B 114 -6.03 36.36 -6.07
CA VAL B 114 -5.37 37.30 -5.26
C VAL B 114 -4.95 38.23 -6.30
N GLN B 115 -5.93 39.04 -6.63
CA GLN B 115 -6.03 40.01 -7.66
C GLN B 115 -7.48 40.34 -7.50
N TYR B 116 -8.12 40.08 -6.31
CA TYR B 116 -9.52 40.40 -6.17
C TYR B 116 -9.71 40.79 -4.76
N ALA B 117 -10.27 42.01 -4.68
CA ALA B 117 -10.61 42.89 -3.60
C ALA B 117 -11.80 42.44 -2.81
N PRO B 118 -11.88 42.67 -1.48
CA PRO B 118 -13.02 42.44 -0.60
C PRO B 118 -14.32 42.93 -1.18
N ALA B 119 -15.19 42.12 -1.80
CA ALA B 119 -16.42 42.69 -2.29
C ALA B 119 -17.48 42.85 -1.24
N ARG B 120 -17.19 43.08 0.06
CA ARG B 120 -18.25 43.34 1.00
C ARG B 120 -17.70 43.77 2.29
N GLY B 121 -16.70 43.03 2.71
CA GLY B 121 -15.94 43.17 3.89
C GLY B 121 -14.88 44.05 3.51
N ARG B 122 -13.84 44.14 4.31
CA ARG B 122 -12.79 45.01 3.95
C ARG B 122 -11.58 44.28 3.91
N PHE B 123 -11.71 42.97 3.92
CA PHE B 123 -10.61 42.19 3.67
C PHE B 123 -11.22 41.10 3.01
N LYS B 124 -10.47 40.71 2.00
CA LYS B 124 -10.53 39.45 1.49
C LYS B 124 -10.07 38.63 2.59
N VAL B 125 -10.86 37.64 2.86
CA VAL B 125 -10.51 36.80 3.90
C VAL B 125 -10.72 35.53 3.21
N TYR B 126 -9.64 34.79 3.14
CA TYR B 126 -9.61 33.49 2.64
C TYR B 126 -9.44 32.77 3.90
N LEU B 127 -10.48 32.10 4.36
CA LEU B 127 -10.47 31.21 5.48
C LEU B 127 -10.17 29.84 4.94
N ILE B 128 -8.87 29.46 5.02
CA ILE B 128 -8.35 28.14 4.67
C ILE B 128 -8.20 27.42 6.04
N ASP B 129 -9.00 26.37 6.36
CA ASP B 129 -8.90 25.64 7.61
C ASP B 129 -8.44 24.22 7.36
N GLU B 130 -7.98 23.55 8.45
CA GLU B 130 -7.40 22.25 8.58
C GLU B 130 -6.32 22.00 7.58
N VAL B 131 -5.22 22.77 7.68
CA VAL B 131 -4.20 22.76 6.69
C VAL B 131 -3.01 22.05 7.21
N HIS B 132 -2.59 21.03 6.44
CA HIS B 132 -1.54 20.15 6.80
C HIS B 132 -1.65 19.00 5.84
N MET B 133 -2.35 19.21 4.69
CA MET B 133 -2.77 18.09 3.85
C MET B 133 -2.14 18.21 2.48
N LEU B 134 -1.60 19.38 2.22
CA LEU B 134 -0.98 19.81 1.01
C LEU B 134 0.25 19.02 0.64
N SER B 135 0.49 18.89 -0.69
CA SER B 135 1.68 18.24 -1.19
C SER B 135 2.80 19.21 -1.08
N ARG B 136 4.07 18.73 -1.29
CA ARG B 136 5.24 19.57 -1.21
C ARG B 136 5.21 20.71 -2.18
N HIS B 137 4.69 20.42 -3.38
CA HIS B 137 4.57 21.37 -4.43
C HIS B 137 3.63 22.51 -4.08
N SER B 138 2.50 22.19 -3.42
CA SER B 138 1.48 23.13 -2.94
C SER B 138 2.02 24.16 -2.00
N PHE B 139 2.98 23.74 -1.17
CA PHE B 139 3.57 24.55 -0.16
C PHE B 139 4.58 25.56 -0.74
N ASN B 140 5.03 25.42 -2.02
CA ASN B 140 5.91 26.41 -2.64
C ASN B 140 5.09 27.68 -2.89
N ALA B 141 3.78 27.49 -3.07
CA ALA B 141 3.08 28.37 -3.95
C ALA B 141 2.19 29.27 -3.16
N LEU B 142 1.88 28.87 -1.92
CA LEU B 142 1.09 29.65 -1.01
C LEU B 142 1.90 30.77 -0.45
N LEU B 143 3.22 30.45 -0.26
CA LEU B 143 4.23 31.30 0.31
C LEU B 143 4.48 32.50 -0.53
N LYS B 144 4.19 32.38 -1.84
CA LYS B 144 4.19 33.45 -2.79
C LYS B 144 3.41 34.71 -2.45
N THR B 145 2.22 34.56 -1.83
CA THR B 145 1.41 35.66 -1.40
C THR B 145 1.75 35.99 0.02
N LEU B 146 2.68 35.33 0.68
CA LEU B 146 3.00 35.74 2.03
C LEU B 146 4.23 36.60 2.02
N GLU B 147 5.20 36.12 1.19
CA GLU B 147 6.57 36.53 1.12
C GLU B 147 6.57 37.94 0.70
N GLU B 148 5.78 38.17 -0.35
CA GLU B 148 5.39 39.48 -0.70
C GLU B 148 3.88 39.30 -0.52
N PRO B 149 3.31 39.98 0.46
CA PRO B 149 1.97 39.71 0.95
C PRO B 149 0.85 40.48 0.27
N PRO B 150 -0.27 40.01 -0.27
CA PRO B 150 -1.34 40.89 -0.72
C PRO B 150 -2.30 41.06 0.42
N GLU B 151 -2.35 42.27 0.95
CA GLU B 151 -3.06 42.58 2.16
C GLU B 151 -4.53 42.31 2.26
N HIS B 152 -5.21 42.63 1.15
CA HIS B 152 -6.63 42.56 1.03
C HIS B 152 -6.99 41.20 1.33
N VAL B 153 -6.19 40.25 0.78
CA VAL B 153 -6.48 38.95 1.16
C VAL B 153 -5.82 38.83 2.42
N LYS B 154 -6.48 38.04 3.17
CA LYS B 154 -6.09 37.71 4.43
C LYS B 154 -6.30 36.34 4.14
N PHE B 155 -5.42 35.59 4.71
CA PHE B 155 -5.46 34.20 4.66
C PHE B 155 -5.60 33.95 6.11
N LEU B 156 -6.65 33.20 6.53
CA LEU B 156 -6.92 32.80 7.89
C LEU B 156 -6.81 31.31 7.95
N LEU B 157 -5.76 30.77 8.64
CA LEU B 157 -5.41 29.37 8.66
C LEU B 157 -5.82 28.68 9.95
N ALA B 158 -6.54 27.54 9.86
CA ALA B 158 -6.96 26.76 11.01
C ALA B 158 -6.40 25.42 10.83
N THR B 159 -5.99 24.73 11.88
CA THR B 159 -5.44 23.44 11.69
C THR B 159 -5.76 22.92 13.02
N THR B 160 -5.27 21.73 13.26
CA THR B 160 -5.33 21.13 14.54
C THR B 160 -4.05 20.33 14.43
N ASP B 161 -3.16 20.68 13.48
CA ASP B 161 -1.86 20.14 13.31
C ASP B 161 -1.09 21.26 12.69
N PRO B 162 -0.41 22.00 13.47
CA PRO B 162 0.42 23.05 12.94
C PRO B 162 1.73 22.52 12.42
N GLN B 163 2.06 21.21 12.54
CA GLN B 163 3.37 20.70 12.17
C GLN B 163 3.53 20.40 10.76
N LYS B 164 2.43 20.35 10.02
CA LYS B 164 2.53 19.96 8.66
C LYS B 164 2.66 21.15 7.78
N LEU B 165 2.94 22.31 8.40
CA LEU B 165 3.13 23.56 7.74
C LEU B 165 4.57 24.09 7.96
N PRO B 166 5.44 24.17 6.96
CA PRO B 166 6.83 24.61 7.09
C PRO B 166 7.14 25.84 7.89
N VAL B 167 8.34 25.82 8.49
CA VAL B 167 8.89 26.85 9.34
C VAL B 167 8.85 28.19 8.78
N THR B 168 9.08 28.27 7.47
CA THR B 168 8.94 29.41 6.63
C THR B 168 7.60 29.98 6.86
N ILE B 169 6.53 29.17 6.67
CA ILE B 169 5.13 29.53 6.80
C ILE B 169 4.76 29.85 8.16
N LEU B 170 5.45 29.26 9.10
CA LEU B 170 5.12 29.36 10.45
C LEU B 170 5.67 30.62 10.96
N SER B 171 6.94 30.86 10.59
CA SER B 171 7.71 32.04 10.84
C SER B 171 6.94 33.14 10.19
N ARG B 172 6.42 32.90 8.98
CA ARG B 172 5.54 33.73 8.24
C ARG B 172 4.23 34.10 8.85
N CYS B 173 3.67 33.27 9.74
CA CYS B 173 2.34 33.51 10.25
C CYS B 173 2.37 33.81 11.68
N LEU B 174 1.28 34.47 12.14
CA LEU B 174 1.15 34.70 13.57
C LEU B 174 0.23 33.68 14.08
N GLN B 175 0.72 32.91 15.05
CA GLN B 175 -0.06 31.86 15.57
C GLN B 175 -0.73 32.23 16.84
N PHE B 176 -2.04 31.88 16.92
CA PHE B 176 -2.85 31.85 18.12
C PHE B 176 -3.20 30.46 18.46
N HIS B 177 -2.85 30.07 19.69
CA HIS B 177 -3.10 28.77 20.20
C HIS B 177 -4.33 28.63 21.12
N LEU B 178 -5.36 27.80 20.74
CA LEU B 178 -6.56 27.55 21.50
C LEU B 178 -6.41 26.35 22.38
N LYS B 179 -6.79 26.51 23.65
CA LYS B 179 -6.63 25.52 24.66
C LYS B 179 -7.85 24.67 25.04
N ALA B 180 -7.65 23.74 25.98
CA ALA B 180 -8.64 22.91 26.61
C ALA B 180 -9.56 23.68 27.53
N LEU B 181 -10.84 23.28 27.57
CA LEU B 181 -11.81 23.89 28.40
C LEU B 181 -11.87 23.14 29.65
N ASP B 182 -12.13 23.84 30.73
CA ASP B 182 -12.05 23.24 32.00
C ASP B 182 -13.42 23.09 32.41
N VAL B 183 -13.51 22.29 33.44
CA VAL B 183 -14.66 21.87 34.09
C VAL B 183 -15.56 23.04 34.33
N GLU B 184 -15.01 24.11 34.82
CA GLU B 184 -15.82 25.22 34.98
C GLU B 184 -16.10 25.99 33.77
N GLN B 185 -15.17 26.04 32.82
CA GLN B 185 -15.31 26.79 31.61
C GLN B 185 -16.47 26.34 30.87
N ILE B 186 -16.56 25.03 30.86
CA ILE B 186 -17.55 24.33 30.15
C ILE B 186 -18.79 24.51 30.89
N ARG B 187 -18.71 24.27 32.20
CA ARG B 187 -19.84 24.28 33.06
C ARG B 187 -20.56 25.56 33.08
N HIS B 188 -19.78 26.63 33.20
CA HIS B 188 -20.27 27.95 33.16
C HIS B 188 -20.87 28.33 31.83
N GLN B 189 -20.22 27.92 30.74
CA GLN B 189 -20.65 28.26 29.40
C GLN B 189 -21.97 27.73 29.15
N LEU B 190 -22.12 26.48 29.59
CA LEU B 190 -23.35 25.81 29.50
C LEU B 190 -24.30 26.47 30.40
N GLU B 191 -23.94 26.64 31.68
CA GLU B 191 -24.83 27.14 32.66
C GLU B 191 -25.50 28.36 32.28
N HIS B 192 -24.77 29.38 31.85
CA HIS B 192 -25.47 30.47 31.30
C HIS B 192 -26.07 30.14 29.95
N ILE B 193 -25.40 29.50 28.97
CA ILE B 193 -26.00 29.42 27.65
C ILE B 193 -27.26 28.74 27.62
N LEU B 194 -27.36 27.67 28.39
CA LEU B 194 -28.55 26.93 28.50
C LEU B 194 -29.43 27.68 29.37
N ASN B 195 -28.92 28.54 30.26
CA ASN B 195 -29.76 29.34 31.07
C ASN B 195 -30.44 30.29 30.17
N GLU B 196 -29.75 30.82 29.17
CA GLU B 196 -30.38 31.71 28.26
C GLU B 196 -31.08 31.07 27.21
N GLU B 197 -30.65 29.88 26.77
CA GLU B 197 -31.35 29.25 25.71
C GLU B 197 -32.66 28.68 26.22
N HIS B 198 -33.15 29.07 27.43
CA HIS B 198 -34.24 28.45 28.14
C HIS B 198 -34.06 26.95 28.25
N ILE B 199 -32.94 26.44 28.81
CA ILE B 199 -32.69 25.01 28.90
C ILE B 199 -32.31 24.65 30.30
N ALA B 200 -32.82 23.46 30.78
CA ALA B 200 -32.78 23.10 32.17
C ALA B 200 -31.55 22.30 32.40
N HIS B 201 -30.85 22.86 33.39
CA HIS B 201 -29.55 22.48 33.73
C HIS B 201 -29.65 22.28 35.18
N GLU B 202 -29.61 21.00 35.53
CA GLU B 202 -29.55 20.61 36.88
C GLU B 202 -28.08 20.64 37.03
N PRO B 203 -27.62 21.43 37.95
CA PRO B 203 -26.31 22.01 37.92
C PRO B 203 -25.27 20.99 37.88
N ARG B 204 -25.48 19.98 38.72
CA ARG B 204 -24.57 18.92 38.87
C ARG B 204 -24.27 18.11 37.67
N ALA B 205 -25.23 18.05 36.76
CA ALA B 205 -25.09 17.46 35.47
C ALA B 205 -24.01 18.11 34.69
N LEU B 206 -23.81 19.41 34.95
CA LEU B 206 -22.84 20.22 34.31
C LEU B 206 -21.57 19.83 34.83
N GLN B 207 -21.41 19.82 36.14
CA GLN B 207 -20.17 19.54 36.72
C GLN B 207 -19.67 18.21 36.37
N LEU B 208 -20.58 17.26 36.18
CA LEU B 208 -20.26 15.95 35.77
C LEU B 208 -19.75 16.00 34.41
N LEU B 209 -20.52 16.62 33.55
CA LEU B 209 -20.21 16.69 32.17
C LEU B 209 -19.05 17.54 31.85
N ALA B 210 -18.85 18.55 32.69
CA ALA B 210 -17.86 19.54 32.65
C ALA B 210 -16.61 18.88 32.97
N ARG B 211 -16.63 18.17 34.10
CA ARG B 211 -15.55 17.37 34.54
C ARG B 211 -15.20 16.36 33.54
N ALA B 212 -16.24 15.57 33.13
CA ALA B 212 -16.14 14.44 32.29
C ALA B 212 -15.48 14.81 31.01
N ALA B 213 -15.81 15.96 30.40
CA ALA B 213 -15.04 16.34 29.26
C ALA B 213 -14.67 17.76 29.40
N GLU B 214 -13.33 17.97 29.36
CA GLU B 214 -12.63 19.19 29.51
C GLU B 214 -11.70 19.30 28.40
N GLY B 215 -11.88 20.26 27.49
CA GLY B 215 -10.93 20.42 26.41
C GLY B 215 -11.65 20.90 25.24
N SER B 216 -12.93 20.60 25.27
CA SER B 216 -13.66 20.81 24.10
C SER B 216 -14.92 21.25 24.64
N LEU B 217 -15.36 22.28 23.99
CA LEU B 217 -16.58 22.90 24.22
C LEU B 217 -17.57 22.18 23.40
N ARG B 218 -17.14 21.74 22.22
CA ARG B 218 -18.00 21.05 21.33
C ARG B 218 -18.57 19.80 21.89
N ASP B 219 -17.70 19.04 22.58
CA ASP B 219 -17.99 17.78 23.19
C ASP B 219 -19.11 17.92 24.14
N ALA B 220 -19.00 19.01 24.94
CA ALA B 220 -19.89 19.35 25.98
C ALA B 220 -21.28 19.41 25.49
N LEU B 221 -21.49 20.00 24.30
CA LEU B 221 -22.80 20.04 23.73
C LEU B 221 -23.20 18.76 23.06
N SER B 222 -22.30 17.91 22.52
CA SER B 222 -22.74 16.63 21.92
C SER B 222 -23.28 15.66 22.94
N LEU B 223 -22.62 15.66 24.10
CA LEU B 223 -22.99 14.90 25.24
C LEU B 223 -24.28 15.40 25.80
N THR B 224 -24.59 16.72 25.65
CA THR B 224 -25.80 17.25 26.20
C THR B 224 -26.82 16.71 25.32
N ASP B 225 -26.62 16.69 24.00
CA ASP B 225 -27.61 16.18 23.07
C ASP B 225 -28.09 14.80 23.42
N GLN B 226 -27.21 13.82 23.69
CA GLN B 226 -27.72 12.56 24.17
C GLN B 226 -28.39 12.64 25.50
N ALA B 227 -27.77 13.37 26.48
CA ALA B 227 -28.28 13.58 27.82
C ALA B 227 -29.69 14.06 27.77
N ILE B 228 -29.95 15.05 26.92
CA ILE B 228 -31.21 15.61 26.59
C ILE B 228 -32.19 14.62 26.05
N ALA B 229 -31.78 13.76 25.11
CA ALA B 229 -32.70 12.82 24.49
C ALA B 229 -33.17 11.84 25.51
N SER B 230 -32.25 11.50 26.41
CA SER B 230 -32.45 10.71 27.58
C SER B 230 -33.07 11.46 28.75
N GLY B 231 -33.02 12.80 28.76
CA GLY B 231 -33.44 13.61 29.87
C GLY B 231 -34.74 14.25 29.57
N ASP B 232 -35.39 13.89 28.41
CA ASP B 232 -36.61 14.46 27.88
C ASP B 232 -36.42 15.93 27.75
N GLY B 233 -35.45 16.31 26.92
CA GLY B 233 -35.17 17.69 26.75
C GLY B 233 -34.30 18.23 27.87
N GLN B 234 -33.68 17.44 28.77
CA GLN B 234 -33.11 18.11 29.94
C GLN B 234 -31.78 17.58 30.24
N VAL B 235 -30.95 18.55 30.71
CA VAL B 235 -29.62 18.22 31.11
C VAL B 235 -29.80 17.86 32.53
N SER B 236 -30.15 16.59 32.71
CA SER B 236 -30.46 16.06 33.98
C SER B 236 -29.25 15.41 34.38
N THR B 237 -29.03 15.46 35.69
CA THR B 237 -27.97 14.76 36.30
C THR B 237 -28.18 13.30 36.08
N GLN B 238 -29.44 12.86 36.04
CA GLN B 238 -29.85 11.54 35.73
C GLN B 238 -29.47 11.14 34.38
N ALA B 239 -29.53 12.08 33.46
CA ALA B 239 -29.24 11.85 32.09
C ALA B 239 -27.78 11.63 32.01
N VAL B 240 -26.98 12.53 32.59
CA VAL B 240 -25.56 12.59 32.38
C VAL B 240 -24.85 11.46 33.05
N SER B 241 -25.32 11.00 34.20
CA SER B 241 -24.71 9.90 34.91
C SER B 241 -24.96 8.67 34.15
N ALA B 242 -26.21 8.56 33.64
CA ALA B 242 -26.67 7.50 32.81
C ALA B 242 -25.81 7.36 31.61
N MET B 243 -25.62 8.47 30.88
CA MET B 243 -24.85 8.50 29.69
C MET B 243 -23.43 8.06 29.93
N LEU B 244 -22.83 8.57 31.03
CA LEU B 244 -21.52 8.18 31.49
C LEU B 244 -21.42 6.75 31.87
N GLY B 245 -22.51 6.11 32.29
CA GLY B 245 -22.47 4.71 32.56
C GLY B 245 -22.44 3.91 31.29
N THR B 246 -23.06 4.42 30.19
CA THR B 246 -23.21 3.68 28.94
C THR B 246 -21.88 3.43 28.38
N LEU B 247 -21.16 4.52 28.30
CA LEU B 247 -19.87 4.52 27.76
C LEU B 247 -18.81 4.04 28.81
N ASP B 248 -19.09 3.72 30.13
CA ASP B 248 -18.06 3.27 31.13
C ASP B 248 -18.37 2.21 32.28
N ASP B 249 -17.40 1.20 32.58
CA ASP B 249 -17.40 0.22 33.72
C ASP B 249 -16.04 -0.07 34.41
N ASP B 250 -15.95 0.01 35.78
CA ASP B 250 -14.71 -0.27 36.49
C ASP B 250 -14.85 -1.54 37.26
N GLN B 251 -14.11 -2.54 36.77
CA GLN B 251 -14.18 -3.80 37.39
C GLN B 251 -12.88 -4.11 38.04
N ALA B 252 -11.84 -3.29 37.91
CA ALA B 252 -10.62 -3.59 38.54
C ALA B 252 -10.47 -2.94 39.84
N LEU B 253 -11.09 -1.78 40.14
CA LEU B 253 -10.94 -1.20 41.44
C LEU B 253 -11.60 -1.99 42.47
N SER B 254 -12.86 -2.37 42.18
CA SER B 254 -13.65 -3.26 42.96
C SER B 254 -12.95 -4.57 43.18
N LEU B 255 -12.35 -5.10 42.10
CA LEU B 255 -11.65 -6.36 42.11
C LEU B 255 -10.41 -6.30 42.93
N VAL B 256 -9.72 -5.15 42.88
CA VAL B 256 -8.55 -4.89 43.66
C VAL B 256 -8.94 -4.92 45.08
N GLU B 257 -9.97 -4.16 45.45
CA GLU B 257 -10.51 -4.29 46.76
C GLU B 257 -10.92 -5.67 47.16
N ALA B 258 -11.57 -6.46 46.30
CA ALA B 258 -12.08 -7.73 46.74
C ALA B 258 -11.05 -8.78 46.92
N MET B 259 -9.98 -8.70 46.11
CA MET B 259 -8.92 -9.64 46.09
C MET B 259 -7.98 -9.33 47.16
N VAL B 260 -7.95 -8.07 47.62
CA VAL B 260 -7.03 -7.69 48.63
C VAL B 260 -7.64 -8.01 49.94
N GLU B 261 -8.97 -8.00 50.01
CA GLU B 261 -9.68 -8.31 51.21
C GLU B 261 -9.72 -9.76 51.43
N ALA B 262 -9.38 -10.58 50.43
CA ALA B 262 -9.57 -11.99 50.53
C ALA B 262 -11.04 -12.27 50.65
N ASN B 263 -11.88 -11.68 49.76
CA ASN B 263 -13.30 -12.00 49.78
C ASN B 263 -13.35 -13.09 48.80
N GLY B 264 -14.08 -14.13 49.15
CA GLY B 264 -14.04 -15.36 48.40
C GLY B 264 -14.67 -15.34 47.04
N GLU B 265 -15.94 -14.95 47.06
CA GLU B 265 -16.82 -15.20 46.00
C GLU B 265 -17.16 -13.92 45.44
N ARG B 266 -16.81 -12.84 46.11
CA ARG B 266 -17.00 -11.55 45.57
C ARG B 266 -16.09 -11.44 44.37
N VAL B 267 -14.92 -12.06 44.43
CA VAL B 267 -13.94 -12.08 43.37
C VAL B 267 -14.45 -12.77 42.18
N MET B 268 -15.02 -13.96 42.44
CA MET B 268 -15.63 -14.71 41.40
C MET B 268 -16.87 -14.06 40.91
N ALA B 269 -17.65 -13.44 41.82
CA ALA B 269 -18.87 -12.75 41.54
C ALA B 269 -18.56 -11.65 40.62
N LEU B 270 -17.61 -10.82 41.02
CA LEU B 270 -17.10 -9.79 40.20
C LEU B 270 -16.53 -10.24 38.92
N ILE B 271 -15.75 -11.33 38.89
CA ILE B 271 -15.18 -11.80 37.65
C ILE B 271 -16.23 -12.20 36.74
N ASN B 272 -17.34 -12.62 37.34
CA ASN B 272 -18.45 -13.01 36.61
C ASN B 272 -19.15 -11.83 36.09
N GLU B 273 -19.30 -10.76 36.85
CA GLU B 273 -19.86 -9.54 36.39
C GLU B 273 -19.08 -8.87 35.34
N ALA B 274 -17.79 -9.07 35.45
CA ALA B 274 -16.82 -8.50 34.58
C ALA B 274 -16.93 -9.24 33.32
N ALA B 275 -17.32 -10.51 33.40
CA ALA B 275 -17.62 -11.17 32.20
C ALA B 275 -18.98 -10.73 31.75
N ALA B 276 -19.96 -10.57 32.70
CA ALA B 276 -21.32 -10.22 32.44
C ALA B 276 -21.51 -9.01 31.67
N ARG B 277 -20.66 -8.05 31.96
CA ARG B 277 -20.63 -6.92 31.15
C ARG B 277 -19.19 -7.00 31.05
N GLY B 278 -18.90 -7.66 29.90
CA GLY B 278 -17.69 -8.16 29.36
C GLY B 278 -16.60 -7.26 29.66
N ILE B 279 -15.44 -7.83 29.75
CA ILE B 279 -14.38 -6.98 29.86
C ILE B 279 -13.41 -7.96 29.56
N GLU B 280 -12.45 -7.41 28.87
CA GLU B 280 -11.35 -8.18 28.55
C GLU B 280 -10.68 -8.51 29.81
N TRP B 281 -10.30 -9.76 29.86
CA TRP B 281 -9.63 -10.31 30.97
C TRP B 281 -8.23 -9.90 31.03
N GLU B 282 -7.59 -9.73 29.88
CA GLU B 282 -6.27 -9.21 29.92
C GLU B 282 -6.14 -7.80 30.33
N ALA B 283 -6.98 -6.95 29.77
CA ALA B 283 -7.06 -5.57 30.08
C ALA B 283 -7.47 -5.37 31.46
N LEU B 284 -8.26 -6.30 31.95
CA LEU B 284 -8.70 -6.22 33.27
C LEU B 284 -7.61 -6.53 34.21
N LEU B 285 -6.70 -7.43 33.82
CA LEU B 285 -5.51 -7.71 34.59
C LEU B 285 -4.68 -6.56 34.69
N VAL B 286 -4.66 -5.80 33.62
CA VAL B 286 -3.74 -4.76 33.51
C VAL B 286 -4.39 -3.64 34.23
N GLU B 287 -5.72 -3.64 34.31
CA GLU B 287 -6.47 -2.59 34.94
C GLU B 287 -6.30 -2.62 36.40
N MET B 288 -6.22 -3.81 36.91
CA MET B 288 -5.84 -4.07 38.22
C MET B 288 -4.45 -3.70 38.56
N LEU B 289 -3.48 -4.04 37.66
CA LEU B 289 -2.06 -3.78 37.83
C LEU B 289 -1.78 -2.34 38.11
N GLY B 290 -2.40 -1.49 37.29
CA GLY B 290 -2.24 -0.07 37.38
C GLY B 290 -2.74 0.51 38.65
N LEU B 291 -3.88 -0.01 39.19
CA LEU B 291 -4.40 0.50 40.46
C LEU B 291 -3.47 0.31 41.59
N LEU B 292 -2.94 -0.91 41.69
CA LEU B 292 -1.93 -1.20 42.64
C LEU B 292 -0.73 -0.32 42.62
N HIS B 293 -0.22 -0.04 41.42
CA HIS B 293 0.89 0.83 41.20
C HIS B 293 0.55 2.21 41.67
N ARG B 294 -0.65 2.67 41.36
CA ARG B 294 -1.11 3.99 41.68
C ARG B 294 -1.16 4.18 43.16
N ILE B 295 -1.55 3.14 43.88
CA ILE B 295 -1.55 3.24 45.30
C ILE B 295 -0.17 3.19 45.76
N ALA B 296 0.68 2.36 45.11
CA ALA B 296 2.06 2.20 45.43
C ALA B 296 2.83 3.43 45.21
N MET B 297 2.32 4.32 44.34
CA MET B 297 2.95 5.55 44.07
C MET B 297 2.39 6.60 44.93
N VAL B 298 1.13 6.45 45.38
CA VAL B 298 0.53 7.43 46.25
C VAL B 298 1.25 7.44 47.53
N GLN B 299 1.83 6.30 47.84
CA GLN B 299 2.67 6.13 48.95
C GLN B 299 4.09 6.60 48.72
N LEU B 300 4.65 6.76 47.47
CA LEU B 300 5.98 7.33 47.29
C LEU B 300 5.94 8.75 46.84
N SER B 301 4.75 9.34 46.80
CA SER B 301 4.59 10.73 46.37
C SER B 301 3.13 11.08 46.18
N PRO B 302 2.67 12.12 46.89
CA PRO B 302 1.31 12.55 46.61
C PRO B 302 1.35 13.16 45.22
N ALA B 303 2.53 13.63 44.82
CA ALA B 303 2.69 14.19 43.48
C ALA B 303 2.28 13.16 42.46
N ALA B 304 2.47 11.87 42.77
CA ALA B 304 2.04 10.81 41.87
C ALA B 304 0.67 11.11 41.30
N LEU B 305 -0.25 11.56 42.16
CA LEU B 305 -1.58 11.91 41.71
C LEU B 305 -1.57 13.30 41.10
N GLY B 306 -1.44 13.37 39.78
CA GLY B 306 -1.38 14.67 39.11
C GLY B 306 -2.62 15.51 39.29
N ASN B 307 -2.49 16.81 39.08
CA ASN B 307 -3.62 17.67 39.20
C ASN B 307 -4.87 17.31 38.46
N ASP B 308 -4.78 16.65 37.29
CA ASP B 308 -5.96 16.23 36.57
C ASP B 308 -6.69 15.09 37.28
N MET B 309 -5.95 14.40 38.17
CA MET B 309 -6.36 13.32 39.03
C MET B 309 -7.02 13.73 40.29
N ALA B 310 -7.23 15.04 40.50
CA ALA B 310 -7.92 15.53 41.67
C ALA B 310 -9.26 14.88 41.88
N ALA B 311 -9.93 14.65 40.71
CA ALA B 311 -11.22 14.05 40.60
C ALA B 311 -11.29 12.74 41.32
N ILE B 312 -10.19 11.94 41.31
CA ILE B 312 -10.12 10.65 41.93
C ILE B 312 -9.11 10.52 43.02
N GLU B 313 -8.56 11.64 43.48
CA GLU B 313 -7.48 11.53 44.38
C GLU B 313 -7.86 10.92 45.67
N LEU B 314 -9.05 11.30 46.13
CA LEU B 314 -9.64 10.89 47.34
C LEU B 314 -9.62 9.41 47.53
N ARG B 315 -9.90 8.61 46.48
CA ARG B 315 -9.96 7.20 46.66
C ARG B 315 -8.67 6.51 46.42
N MET B 316 -7.82 7.13 45.60
CA MET B 316 -6.52 6.59 45.29
C MET B 316 -5.58 6.75 46.40
N ARG B 317 -5.80 7.91 47.03
CA ARG B 317 -5.17 8.29 48.23
C ARG B 317 -5.49 7.24 49.23
N GLU B 318 -6.76 6.80 49.21
CA GLU B 318 -7.18 6.19 50.40
C GLU B 318 -7.05 4.75 50.36
N LEU B 319 -7.03 4.27 49.11
CA LEU B 319 -6.67 2.95 48.84
C LEU B 319 -5.28 2.76 49.11
N ALA B 320 -4.51 3.82 48.88
CA ALA B 320 -3.15 3.69 49.10
C ALA B 320 -2.87 3.58 50.50
N ARG B 321 -3.66 4.25 51.30
CA ARG B 321 -3.35 4.31 52.67
C ARG B 321 -3.93 3.29 53.50
N THR B 322 -4.68 2.41 52.88
CA THR B 322 -5.17 1.32 53.64
C THR B 322 -4.30 0.18 53.33
N ILE B 323 -3.24 0.41 52.56
CA ILE B 323 -2.50 -0.72 52.15
C ILE B 323 -1.08 -0.35 52.16
N PRO B 324 -0.22 -1.15 52.76
CA PRO B 324 1.21 -0.96 52.69
C PRO B 324 1.70 -1.43 51.34
N PRO B 325 2.63 -0.72 50.76
CA PRO B 325 3.14 -0.91 49.43
C PRO B 325 3.86 -2.23 49.18
N THR B 326 4.38 -2.93 50.19
CA THR B 326 5.03 -4.16 49.90
C THR B 326 4.15 -5.23 49.37
N ASP B 327 2.97 -5.21 49.98
CA ASP B 327 1.93 -6.12 49.67
C ASP B 327 1.37 -5.75 48.38
N ILE B 328 1.50 -4.43 48.06
CA ILE B 328 1.17 -3.92 46.78
C ILE B 328 2.07 -4.58 45.76
N GLN B 329 3.38 -4.76 46.06
CA GLN B 329 4.29 -5.32 45.09
C GLN B 329 4.23 -6.82 45.10
N LEU B 330 3.65 -7.41 46.16
CA LEU B 330 3.39 -8.80 46.21
C LEU B 330 2.29 -9.22 45.32
N TYR B 331 1.17 -8.49 45.32
CA TYR B 331 0.04 -8.77 44.47
C TYR B 331 0.36 -8.48 43.08
N TYR B 332 1.18 -7.40 42.91
CA TYR B 332 1.66 -6.87 41.66
C TYR B 332 2.41 -7.97 41.01
N GLN B 333 3.26 -8.64 41.82
CA GLN B 333 4.01 -9.75 41.38
C GLN B 333 3.07 -10.82 40.86
N THR B 334 1.94 -11.06 41.55
CA THR B 334 1.01 -12.11 41.24
C THR B 334 0.26 -11.85 39.97
N LEU B 335 -0.16 -10.61 39.77
CA LEU B 335 -0.87 -10.16 38.62
C LEU B 335 -0.05 -10.32 37.42
N LEU B 336 1.20 -9.85 37.52
CA LEU B 336 2.16 -9.88 36.44
C LEU B 336 2.32 -11.24 35.89
N ILE B 337 2.44 -12.19 36.81
CA ILE B 337 2.57 -13.54 36.42
C ILE B 337 1.32 -14.06 35.74
N GLY B 338 0.12 -13.80 36.33
CA GLY B 338 -1.21 -14.06 35.77
C GLY B 338 -1.42 -13.67 34.35
N ARG B 339 -0.89 -12.47 34.05
CA ARG B 339 -0.86 -11.83 32.78
C ARG B 339 -0.22 -12.68 31.68
N LYS B 340 0.85 -13.47 31.98
CA LYS B 340 1.42 -14.44 31.04
C LYS B 340 0.57 -15.71 30.92
N GLU B 341 -0.36 -15.98 31.90
CA GLU B 341 -1.20 -17.17 31.89
C GLU B 341 -2.29 -17.10 30.93
N LEU B 342 -2.89 -15.93 30.66
CA LEU B 342 -4.05 -15.79 29.83
C LEU B 342 -3.92 -16.49 28.52
N PRO B 343 -2.87 -16.31 27.73
CA PRO B 343 -2.70 -17.00 26.48
C PRO B 343 -2.74 -18.51 26.52
N TYR B 344 -2.04 -19.17 27.48
CA TYR B 344 -2.03 -20.61 27.53
C TYR B 344 -3.06 -20.97 28.50
N ALA B 345 -3.73 -19.93 29.09
CA ALA B 345 -4.84 -19.96 30.00
C ALA B 345 -5.80 -20.39 29.04
N PRO B 346 -6.57 -21.32 29.39
CA PRO B 346 -7.62 -21.73 28.53
C PRO B 346 -8.62 -20.64 28.43
N ASP B 347 -8.46 -19.55 29.16
CA ASP B 347 -9.41 -18.57 29.01
C ASP B 347 -8.83 -17.75 29.97
N ARG B 348 -8.69 -16.59 29.50
CA ARG B 348 -8.18 -15.52 30.11
C ARG B 348 -9.02 -15.09 31.25
N ARG B 349 -10.35 -15.22 31.20
CA ARG B 349 -11.17 -15.00 32.35
C ARG B 349 -10.80 -15.98 33.37
N MET B 350 -10.66 -17.25 32.98
CA MET B 350 -10.22 -18.25 33.91
C MET B 350 -8.84 -18.00 34.36
N GLY B 351 -8.01 -17.53 33.46
CA GLY B 351 -6.62 -17.34 33.57
C GLY B 351 -6.52 -16.40 34.66
N VAL B 352 -7.30 -15.31 34.54
CA VAL B 352 -7.47 -14.25 35.48
C VAL B 352 -8.09 -14.68 36.76
N GLU B 353 -9.17 -15.48 36.74
CA GLU B 353 -9.80 -15.93 37.94
C GLU B 353 -8.88 -16.79 38.71
N MET B 354 -8.06 -17.63 38.01
CA MET B 354 -7.13 -18.60 38.53
C MET B 354 -6.12 -17.75 39.19
N THR B 355 -5.57 -16.76 38.48
CA THR B 355 -4.66 -15.79 39.00
C THR B 355 -5.09 -15.14 40.28
N LEU B 356 -6.36 -14.69 40.30
CA LEU B 356 -6.96 -14.04 41.43
C LEU B 356 -7.24 -14.91 42.56
N LEU B 357 -7.43 -16.21 42.29
CA LEU B 357 -7.73 -17.07 43.38
C LEU B 357 -6.41 -17.29 44.12
N ARG B 358 -5.28 -17.01 43.45
CA ARG B 358 -4.02 -16.98 44.09
C ARG B 358 -3.82 -15.79 44.98
N ALA B 359 -4.52 -14.67 44.72
CA ALA B 359 -4.33 -13.44 45.43
C ALA B 359 -4.95 -13.49 46.79
N LEU B 360 -6.00 -14.29 46.85
CA LEU B 360 -6.72 -14.69 48.01
C LEU B 360 -5.87 -15.20 49.10
N ALA B 361 -4.85 -15.98 48.72
CA ALA B 361 -4.01 -16.61 49.68
C ALA B 361 -3.07 -15.70 50.31
N PHE B 362 -2.96 -14.52 49.72
CA PHE B 362 -2.22 -13.44 50.28
C PHE B 362 -3.19 -12.46 50.72
N HIS B 363 -4.43 -12.93 50.83
CA HIS B 363 -5.56 -12.20 51.18
C HIS B 363 -5.99 -11.39 50.01
N GLN C 7 -25.98 -24.61 -0.41
CA GLN C 7 -26.34 -25.14 0.94
C GLN C 7 -26.55 -24.02 1.93
N VAL C 8 -25.46 -23.30 2.31
CA VAL C 8 -25.40 -22.15 3.19
C VAL C 8 -26.48 -22.08 4.21
N LEU C 9 -26.40 -23.01 5.15
CA LEU C 9 -27.30 -23.09 6.22
C LEU C 9 -26.97 -22.04 7.22
N ALA C 10 -25.72 -21.54 7.19
CA ALA C 10 -25.26 -20.44 8.00
C ALA C 10 -26.08 -19.26 7.65
N ARG C 11 -26.25 -19.00 6.35
CA ARG C 11 -27.03 -17.89 5.87
C ARG C 11 -28.44 -18.15 6.10
N LYS C 12 -28.95 -19.26 5.54
CA LYS C 12 -30.32 -19.61 5.53
C LYS C 12 -31.02 -19.47 6.81
N TRP C 13 -30.29 -19.84 7.85
CA TRP C 13 -30.88 -19.94 9.13
C TRP C 13 -30.85 -18.69 9.86
N ARG C 14 -30.44 -17.62 9.23
CA ARG C 14 -30.35 -16.41 9.93
C ARG C 14 -31.67 -15.85 10.43
N PRO C 15 -31.62 -15.16 11.58
CA PRO C 15 -32.74 -14.51 12.22
C PRO C 15 -33.48 -13.51 11.41
N GLN C 16 -34.77 -13.19 11.67
CA GLN C 16 -35.42 -12.14 10.92
C GLN C 16 -36.51 -11.47 11.67
N THR C 17 -36.89 -12.08 12.79
CA THR C 17 -37.90 -11.56 13.64
C THR C 17 -37.27 -11.49 14.95
N PHE C 18 -38.00 -10.92 15.92
CA PHE C 18 -37.58 -10.83 17.28
C PHE C 18 -37.43 -12.16 17.85
N ALA C 19 -38.26 -13.08 17.33
CA ALA C 19 -38.23 -14.48 17.62
C ALA C 19 -36.89 -15.05 17.36
N ASP C 20 -36.31 -14.67 16.23
CA ASP C 20 -35.08 -15.28 15.83
C ASP C 20 -33.90 -14.69 16.60
N VAL C 21 -34.10 -13.56 17.32
CA VAL C 21 -33.08 -13.01 18.21
C VAL C 21 -33.08 -13.74 19.51
N VAL C 22 -31.97 -14.44 19.83
CA VAL C 22 -31.75 -15.15 21.07
C VAL C 22 -31.08 -14.17 21.96
N GLY C 23 -31.42 -14.22 23.28
CA GLY C 23 -31.00 -13.27 24.29
C GLY C 23 -31.28 -11.87 23.84
N GLN C 24 -30.52 -10.92 24.39
CA GLN C 24 -30.54 -9.51 24.07
C GLN C 24 -31.93 -9.00 24.11
N GLU C 25 -32.69 -9.50 25.08
CA GLU C 25 -34.06 -9.21 25.29
C GLU C 25 -34.17 -7.92 25.85
N HIS C 26 -33.19 -7.55 26.67
CA HIS C 26 -32.95 -6.24 27.11
C HIS C 26 -32.85 -5.31 25.92
N VAL C 27 -32.12 -5.72 24.86
CA VAL C 27 -31.97 -4.88 23.71
C VAL C 27 -33.27 -4.88 22.97
N LEU C 28 -34.06 -5.96 22.97
CA LEU C 28 -35.37 -5.99 22.33
C LEU C 28 -36.41 -5.21 23.02
N THR C 29 -36.44 -5.34 24.36
CA THR C 29 -37.30 -4.68 25.29
C THR C 29 -37.11 -3.25 25.06
N ALA C 30 -35.84 -2.79 25.12
CA ALA C 30 -35.44 -1.42 24.90
C ALA C 30 -35.94 -0.96 23.57
N LEU C 31 -35.72 -1.72 22.51
CA LEU C 31 -36.20 -1.37 21.18
C LEU C 31 -37.67 -1.20 21.06
N ALA C 32 -38.42 -2.14 21.63
CA ALA C 32 -39.84 -2.10 21.74
C ALA C 32 -40.27 -0.82 22.45
N ASN C 33 -39.71 -0.63 23.65
CA ASN C 33 -39.90 0.54 24.48
C ASN C 33 -39.68 1.92 23.86
N GLY C 34 -38.55 2.11 23.13
CA GLY C 34 -38.14 3.36 22.55
C GLY C 34 -38.89 3.64 21.29
N LEU C 35 -39.40 2.51 20.71
CA LEU C 35 -40.33 2.52 19.62
C LEU C 35 -41.69 2.96 20.09
N SER C 36 -42.13 2.63 21.34
CA SER C 36 -43.39 3.14 21.86
C SER C 36 -43.30 4.65 22.11
N LEU C 37 -42.95 5.09 23.35
CA LEU C 37 -42.74 6.51 23.61
C LEU C 37 -41.63 7.01 22.75
N GLY C 38 -41.79 8.24 22.21
CA GLY C 38 -40.87 8.77 21.26
C GLY C 38 -39.66 9.25 21.97
N ARG C 39 -38.69 8.34 22.21
CA ARG C 39 -37.44 8.65 22.85
C ARG C 39 -36.38 8.22 21.92
N ILE C 40 -36.83 7.79 20.74
CA ILE C 40 -36.07 7.49 19.60
C ILE C 40 -35.19 8.61 19.30
N HIS C 41 -33.94 8.31 19.08
CA HIS C 41 -33.02 9.32 18.71
C HIS C 41 -32.76 8.85 17.33
N HIS C 42 -32.07 9.71 16.57
CA HIS C 42 -31.84 9.50 15.17
C HIS C 42 -31.09 8.20 14.90
N ALA C 43 -30.06 8.04 15.73
CA ALA C 43 -28.96 7.15 15.69
C ALA C 43 -29.02 5.97 16.59
N TYR C 44 -28.69 4.80 16.05
CA TYR C 44 -28.62 3.65 16.93
C TYR C 44 -27.26 3.07 16.73
N LEU C 45 -26.75 2.20 17.64
CA LEU C 45 -25.43 1.66 17.44
C LEU C 45 -25.39 0.38 18.09
N PHE C 46 -25.52 -0.60 17.25
CA PHE C 46 -25.45 -1.97 17.50
C PHE C 46 -24.06 -2.44 17.42
N SER C 47 -23.58 -3.06 18.49
CA SER C 47 -22.24 -3.58 18.48
C SER C 47 -22.48 -5.00 18.92
N GLY C 48 -21.48 -5.94 18.84
CA GLY C 48 -21.72 -7.32 19.21
C GLY C 48 -21.17 -8.37 18.30
N THR C 49 -21.63 -9.63 18.49
CA THR C 49 -21.16 -10.83 17.81
C THR C 49 -21.76 -11.02 16.43
N ARG C 50 -21.11 -11.81 15.53
CA ARG C 50 -21.61 -12.10 14.18
C ARG C 50 -22.49 -13.34 14.25
N GLY C 51 -22.80 -13.82 15.47
CA GLY C 51 -23.62 -14.97 15.66
C GLY C 51 -25.07 -14.52 15.65
N VAL C 52 -25.43 -13.54 16.55
CA VAL C 52 -26.77 -12.94 16.73
C VAL C 52 -27.06 -12.12 15.54
N GLY C 53 -25.99 -11.56 14.98
CA GLY C 53 -26.07 -10.69 13.89
C GLY C 53 -26.44 -9.39 14.49
N LYS C 54 -25.50 -8.47 14.24
CA LYS C 54 -25.56 -7.05 14.39
C LYS C 54 -26.83 -6.54 13.72
N THR C 55 -27.10 -7.19 12.56
CA THR C 55 -28.08 -6.91 11.55
C THR C 55 -29.45 -7.23 11.94
N SER C 56 -29.67 -8.46 12.38
CA SER C 56 -30.96 -9.05 12.61
C SER C 56 -31.81 -8.15 13.39
N ILE C 57 -31.21 -7.68 14.49
CA ILE C 57 -31.78 -6.83 15.47
C ILE C 57 -32.09 -5.50 14.85
N ALA C 58 -31.26 -5.03 13.89
CA ALA C 58 -31.50 -3.85 13.10
C ALA C 58 -32.73 -3.98 12.27
N ARG C 59 -32.98 -5.16 11.65
CA ARG C 59 -34.09 -5.32 10.75
C ARG C 59 -35.28 -5.28 11.54
N LEU C 60 -35.24 -5.90 12.71
CA LEU C 60 -36.27 -5.76 13.68
C LEU C 60 -36.62 -4.37 14.11
N LEU C 61 -35.58 -3.52 14.36
CA LEU C 61 -35.79 -2.12 14.74
C LEU C 61 -36.49 -1.42 13.63
N ALA C 62 -35.91 -1.46 12.39
CA ALA C 62 -36.32 -0.95 11.08
C ALA C 62 -37.73 -1.24 10.76
N LYS C 63 -38.03 -2.52 10.93
CA LYS C 63 -39.33 -3.00 10.68
C LYS C 63 -40.24 -2.53 11.76
N GLY C 64 -39.71 -2.33 12.99
CA GLY C 64 -40.50 -1.68 14.00
C GLY C 64 -40.64 -0.16 13.78
N LEU C 65 -39.66 0.55 13.14
CA LEU C 65 -39.73 1.99 12.87
C LEU C 65 -40.71 2.39 11.79
N ASN C 66 -41.11 1.48 10.86
CA ASN C 66 -42.00 1.87 9.80
C ASN C 66 -42.58 0.60 9.28
N CYS C 67 -43.88 0.74 9.02
CA CYS C 67 -44.71 -0.27 8.52
C CYS C 67 -45.49 0.52 7.55
N GLU C 68 -46.74 0.11 7.39
CA GLU C 68 -47.71 0.77 6.62
C GLU C 68 -48.92 0.77 7.46
N THR C 69 -48.69 0.79 8.78
CA THR C 69 -49.74 0.76 9.74
C THR C 69 -49.27 1.73 10.79
N GLY C 70 -48.41 2.72 10.41
CA GLY C 70 -47.91 3.78 11.25
C GLY C 70 -46.58 3.31 11.78
N ILE C 71 -46.34 3.69 13.07
CA ILE C 71 -45.11 3.38 13.74
C ILE C 71 -45.49 2.67 15.01
N THR C 72 -45.03 1.41 15.15
CA THR C 72 -45.17 0.60 16.31
C THR C 72 -44.10 -0.47 16.23
N ALA C 73 -43.61 -0.94 17.42
CA ALA C 73 -42.66 -2.02 17.54
C ALA C 73 -43.23 -3.23 16.93
N THR C 74 -42.50 -4.00 16.10
CA THR C 74 -43.13 -5.14 15.48
C THR C 74 -42.05 -6.17 15.34
N PRO C 75 -42.30 -7.44 15.72
CA PRO C 75 -41.29 -8.45 15.80
C PRO C 75 -41.01 -9.04 14.48
N CYS C 76 -41.91 -8.73 13.54
CA CYS C 76 -42.06 -9.44 12.32
C CYS C 76 -42.62 -8.50 11.34
N GLY C 77 -42.49 -8.86 10.07
CA GLY C 77 -42.94 -8.08 8.96
C GLY C 77 -44.38 -7.84 9.07
N VAL C 78 -44.86 -6.81 8.42
CA VAL C 78 -46.23 -6.48 8.26
C VAL C 78 -46.10 -5.62 7.13
N CYS C 79 -47.30 -5.42 6.55
CA CYS C 79 -47.55 -4.60 5.44
C CYS C 79 -46.59 -5.00 4.42
N ASP C 80 -45.82 -4.09 3.89
CA ASP C 80 -44.76 -4.46 3.06
C ASP C 80 -43.64 -4.02 3.77
N ASN C 81 -43.65 -2.78 4.22
CA ASN C 81 -42.50 -2.07 4.67
C ASN C 81 -41.68 -2.87 5.54
N CYS C 82 -42.23 -3.29 6.63
CA CYS C 82 -41.55 -4.18 7.50
C CYS C 82 -41.05 -5.41 6.87
N ARG C 83 -41.93 -6.05 6.11
CA ARG C 83 -41.58 -7.29 5.51
C ARG C 83 -40.48 -7.21 4.63
N GLU C 84 -40.49 -6.20 3.78
CA GLU C 84 -39.54 -5.82 2.86
C GLU C 84 -38.31 -5.67 3.53
N ILE C 85 -38.37 -4.91 4.62
CA ILE C 85 -37.22 -4.48 5.34
C ILE C 85 -36.45 -5.65 5.73
N GLU C 86 -37.11 -6.57 6.42
CA GLU C 86 -36.52 -7.80 6.76
C GLU C 86 -36.22 -8.64 5.55
N GLN C 87 -37.00 -8.62 4.47
CA GLN C 87 -36.72 -9.36 3.27
C GLN C 87 -35.60 -8.84 2.48
N GLY C 88 -35.02 -7.73 2.93
CA GLY C 88 -34.00 -7.07 2.20
C GLY C 88 -34.55 -6.52 0.94
N ARG C 89 -35.70 -5.88 1.03
CA ARG C 89 -36.44 -5.42 -0.08
C ARG C 89 -36.90 -4.04 0.16
N PHE C 90 -36.80 -3.49 1.38
CA PHE C 90 -37.40 -2.19 1.61
C PHE C 90 -36.62 -1.07 0.95
N VAL C 91 -37.28 0.07 0.59
CA VAL C 91 -36.63 1.16 -0.14
C VAL C 91 -35.74 1.97 0.73
N ASP C 92 -36.22 2.36 1.93
CA ASP C 92 -35.47 3.27 2.74
C ASP C 92 -34.40 2.54 3.43
N LEU C 93 -34.37 1.18 3.26
CA LEU C 93 -33.46 0.19 3.76
C LEU C 93 -32.06 0.69 3.74
N ILE C 94 -31.53 0.94 2.53
CA ILE C 94 -30.18 1.39 2.27
C ILE C 94 -29.15 0.86 3.24
N GLU C 95 -28.81 -0.38 2.90
CA GLU C 95 -27.84 -1.27 3.44
C GLU C 95 -26.44 -0.70 3.24
N ILE C 96 -25.55 -0.57 4.28
CA ILE C 96 -24.17 -0.07 4.09
C ILE C 96 -23.14 -1.18 4.44
N ASP C 97 -22.37 -1.79 3.45
CA ASP C 97 -21.32 -2.87 3.62
C ASP C 97 -19.97 -2.66 2.83
N ALA C 98 -19.24 -3.78 2.42
CA ALA C 98 -17.90 -3.86 1.78
C ALA C 98 -17.58 -5.23 1.09
N ALA C 99 -16.48 -5.35 0.25
CA ALA C 99 -16.19 -6.54 -0.55
C ALA C 99 -14.76 -6.43 -1.14
N SER C 100 -14.72 -5.71 -2.27
CA SER C 100 -13.54 -5.13 -2.85
C SER C 100 -13.82 -3.66 -2.70
N ARG C 101 -15.06 -3.29 -2.27
CA ARG C 101 -15.59 -1.95 -2.06
C ARG C 101 -14.96 -1.46 -0.78
N THR C 102 -14.26 -0.29 -0.81
CA THR C 102 -13.60 0.30 0.34
C THR C 102 -13.44 1.81 0.06
N LYS C 103 -14.39 2.41 -0.72
CA LYS C 103 -14.38 3.78 -1.24
C LYS C 103 -15.27 4.78 -0.52
N VAL C 104 -14.93 6.08 -0.62
CA VAL C 104 -15.57 7.27 -0.08
C VAL C 104 -16.99 7.51 -0.58
N GLU C 105 -17.10 7.31 -1.92
CA GLU C 105 -18.24 7.55 -2.79
C GLU C 105 -19.47 6.87 -2.29
N ASP C 106 -19.27 5.75 -1.58
CA ASP C 106 -20.27 4.88 -1.07
C ASP C 106 -20.96 5.62 0.06
N THR C 107 -20.16 6.19 0.98
CA THR C 107 -20.61 6.94 2.14
C THR C 107 -21.35 8.11 1.74
N ARG C 108 -20.87 8.75 0.66
CA ARG C 108 -21.47 10.00 0.28
C ARG C 108 -22.97 9.99 0.10
N ASP C 109 -23.41 8.90 -0.56
CA ASP C 109 -24.81 8.75 -0.98
C ASP C 109 -25.82 8.79 0.12
N LEU C 110 -25.36 8.20 1.21
CA LEU C 110 -26.08 8.05 2.42
C LEU C 110 -26.44 9.35 3.00
N LEU C 111 -25.41 10.24 3.05
CA LEU C 111 -25.40 11.60 3.57
C LEU C 111 -26.47 12.33 2.84
N ASP C 112 -26.54 12.07 1.53
CA ASP C 112 -27.47 12.61 0.58
C ASP C 112 -28.92 12.25 0.73
N ASN C 113 -29.28 11.14 1.37
CA ASN C 113 -30.67 10.74 1.40
C ASN C 113 -31.27 11.16 2.66
N VAL C 114 -30.42 11.78 3.49
CA VAL C 114 -30.69 12.31 4.76
C VAL C 114 -31.60 13.45 4.52
N GLN C 115 -31.24 14.11 3.45
CA GLN C 115 -31.92 15.27 2.98
C GLN C 115 -33.32 14.87 2.72
N TYR C 116 -33.40 13.73 2.01
CA TYR C 116 -34.63 13.09 1.82
C TYR C 116 -35.20 12.55 3.05
N ALA C 117 -36.51 12.60 2.91
CA ALA C 117 -37.46 12.17 3.83
C ALA C 117 -37.72 10.80 3.30
N PRO C 118 -38.14 9.91 4.13
CA PRO C 118 -38.41 8.54 3.72
C PRO C 118 -39.43 8.45 2.64
N ALA C 119 -39.18 7.65 1.58
CA ALA C 119 -40.13 7.53 0.52
C ALA C 119 -41.24 6.59 0.85
N ARG C 120 -41.00 5.55 1.67
CA ARG C 120 -42.04 4.61 2.00
C ARG C 120 -42.10 4.47 3.45
N GLY C 121 -40.95 4.72 4.08
CA GLY C 121 -40.84 4.56 5.48
C GLY C 121 -41.54 5.70 6.10
N ARG C 122 -41.67 5.60 7.42
CA ARG C 122 -42.17 6.67 8.21
C ARG C 122 -40.94 7.46 8.60
N PHE C 123 -39.76 6.85 8.38
CA PHE C 123 -38.48 7.41 8.62
C PHE C 123 -37.65 6.75 7.64
N LYS C 124 -36.52 7.42 7.36
CA LYS C 124 -35.58 6.89 6.45
C LYS C 124 -34.89 5.88 7.27
N VAL C 125 -34.65 4.68 6.73
CA VAL C 125 -34.14 3.62 7.55
C VAL C 125 -32.88 3.06 7.00
N TYR C 126 -31.76 3.80 7.02
CA TYR C 126 -30.43 3.29 6.68
C TYR C 126 -29.92 2.35 7.69
N LEU C 127 -29.14 1.38 7.21
CA LEU C 127 -28.57 0.41 8.10
C LEU C 127 -27.16 0.00 7.77
N ILE C 128 -26.14 0.40 8.55
CA ILE C 128 -24.76 -0.11 8.38
C ILE C 128 -24.69 -1.48 9.04
N ASP C 129 -23.70 -2.36 8.65
CA ASP C 129 -23.30 -3.63 9.31
C ASP C 129 -22.13 -3.30 10.21
N GLU C 130 -20.92 -3.32 9.64
CA GLU C 130 -19.70 -3.14 10.39
C GLU C 130 -18.99 -2.17 9.56
N VAL C 131 -18.34 -1.26 10.25
CA VAL C 131 -17.73 -0.20 9.56
C VAL C 131 -16.38 -0.15 10.17
N HIS C 132 -15.40 -0.40 9.27
CA HIS C 132 -14.02 -0.56 9.58
C HIS C 132 -13.24 -0.96 8.36
N MET C 133 -13.88 -1.14 7.18
CA MET C 133 -13.20 -1.54 5.97
C MET C 133 -13.03 -0.35 5.10
N LEU C 134 -13.94 0.64 5.28
CA LEU C 134 -13.97 1.94 4.66
C LEU C 134 -12.80 2.78 5.04
N SER C 135 -12.47 3.70 4.11
CA SER C 135 -11.51 4.76 4.27
C SER C 135 -11.87 5.77 5.36
N ARG C 136 -10.80 6.43 5.88
CA ARG C 136 -10.70 7.45 6.91
C ARG C 136 -11.69 8.57 6.83
N HIS C 137 -12.03 8.95 5.58
CA HIS C 137 -12.80 10.10 5.20
C HIS C 137 -14.23 10.05 5.56
N SER C 138 -14.84 8.96 5.11
CA SER C 138 -16.21 8.63 5.26
C SER C 138 -16.70 8.68 6.68
N PHE C 139 -15.81 8.38 7.66
CA PHE C 139 -16.03 8.42 9.07
C PHE C 139 -16.38 9.82 9.46
N ASN C 140 -15.53 10.75 9.07
CA ASN C 140 -15.66 12.13 9.37
C ASN C 140 -16.79 12.80 8.70
N ALA C 141 -17.07 12.38 7.45
CA ALA C 141 -18.18 12.84 6.62
C ALA C 141 -19.49 12.77 7.31
N LEU C 142 -19.58 11.74 8.15
CA LEU C 142 -20.68 11.49 8.99
C LEU C 142 -20.74 12.32 10.21
N LEU C 143 -19.65 12.97 10.67
CA LEU C 143 -19.68 13.76 11.87
C LEU C 143 -20.71 14.77 11.74
N LYS C 144 -20.53 15.46 10.61
CA LYS C 144 -21.34 16.48 10.07
C LYS C 144 -22.79 16.18 10.15
N THR C 145 -23.25 15.23 9.30
CA THR C 145 -24.63 14.93 9.11
C THR C 145 -25.25 14.42 10.36
N LEU C 146 -24.52 13.58 11.06
CA LEU C 146 -24.90 13.12 12.34
C LEU C 146 -25.12 14.09 13.35
N GLU C 147 -24.19 15.03 13.38
CA GLU C 147 -24.15 16.03 14.38
C GLU C 147 -25.42 16.70 14.47
N GLU C 148 -25.86 17.06 13.29
CA GLU C 148 -27.10 17.65 13.12
C GLU C 148 -27.85 16.90 12.10
N PRO C 149 -28.80 16.10 12.48
CA PRO C 149 -29.54 15.25 11.56
C PRO C 149 -30.96 15.75 11.31
N PRO C 150 -31.68 15.46 10.22
CA PRO C 150 -33.07 15.82 9.95
C PRO C 150 -33.94 15.25 10.94
N GLU C 151 -35.18 15.74 10.96
CA GLU C 151 -36.14 15.21 11.84
C GLU C 151 -36.95 14.21 11.10
N HIS C 152 -36.31 13.39 10.23
CA HIS C 152 -37.05 12.37 9.55
C HIS C 152 -36.15 11.39 8.90
N VAL C 153 -34.88 11.35 9.32
CA VAL C 153 -33.94 10.43 8.76
C VAL C 153 -33.38 9.73 9.93
N LYS C 154 -33.43 8.37 9.93
CA LYS C 154 -32.85 7.58 10.99
C LYS C 154 -31.76 6.78 10.40
N PHE C 155 -30.60 6.87 11.06
CA PHE C 155 -29.39 6.21 10.76
C PHE C 155 -29.20 5.14 11.83
N LEU C 156 -29.33 3.87 11.46
CA LEU C 156 -29.15 2.84 12.45
C LEU C 156 -27.81 2.26 12.21
N LEU C 157 -26.82 2.72 12.97
CA LEU C 157 -25.46 2.32 12.84
C LEU C 157 -25.27 1.04 13.49
N ALA C 158 -24.26 0.34 13.01
CA ALA C 158 -23.81 -0.82 13.62
C ALA C 158 -22.36 -0.76 13.44
N THR C 159 -21.64 -1.01 14.50
CA THR C 159 -20.23 -1.07 14.44
C THR C 159 -20.07 -2.04 15.53
N THR C 160 -19.55 -3.25 15.14
CA THR C 160 -19.29 -4.42 15.94
C THR C 160 -18.57 -3.94 17.16
N ASP C 161 -17.70 -2.92 16.92
CA ASP C 161 -16.98 -2.22 17.91
C ASP C 161 -17.40 -0.78 17.77
N PRO C 162 -17.94 -0.14 18.80
CA PRO C 162 -18.21 1.29 18.76
C PRO C 162 -16.93 2.06 18.71
N GLN C 163 -15.78 1.37 18.90
CA GLN C 163 -14.47 1.90 18.87
C GLN C 163 -14.12 2.57 17.59
N LYS C 164 -14.56 2.00 16.45
CA LYS C 164 -14.34 2.56 15.13
C LYS C 164 -14.89 3.93 14.99
N LEU C 165 -16.03 4.22 15.63
CA LEU C 165 -16.74 5.46 15.53
C LEU C 165 -16.27 6.65 16.36
N PRO C 166 -16.09 7.86 15.77
CA PRO C 166 -15.78 9.07 16.52
C PRO C 166 -16.77 9.44 17.63
N VAL C 167 -16.18 9.95 18.72
CA VAL C 167 -16.79 10.27 19.96
C VAL C 167 -17.91 11.29 19.95
N THR C 168 -17.85 12.37 19.14
CA THR C 168 -18.90 13.39 19.09
C THR C 168 -20.18 12.82 18.62
N ILE C 169 -20.08 11.98 17.58
CA ILE C 169 -21.21 11.32 17.09
C ILE C 169 -21.59 10.18 18.04
N LEU C 170 -20.60 9.61 18.77
CA LEU C 170 -20.79 8.48 19.68
C LEU C 170 -21.40 8.86 20.99
N SER C 171 -21.13 10.09 21.47
CA SER C 171 -21.70 10.77 22.59
C SER C 171 -23.15 10.88 22.49
N ARG C 172 -23.54 11.01 21.22
CA ARG C 172 -24.89 11.14 20.87
C ARG C 172 -25.61 9.85 20.74
N CYS C 173 -24.95 8.76 20.24
CA CYS C 173 -25.54 7.42 19.93
C CYS C 173 -26.33 6.65 21.00
N LEU C 174 -27.49 6.03 20.58
CA LEU C 174 -28.16 4.99 21.36
C LEU C 174 -27.56 3.64 21.03
N GLN C 175 -26.56 3.28 21.86
CA GLN C 175 -25.81 2.07 21.88
C GLN C 175 -26.63 0.92 22.32
N PHE C 176 -26.47 -0.20 21.64
CA PHE C 176 -27.05 -1.44 22.02
C PHE C 176 -26.00 -2.38 21.65
N HIS C 177 -25.79 -3.34 22.54
CA HIS C 177 -24.75 -4.28 22.38
C HIS C 177 -25.37 -5.61 22.44
N LEU C 178 -24.97 -6.42 21.45
CA LEU C 178 -25.27 -7.80 21.27
C LEU C 178 -24.05 -8.48 21.79
N LYS C 179 -24.24 -9.64 22.40
CA LYS C 179 -23.20 -10.37 23.06
C LYS C 179 -23.29 -11.80 22.55
N ALA C 180 -22.27 -12.64 22.89
CA ALA C 180 -22.06 -14.07 22.57
C ALA C 180 -23.11 -15.06 23.11
N LEU C 181 -23.22 -16.32 22.56
CA LEU C 181 -24.22 -17.31 22.99
C LEU C 181 -23.61 -18.62 23.40
N ASP C 182 -24.15 -19.18 24.51
CA ASP C 182 -23.70 -20.38 25.16
C ASP C 182 -23.70 -21.51 24.25
N VAL C 183 -22.83 -22.44 24.56
CA VAL C 183 -22.83 -23.77 24.06
C VAL C 183 -24.13 -24.38 24.36
N GLU C 184 -24.70 -24.13 25.55
CA GLU C 184 -25.94 -24.72 25.86
C GLU C 184 -27.02 -24.14 25.10
N GLN C 185 -27.01 -22.85 24.97
CA GLN C 185 -28.02 -22.22 24.22
C GLN C 185 -27.93 -22.55 22.82
N ILE C 186 -26.70 -22.60 22.29
CA ILE C 186 -26.32 -23.00 20.99
C ILE C 186 -26.70 -24.41 20.76
N ARG C 187 -26.33 -25.29 21.68
CA ARG C 187 -26.63 -26.69 21.65
C ARG C 187 -28.08 -26.89 21.62
N HIS C 188 -28.76 -26.08 22.42
CA HIS C 188 -30.14 -26.02 22.57
C HIS C 188 -30.75 -25.64 21.27
N GLN C 189 -30.07 -24.72 20.60
CA GLN C 189 -30.42 -24.23 19.32
C GLN C 189 -30.28 -25.08 18.15
N LEU C 190 -29.08 -25.57 17.89
CA LEU C 190 -28.70 -26.40 16.80
C LEU C 190 -29.59 -27.56 16.69
N GLU C 191 -30.02 -28.02 17.88
CA GLU C 191 -30.93 -29.10 18.06
C GLU C 191 -32.20 -28.69 17.50
N HIS C 192 -32.76 -27.59 18.01
CA HIS C 192 -33.95 -27.00 17.48
C HIS C 192 -33.95 -26.80 15.99
N ILE C 193 -32.84 -26.38 15.37
CA ILE C 193 -32.78 -26.05 13.96
C ILE C 193 -32.63 -27.26 13.14
N LEU C 194 -31.96 -28.23 13.74
CA LEU C 194 -31.76 -29.49 13.17
C LEU C 194 -32.94 -30.27 13.43
N ASN C 195 -33.87 -29.73 14.19
CA ASN C 195 -35.06 -30.40 14.34
C ASN C 195 -35.88 -29.77 13.28
N GLU C 196 -35.84 -28.46 13.03
CA GLU C 196 -36.61 -27.99 11.91
C GLU C 196 -36.26 -28.55 10.57
N GLU C 197 -34.97 -28.45 10.20
CA GLU C 197 -34.48 -29.21 9.10
C GLU C 197 -33.86 -30.27 9.87
N HIS C 198 -34.72 -31.31 9.99
CA HIS C 198 -34.51 -32.49 10.71
C HIS C 198 -33.29 -33.09 10.19
N ILE C 199 -32.30 -33.13 11.04
CA ILE C 199 -31.06 -33.59 10.59
C ILE C 199 -30.53 -34.07 11.83
N ALA C 200 -30.01 -35.28 11.68
CA ALA C 200 -29.50 -36.07 12.72
C ALA C 200 -28.36 -35.40 13.36
N HIS C 201 -28.24 -35.70 14.63
CA HIS C 201 -27.31 -35.07 15.42
C HIS C 201 -27.35 -35.89 16.63
N GLU C 202 -26.42 -35.67 17.52
CA GLU C 202 -26.51 -36.33 18.77
C GLU C 202 -26.06 -35.21 19.63
N PRO C 203 -26.58 -35.01 20.82
CA PRO C 203 -26.22 -33.93 21.71
C PRO C 203 -24.78 -33.82 21.91
N ARG C 204 -24.01 -34.92 21.82
CA ARG C 204 -22.58 -34.92 21.99
C ARG C 204 -21.95 -34.34 20.82
N ALA C 205 -22.37 -34.74 19.62
CA ALA C 205 -21.98 -34.12 18.40
C ALA C 205 -22.35 -32.67 18.47
N LEU C 206 -23.58 -32.37 18.98
CA LEU C 206 -24.07 -31.03 19.24
C LEU C 206 -23.27 -30.28 20.17
N GLN C 207 -22.89 -30.86 21.29
CA GLN C 207 -22.00 -30.27 22.22
C GLN C 207 -20.67 -30.01 21.62
N LEU C 208 -20.11 -30.99 20.86
CA LEU C 208 -18.82 -30.92 20.22
C LEU C 208 -18.83 -29.80 19.26
N LEU C 209 -19.95 -29.65 18.53
CA LEU C 209 -20.20 -28.59 17.62
C LEU C 209 -20.45 -27.28 18.26
N ALA C 210 -21.43 -27.20 19.19
CA ALA C 210 -21.89 -26.09 19.98
C ALA C 210 -20.76 -25.50 20.72
N ARG C 211 -19.77 -26.35 21.09
CA ARG C 211 -18.60 -25.98 21.81
C ARG C 211 -17.67 -25.28 20.83
N ALA C 212 -17.32 -25.96 19.72
CA ALA C 212 -16.39 -25.46 18.72
C ALA C 212 -16.73 -24.12 18.04
N ALA C 213 -18.04 -23.73 18.01
CA ALA C 213 -18.60 -22.58 17.30
C ALA C 213 -18.14 -21.16 17.56
N GLU C 214 -17.60 -20.89 18.78
CA GLU C 214 -17.12 -19.57 19.19
C GLU C 214 -18.21 -18.57 19.33
N GLY C 215 -19.32 -18.93 20.02
CA GLY C 215 -20.38 -18.02 20.35
C GLY C 215 -21.08 -17.48 19.11
N SER C 216 -20.74 -18.03 17.91
CA SER C 216 -21.18 -17.53 16.66
C SER C 216 -21.93 -18.68 16.21
N LEU C 217 -23.24 -18.46 16.25
CA LEU C 217 -24.21 -19.38 15.85
C LEU C 217 -24.01 -19.58 14.39
N ARG C 218 -23.75 -18.49 13.66
CA ARG C 218 -23.39 -18.58 12.29
C ARG C 218 -22.25 -19.47 11.99
N ASP C 219 -21.24 -19.47 12.87
CA ASP C 219 -20.15 -20.34 12.73
C ASP C 219 -20.45 -21.76 13.14
N ALA C 220 -21.33 -21.92 14.16
CA ALA C 220 -21.77 -23.20 14.71
C ALA C 220 -22.47 -23.94 13.63
N LEU C 221 -23.07 -23.15 12.74
CA LEU C 221 -23.84 -23.60 11.65
C LEU C 221 -22.85 -23.95 10.55
N SER C 222 -21.70 -23.21 10.36
CA SER C 222 -20.66 -23.59 9.40
C SER C 222 -20.03 -24.94 9.62
N LEU C 223 -19.91 -25.33 10.87
CA LEU C 223 -19.32 -26.56 11.31
C LEU C 223 -20.24 -27.71 11.11
N THR C 224 -21.54 -27.46 11.42
CA THR C 224 -22.60 -28.42 11.28
C THR C 224 -22.68 -28.79 9.82
N ASP C 225 -22.54 -27.77 8.94
CA ASP C 225 -22.48 -27.92 7.49
C ASP C 225 -21.45 -28.92 6.94
N GLN C 226 -20.24 -29.04 7.53
CA GLN C 226 -19.18 -29.86 6.98
C GLN C 226 -19.14 -31.18 7.68
N ALA C 227 -19.89 -31.31 8.81
CA ALA C 227 -20.29 -32.56 9.41
C ALA C 227 -21.24 -33.33 8.51
N ILE C 228 -22.38 -32.69 8.13
CA ILE C 228 -23.42 -33.16 7.23
C ILE C 228 -22.72 -33.64 5.93
N ALA C 229 -21.73 -32.90 5.43
CA ALA C 229 -20.96 -33.20 4.24
C ALA C 229 -19.80 -34.13 4.31
N SER C 230 -19.16 -34.21 5.49
CA SER C 230 -18.10 -35.13 5.76
C SER C 230 -18.63 -36.50 5.82
N GLY C 231 -19.85 -36.46 6.35
CA GLY C 231 -20.81 -37.48 6.32
C GLY C 231 -21.55 -37.18 5.07
N ASP C 232 -22.82 -37.58 5.15
CA ASP C 232 -23.77 -37.58 4.08
C ASP C 232 -25.02 -36.96 4.58
N GLY C 233 -24.92 -36.34 5.76
CA GLY C 233 -25.96 -35.58 6.39
C GLY C 233 -26.00 -35.87 7.81
N GLN C 234 -25.10 -36.72 8.27
CA GLN C 234 -25.00 -37.04 9.66
C GLN C 234 -24.18 -36.09 10.40
N VAL C 235 -24.53 -36.07 11.71
CA VAL C 235 -23.88 -35.24 12.66
C VAL C 235 -23.63 -36.11 13.84
N SER C 236 -22.73 -37.08 13.57
CA SER C 236 -22.28 -38.01 14.51
C SER C 236 -21.10 -37.42 15.13
N THR C 237 -20.74 -37.93 16.28
CA THR C 237 -19.60 -37.54 16.96
C THR C 237 -18.38 -37.79 16.24
N GLN C 238 -18.10 -38.94 15.57
CA GLN C 238 -16.82 -39.14 14.87
C GLN C 238 -16.45 -38.14 13.84
N ALA C 239 -17.39 -37.86 12.91
CA ALA C 239 -17.21 -36.95 11.82
C ALA C 239 -16.87 -35.65 12.41
N VAL C 240 -17.66 -35.32 13.45
CA VAL C 240 -17.54 -34.12 14.20
C VAL C 240 -16.25 -34.06 14.96
N SER C 241 -15.93 -35.04 15.78
CA SER C 241 -14.79 -35.08 16.60
C SER C 241 -13.56 -35.18 15.77
N ALA C 242 -13.46 -35.97 14.68
CA ALA C 242 -12.40 -36.02 13.70
C ALA C 242 -12.14 -34.87 12.78
N MET C 243 -13.23 -34.35 12.14
CA MET C 243 -13.12 -33.23 11.24
C MET C 243 -12.89 -32.02 12.12
N LEU C 244 -13.31 -32.12 13.42
CA LEU C 244 -13.03 -31.13 14.47
C LEU C 244 -11.75 -31.43 15.20
N GLY C 245 -11.20 -32.64 15.10
CA GLY C 245 -10.12 -33.08 15.94
C GLY C 245 -10.37 -32.99 17.46
N THR C 246 -11.56 -33.19 18.08
CA THR C 246 -11.74 -33.12 19.52
C THR C 246 -12.55 -34.25 20.07
N LEU C 247 -12.10 -34.72 21.27
CA LEU C 247 -12.69 -35.76 22.09
C LEU C 247 -13.62 -35.13 23.07
N ASP C 248 -13.76 -35.86 24.23
CA ASP C 248 -14.60 -35.54 25.34
C ASP C 248 -13.88 -35.47 26.65
N ASP C 249 -14.23 -34.50 27.47
CA ASP C 249 -13.60 -34.16 28.72
C ASP C 249 -13.26 -35.30 29.59
N ASP C 250 -14.05 -36.35 29.61
CA ASP C 250 -13.89 -37.52 30.34
C ASP C 250 -12.65 -38.20 30.20
N GLN C 251 -12.16 -38.22 28.97
CA GLN C 251 -10.94 -38.81 28.59
C GLN C 251 -9.82 -38.24 29.33
N ALA C 252 -9.84 -36.89 29.30
CA ALA C 252 -8.90 -36.14 30.01
C ALA C 252 -9.10 -36.36 31.45
N LEU C 253 -10.35 -36.30 31.90
CA LEU C 253 -10.73 -36.36 33.25
C LEU C 253 -10.42 -37.58 33.93
N SER C 254 -10.59 -38.65 33.23
CA SER C 254 -10.15 -39.90 33.59
C SER C 254 -8.68 -39.88 33.68
N LEU C 255 -7.96 -39.11 32.90
CA LEU C 255 -6.55 -39.12 33.02
C LEU C 255 -6.09 -38.33 34.10
N VAL C 256 -6.72 -37.22 34.34
CA VAL C 256 -6.39 -36.32 35.36
C VAL C 256 -6.52 -36.90 36.69
N GLU C 257 -7.52 -37.78 36.75
CA GLU C 257 -7.83 -38.51 37.89
C GLU C 257 -6.68 -39.40 37.90
N ALA C 258 -6.23 -39.85 36.74
CA ALA C 258 -4.98 -40.51 36.85
C ALA C 258 -3.73 -39.78 37.33
N MET C 259 -3.41 -38.58 36.86
CA MET C 259 -2.24 -37.91 37.37
C MET C 259 -2.26 -37.61 38.83
N VAL C 260 -3.41 -37.17 39.39
CA VAL C 260 -3.50 -36.67 40.74
C VAL C 260 -3.09 -37.68 41.70
N GLU C 261 -3.49 -38.84 41.23
CA GLU C 261 -3.41 -40.08 41.81
C GLU C 261 -2.08 -40.62 41.35
N ALA C 262 -1.24 -39.74 40.82
CA ALA C 262 0.14 -39.86 40.46
C ALA C 262 0.44 -40.84 39.38
N ASN C 263 -0.58 -41.48 38.76
CA ASN C 263 -0.44 -42.61 37.86
C ASN C 263 0.52 -42.42 36.73
N GLY C 264 1.29 -43.46 36.34
CA GLY C 264 2.27 -43.31 35.28
C GLY C 264 2.03 -44.18 34.09
N GLU C 265 1.14 -45.09 34.32
CA GLU C 265 0.76 -46.04 33.42
C GLU C 265 -0.48 -45.60 32.88
N ARG C 266 -1.41 -45.13 33.78
CA ARG C 266 -2.74 -44.66 33.46
C ARG C 266 -2.57 -43.56 32.57
N VAL C 267 -1.66 -42.71 32.97
CA VAL C 267 -1.35 -41.57 32.23
C VAL C 267 -0.69 -42.02 30.97
N MET C 268 0.18 -43.06 30.96
CA MET C 268 0.77 -43.55 29.75
C MET C 268 -0.18 -44.08 28.76
N ALA C 269 -1.15 -44.73 29.32
CA ALA C 269 -2.26 -45.23 28.65
C ALA C 269 -3.08 -44.28 27.90
N LEU C 270 -3.55 -43.23 28.60
CA LEU C 270 -4.50 -42.31 28.07
C LEU C 270 -3.72 -41.45 27.14
N ILE C 271 -2.39 -41.35 27.40
CA ILE C 271 -1.40 -40.83 26.50
C ILE C 271 -1.47 -41.50 25.20
N ASN C 272 -1.40 -42.83 25.21
CA ASN C 272 -1.58 -43.52 24.01
C ASN C 272 -3.01 -43.42 23.50
N GLU C 273 -4.10 -43.41 24.36
CA GLU C 273 -5.51 -43.26 23.97
C GLU C 273 -5.71 -42.12 23.10
N ALA C 274 -5.07 -41.03 23.48
CA ALA C 274 -5.07 -39.86 22.72
C ALA C 274 -4.36 -40.03 21.43
N ALA C 275 -3.14 -40.62 21.44
CA ALA C 275 -2.32 -40.77 20.25
C ALA C 275 -2.97 -41.64 19.27
N ALA C 276 -3.78 -42.56 19.78
CA ALA C 276 -4.51 -43.39 18.92
C ALA C 276 -5.68 -42.73 18.22
N ARG C 277 -6.47 -41.77 18.77
CA ARG C 277 -7.65 -41.25 18.04
C ARG C 277 -7.42 -40.31 16.90
N GLY C 278 -6.13 -40.14 16.52
CA GLY C 278 -5.69 -39.24 15.49
C GLY C 278 -6.18 -37.87 15.91
N ILE C 279 -6.01 -37.62 17.25
CA ILE C 279 -6.49 -36.47 17.97
C ILE C 279 -5.27 -35.88 18.67
N GLU C 280 -5.38 -34.54 18.82
CA GLU C 280 -4.45 -33.54 19.26
C GLU C 280 -3.90 -33.63 20.71
N TRP C 281 -2.62 -33.24 20.95
CA TRP C 281 -1.92 -33.39 22.21
C TRP C 281 -2.10 -32.30 23.17
N GLU C 282 -2.22 -31.06 22.69
CA GLU C 282 -2.41 -29.93 23.55
C GLU C 282 -3.83 -29.75 23.82
N ALA C 283 -4.75 -30.36 23.01
CA ALA C 283 -6.17 -30.32 23.25
C ALA C 283 -6.40 -30.78 24.62
N LEU C 284 -5.63 -31.78 24.95
CA LEU C 284 -5.57 -32.41 26.18
C LEU C 284 -5.07 -31.48 27.19
N LEU C 285 -3.93 -30.86 26.91
CA LEU C 285 -3.32 -29.96 27.86
C LEU C 285 -4.17 -28.90 28.30
N VAL C 286 -4.84 -28.38 27.30
CA VAL C 286 -5.81 -27.40 27.48
C VAL C 286 -6.92 -27.87 28.31
N GLU C 287 -7.47 -29.02 27.90
CA GLU C 287 -8.56 -29.65 28.57
C GLU C 287 -8.26 -29.79 30.03
N MET C 288 -7.05 -30.16 30.32
CA MET C 288 -6.59 -30.29 31.66
C MET C 288 -6.51 -29.07 32.53
N LEU C 289 -6.01 -27.95 31.98
CA LEU C 289 -5.96 -26.73 32.76
C LEU C 289 -7.31 -26.17 33.11
N GLY C 290 -8.25 -26.28 32.17
CA GLY C 290 -9.63 -25.92 32.39
C GLY C 290 -10.27 -26.55 33.54
N LEU C 291 -10.02 -27.85 33.66
CA LEU C 291 -10.64 -28.66 34.65
C LEU C 291 -10.05 -28.28 35.94
N LEU C 292 -8.73 -28.11 35.97
CA LEU C 292 -8.07 -27.71 37.19
C LEU C 292 -8.64 -26.56 37.81
N HIS C 293 -8.97 -25.64 36.93
CA HIS C 293 -9.55 -24.48 37.37
C HIS C 293 -10.92 -24.71 37.89
N ARG C 294 -11.74 -25.50 37.22
CA ARG C 294 -13.08 -25.77 37.60
C ARG C 294 -13.27 -26.39 38.85
N ILE C 295 -12.38 -27.31 39.11
CA ILE C 295 -12.27 -28.03 40.32
C ILE C 295 -12.04 -27.04 41.31
N ALA C 296 -11.02 -26.23 41.04
CA ALA C 296 -10.62 -25.26 41.94
C ALA C 296 -11.72 -24.27 42.19
N MET C 297 -12.58 -24.01 41.21
CA MET C 297 -13.72 -23.18 41.39
C MET C 297 -14.71 -23.71 42.27
N VAL C 298 -14.88 -25.00 42.11
CA VAL C 298 -15.83 -25.72 42.84
C VAL C 298 -15.40 -25.83 44.23
N GLN C 299 -14.09 -25.60 44.46
CA GLN C 299 -13.56 -25.48 45.77
C GLN C 299 -14.25 -24.39 46.50
N LEU C 300 -14.37 -23.21 45.89
CA LEU C 300 -14.90 -22.07 46.59
C LEU C 300 -16.37 -21.93 46.56
N SER C 301 -17.06 -22.37 45.53
CA SER C 301 -18.45 -22.15 45.52
C SER C 301 -18.94 -23.34 44.84
N PRO C 302 -20.17 -23.74 45.08
CA PRO C 302 -20.76 -24.94 44.51
C PRO C 302 -21.26 -24.52 43.20
N ALA C 303 -20.32 -24.08 42.42
CA ALA C 303 -20.64 -23.35 41.32
C ALA C 303 -19.39 -23.50 40.57
N ALA C 304 -19.69 -23.41 39.28
CA ALA C 304 -18.81 -23.40 38.19
C ALA C 304 -18.32 -24.77 37.89
N LEU C 305 -18.98 -25.28 36.84
CA LEU C 305 -18.86 -26.59 36.24
C LEU C 305 -19.29 -26.38 34.81
N GLY C 306 -18.81 -27.23 33.88
CA GLY C 306 -19.13 -27.24 32.45
C GLY C 306 -20.55 -27.60 31.94
N ASN C 307 -20.69 -27.51 30.54
CA ASN C 307 -21.81 -27.82 29.60
C ASN C 307 -21.42 -29.01 28.69
N ASP C 308 -20.20 -29.62 28.87
CA ASP C 308 -19.72 -30.83 28.20
C ASP C 308 -19.71 -31.88 29.32
N MET C 309 -20.20 -31.45 30.51
CA MET C 309 -20.44 -32.28 31.67
C MET C 309 -21.76 -31.74 32.03
N ALA C 310 -22.72 -32.67 32.09
CA ALA C 310 -24.01 -32.39 32.61
C ALA C 310 -24.06 -33.30 33.81
N ALA C 311 -23.01 -34.18 33.98
CA ALA C 311 -23.01 -35.25 34.93
C ALA C 311 -21.62 -35.75 35.32
N ILE C 312 -20.56 -34.98 35.19
CA ILE C 312 -19.27 -35.45 35.60
C ILE C 312 -18.86 -34.44 36.62
N GLU C 313 -19.91 -33.70 37.08
CA GLU C 313 -20.09 -32.69 38.07
C GLU C 313 -19.53 -33.22 39.32
N LEU C 314 -19.88 -34.47 39.62
CA LEU C 314 -19.45 -35.16 40.76
C LEU C 314 -18.02 -35.40 40.74
N ARG C 315 -17.43 -35.87 39.58
CA ARG C 315 -16.00 -36.05 39.44
C ARG C 315 -15.38 -34.74 39.78
N MET C 316 -15.93 -33.64 39.30
CA MET C 316 -15.51 -32.31 39.68
C MET C 316 -15.59 -31.91 41.10
N ARG C 317 -16.78 -32.13 41.73
CA ARG C 317 -17.11 -31.75 43.09
C ARG C 317 -16.15 -32.37 43.93
N GLU C 318 -15.98 -33.62 43.55
CA GLU C 318 -15.09 -34.49 44.14
C GLU C 318 -13.71 -34.01 44.13
N LEU C 319 -13.20 -33.80 42.94
CA LEU C 319 -11.89 -33.35 42.69
C LEU C 319 -11.60 -32.06 43.42
N ALA C 320 -12.62 -31.19 43.60
CA ALA C 320 -12.48 -29.93 44.25
C ALA C 320 -12.30 -30.14 45.68
N ARG C 321 -13.01 -31.11 46.20
CA ARG C 321 -12.97 -31.46 47.57
C ARG C 321 -11.68 -32.09 47.93
N THR C 322 -11.15 -32.98 47.08
CA THR C 322 -10.11 -33.88 47.51
C THR C 322 -8.76 -33.48 47.22
N ILE C 323 -8.68 -32.43 46.45
CA ILE C 323 -7.42 -32.12 45.94
C ILE C 323 -7.21 -30.83 46.54
N PRO C 324 -6.11 -30.77 47.31
CA PRO C 324 -5.76 -29.55 47.94
C PRO C 324 -5.59 -28.54 46.87
N PRO C 325 -5.95 -27.31 47.05
CA PRO C 325 -5.79 -26.23 46.09
C PRO C 325 -4.41 -26.25 45.47
N THR C 326 -3.37 -26.48 46.30
CA THR C 326 -1.98 -26.51 45.94
C THR C 326 -1.65 -27.36 44.80
N ASP C 327 -2.16 -28.56 44.92
CA ASP C 327 -1.97 -29.55 43.96
C ASP C 327 -2.50 -29.01 42.66
N ILE C 328 -3.74 -28.45 42.69
CA ILE C 328 -4.46 -27.94 41.54
C ILE C 328 -3.69 -26.86 40.83
N GLN C 329 -3.10 -25.94 41.57
CA GLN C 329 -2.22 -25.01 40.95
C GLN C 329 -0.99 -25.58 40.34
N LEU C 330 -0.30 -26.55 41.01
CA LEU C 330 0.97 -27.14 40.56
C LEU C 330 0.86 -27.67 39.24
N TYR C 331 -0.18 -28.41 39.12
CA TYR C 331 -0.52 -29.14 37.96
C TYR C 331 -0.90 -28.27 36.81
N TYR C 332 -1.70 -27.21 37.11
CA TYR C 332 -2.25 -26.33 36.10
C TYR C 332 -1.13 -25.63 35.58
N GLN C 333 -0.24 -25.42 36.50
CA GLN C 333 0.95 -24.88 36.13
C GLN C 333 1.92 -25.65 35.35
N THR C 334 2.14 -26.89 35.73
CA THR C 334 3.06 -27.77 35.09
C THR C 334 2.59 -27.88 33.69
N LEU C 335 1.28 -28.01 33.58
CA LEU C 335 0.62 -28.13 32.34
C LEU C 335 0.74 -27.00 31.46
N LEU C 336 0.45 -25.83 31.99
CA LEU C 336 0.46 -24.64 31.22
C LEU C 336 1.83 -24.49 30.61
N ILE C 337 2.89 -24.81 31.36
CA ILE C 337 4.23 -24.71 30.84
C ILE C 337 4.47 -25.63 29.75
N GLY C 338 3.87 -26.82 29.83
CA GLY C 338 3.88 -27.78 28.77
C GLY C 338 3.46 -27.07 27.57
N ARG C 339 2.29 -26.44 27.65
CA ARG C 339 1.76 -25.76 26.54
C ARG C 339 2.57 -24.79 25.78
N LYS C 340 3.33 -24.04 26.54
CA LYS C 340 4.13 -23.07 25.96
C LYS C 340 5.36 -23.56 25.36
N GLU C 341 5.85 -24.64 25.95
CA GLU C 341 7.16 -25.10 25.68
C GLU C 341 7.06 -26.17 24.74
N LEU C 342 5.83 -26.62 24.55
CA LEU C 342 5.53 -27.69 23.74
C LEU C 342 6.06 -27.51 22.41
N PRO C 343 6.05 -26.33 21.84
CA PRO C 343 6.75 -26.11 20.63
C PRO C 343 8.17 -26.61 20.59
N TYR C 344 8.97 -26.38 21.61
CA TYR C 344 10.37 -26.69 21.48
C TYR C 344 10.56 -28.06 21.78
N ALA C 345 9.51 -28.74 22.28
CA ALA C 345 9.51 -30.13 22.57
C ALA C 345 10.05 -30.89 21.42
N PRO C 346 10.53 -32.10 21.64
CA PRO C 346 11.14 -32.86 20.59
C PRO C 346 9.99 -33.55 20.00
N ASP C 347 8.78 -33.24 20.48
CA ASP C 347 7.59 -33.87 20.11
C ASP C 347 6.64 -33.50 21.15
N ARG C 348 5.49 -33.11 20.67
CA ARG C 348 4.28 -32.89 21.36
C ARG C 348 3.79 -33.98 22.18
N ARG C 349 3.84 -35.22 21.72
CA ARG C 349 3.49 -36.32 22.51
C ARG C 349 4.45 -36.53 23.59
N MET C 350 5.75 -36.39 23.35
CA MET C 350 6.82 -36.54 24.30
C MET C 350 6.80 -35.54 25.27
N GLY C 351 6.41 -34.39 24.77
CA GLY C 351 6.39 -33.12 25.34
C GLY C 351 5.34 -33.16 26.33
N VAL C 352 4.23 -33.75 25.84
CA VAL C 352 3.02 -33.92 26.54
C VAL C 352 3.32 -34.91 27.61
N GLU C 353 3.86 -36.04 27.19
CA GLU C 353 4.37 -37.06 28.04
C GLU C 353 5.34 -36.57 29.05
N MET C 354 6.20 -35.63 28.68
CA MET C 354 7.21 -35.20 29.53
C MET C 354 6.81 -34.21 30.60
N THR C 355 5.75 -33.41 30.28
CA THR C 355 5.22 -32.35 31.12
C THR C 355 4.40 -32.97 32.22
N LEU C 356 3.81 -34.14 31.93
CA LEU C 356 3.04 -34.84 32.90
C LEU C 356 3.99 -35.56 33.82
N LEU C 357 5.15 -36.05 33.25
CA LEU C 357 6.30 -36.60 33.95
C LEU C 357 6.85 -35.54 34.82
N ARG C 358 6.71 -34.30 34.40
CA ARG C 358 7.14 -33.25 35.21
C ARG C 358 6.36 -33.00 36.39
N ALA C 359 5.05 -32.84 36.23
CA ALA C 359 4.06 -32.62 37.23
C ALA C 359 4.14 -33.64 38.23
N LEU C 360 4.33 -34.85 37.77
CA LEU C 360 4.51 -35.94 38.60
C LEU C 360 5.84 -35.98 39.11
N ALA C 361 6.92 -35.70 38.42
CA ALA C 361 8.24 -35.73 38.93
C ALA C 361 8.42 -34.79 39.96
N PHE C 362 7.46 -33.94 40.02
CA PHE C 362 7.24 -32.83 40.81
C PHE C 362 5.95 -33.00 41.41
N HIS C 363 5.43 -34.21 41.61
CA HIS C 363 4.07 -34.30 41.98
C HIS C 363 4.03 -33.89 43.38
N PRO C 364 3.05 -33.15 43.89
CA PRO C 364 2.90 -32.77 45.27
C PRO C 364 2.07 -33.81 45.85
N ARG C 365 2.39 -35.01 45.43
CA ARG C 365 1.86 -36.13 45.99
C ARG C 365 3.25 -36.59 45.93
N MET C 366 3.72 -37.22 44.86
CA MET C 366 5.01 -37.74 44.95
C MET C 366 5.47 -37.76 43.58
N PRO C 367 6.69 -37.53 43.39
CA PRO C 367 7.25 -37.65 42.13
C PRO C 367 7.71 -38.94 41.89
N LEU C 368 8.00 -39.18 40.59
CA LEU C 368 8.29 -40.48 40.04
C LEU C 368 9.24 -41.17 40.83
N PRO C 369 9.57 -42.42 40.70
CA PRO C 369 10.49 -42.96 41.61
C PRO C 369 11.71 -42.32 41.30
N GLU C 370 12.08 -41.89 42.46
CA GLU C 370 13.09 -41.08 42.74
C GLU C 370 13.73 -42.25 43.20
N PRO C 371 14.94 -42.22 42.87
CA PRO C 371 15.80 -43.06 43.59
C PRO C 371 15.82 -42.37 44.95
N SER D 5 15.11 -28.51 -18.02
CA SER D 5 14.70 -28.56 -16.62
C SER D 5 14.75 -29.98 -15.99
N TYR D 6 13.62 -30.59 -15.60
CA TYR D 6 13.46 -31.98 -15.23
C TYR D 6 12.28 -32.21 -14.25
N GLN D 7 11.28 -33.08 -14.59
CA GLN D 7 10.11 -33.52 -13.80
C GLN D 7 10.20 -34.03 -12.38
N VAL D 8 9.08 -33.77 -11.70
CA VAL D 8 8.80 -34.12 -10.36
C VAL D 8 7.80 -35.19 -10.27
N LEU D 9 7.70 -35.65 -9.06
CA LEU D 9 6.90 -36.73 -8.76
C LEU D 9 5.70 -36.26 -8.04
N ALA D 10 5.80 -35.30 -7.11
CA ALA D 10 4.70 -34.91 -6.27
C ALA D 10 3.31 -34.84 -6.84
N ARG D 11 3.24 -34.07 -7.92
CA ARG D 11 2.13 -33.89 -8.78
C ARG D 11 1.72 -35.11 -9.42
N LYS D 12 2.75 -35.80 -9.91
CA LYS D 12 2.58 -36.98 -10.63
C LYS D 12 2.00 -38.04 -9.73
N TRP D 13 1.99 -37.74 -8.45
CA TRP D 13 1.49 -38.51 -7.40
C TRP D 13 0.25 -38.05 -6.85
N ARG D 14 -0.32 -37.11 -7.54
CA ARG D 14 -1.52 -36.58 -7.09
C ARG D 14 -2.61 -37.46 -7.55
N PRO D 15 -3.67 -37.58 -6.78
CA PRO D 15 -4.83 -38.35 -7.04
C PRO D 15 -5.51 -38.24 -8.31
N GLN D 16 -6.32 -39.26 -8.45
CA GLN D 16 -7.17 -39.57 -9.51
C GLN D 16 -8.30 -40.14 -8.73
N THR D 17 -7.94 -40.85 -7.62
CA THR D 17 -8.83 -41.32 -6.63
C THR D 17 -8.18 -41.04 -5.30
N PHE D 18 -9.00 -41.18 -4.27
CA PHE D 18 -8.80 -40.94 -2.87
C PHE D 18 -7.60 -41.64 -2.37
N ALA D 19 -7.26 -42.84 -2.86
CA ALA D 19 -6.08 -43.58 -2.43
C ALA D 19 -4.73 -42.96 -2.59
N ASP D 20 -4.51 -42.27 -3.72
CA ASP D 20 -3.21 -41.74 -4.08
C ASP D 20 -2.70 -40.89 -2.92
N VAL D 21 -3.69 -40.18 -2.31
CA VAL D 21 -3.52 -39.46 -1.08
C VAL D 21 -3.75 -40.32 0.17
N VAL D 22 -2.69 -40.39 1.00
CA VAL D 22 -2.73 -40.99 2.30
C VAL D 22 -3.50 -40.08 3.26
N GLY D 23 -4.28 -40.63 4.20
CA GLY D 23 -5.05 -39.87 5.16
C GLY D 23 -6.17 -38.89 4.77
N GLN D 24 -6.72 -38.44 5.91
CA GLN D 24 -7.76 -37.49 6.08
C GLN D 24 -9.01 -37.90 5.65
N GLU D 25 -9.34 -39.01 6.18
CA GLU D 25 -10.45 -39.78 5.89
C GLU D 25 -11.68 -39.18 6.10
N HIS D 26 -11.71 -38.38 7.14
CA HIS D 26 -12.72 -37.51 7.51
C HIS D 26 -12.94 -36.72 6.32
N VAL D 27 -11.88 -36.20 5.72
CA VAL D 27 -11.95 -35.56 4.47
C VAL D 27 -12.10 -36.42 3.29
N LEU D 28 -11.62 -37.64 3.22
CA LEU D 28 -11.67 -38.48 2.07
C LEU D 28 -12.95 -38.91 1.85
N THR D 29 -13.50 -39.36 2.94
CA THR D 29 -14.80 -39.78 3.13
C THR D 29 -15.55 -38.59 3.03
N ALA D 30 -15.12 -37.50 3.64
CA ALA D 30 -15.90 -36.31 3.57
C ALA D 30 -16.02 -35.85 2.25
N LEU D 31 -15.07 -36.26 1.45
CA LEU D 31 -15.07 -35.92 0.13
C LEU D 31 -15.81 -36.86 -0.72
N ALA D 32 -15.58 -38.17 -0.59
CA ALA D 32 -16.12 -39.18 -1.41
C ALA D 32 -17.56 -38.97 -1.31
N ASN D 33 -17.94 -38.79 -0.07
CA ASN D 33 -19.26 -38.59 0.36
C ASN D 33 -19.91 -37.39 -0.15
N GLY D 34 -19.25 -36.23 -0.10
CA GLY D 34 -19.86 -35.02 -0.58
C GLY D 34 -20.25 -35.20 -2.00
N LEU D 35 -19.22 -35.54 -2.76
CA LEU D 35 -19.21 -35.72 -4.16
C LEU D 35 -20.26 -36.53 -4.73
N SER D 36 -20.40 -37.72 -4.15
CA SER D 36 -21.36 -38.65 -4.60
C SER D 36 -22.69 -38.00 -4.51
N LEU D 37 -23.06 -37.55 -3.29
CA LEU D 37 -24.29 -36.89 -3.10
C LEU D 37 -24.31 -35.55 -3.75
N GLY D 38 -25.51 -34.95 -3.61
CA GLY D 38 -25.87 -33.61 -3.94
C GLY D 38 -25.24 -32.70 -2.95
N ARG D 39 -24.45 -33.24 -2.01
CA ARG D 39 -23.72 -32.52 -1.04
C ARG D 39 -22.44 -32.06 -1.69
N ILE D 40 -22.64 -31.15 -2.65
CA ILE D 40 -21.66 -30.53 -3.45
C ILE D 40 -21.84 -29.16 -3.01
N HIS D 41 -20.78 -28.54 -2.46
CA HIS D 41 -20.90 -27.19 -2.08
C HIS D 41 -20.23 -26.50 -3.20
N HIS D 42 -20.61 -25.25 -3.50
CA HIS D 42 -19.82 -24.52 -4.44
C HIS D 42 -18.87 -23.81 -3.53
N ALA D 43 -18.66 -24.27 -2.26
CA ALA D 43 -17.73 -23.63 -1.41
C ALA D 43 -17.12 -24.74 -0.65
N TYR D 44 -15.86 -24.92 -0.85
CA TYR D 44 -15.19 -25.97 -0.21
C TYR D 44 -14.07 -25.33 0.37
N LEU D 45 -13.46 -25.89 1.39
CA LEU D 45 -12.35 -25.31 1.97
C LEU D 45 -11.63 -26.51 2.33
N PHE D 46 -10.45 -26.66 1.80
CA PHE D 46 -9.60 -27.76 2.03
C PHE D 46 -8.62 -27.15 2.80
N SER D 47 -8.39 -27.55 4.01
CA SER D 47 -7.43 -26.78 4.71
C SER D 47 -6.60 -27.89 5.16
N GLY D 48 -5.32 -27.90 4.75
CA GLY D 48 -4.39 -28.95 5.08
C GLY D 48 -3.06 -28.38 4.76
N THR D 49 -1.93 -29.07 4.99
CA THR D 49 -0.59 -28.57 4.71
C THR D 49 -0.37 -28.74 3.26
N ARG D 50 0.60 -27.98 2.69
CA ARG D 50 0.85 -27.89 1.26
C ARG D 50 0.97 -29.23 0.64
N GLY D 51 -0.14 -29.58 -0.02
CA GLY D 51 -0.24 -30.78 -0.71
C GLY D 51 -0.11 -31.91 0.16
N VAL D 52 -0.71 -31.73 1.35
CA VAL D 52 -1.01 -32.78 2.29
C VAL D 52 -2.09 -33.49 1.59
N GLY D 53 -3.12 -32.67 1.26
CA GLY D 53 -4.25 -33.20 0.60
C GLY D 53 -5.28 -32.16 0.59
N LYS D 54 -4.82 -30.92 0.55
CA LYS D 54 -5.64 -29.77 0.46
C LYS D 54 -5.87 -29.58 -0.99
N THR D 55 -4.84 -30.02 -1.75
CA THR D 55 -4.84 -29.94 -3.16
C THR D 55 -5.27 -31.21 -3.81
N SER D 56 -5.01 -32.34 -3.15
CA SER D 56 -5.42 -33.65 -3.58
C SER D 56 -6.92 -33.92 -3.60
N ILE D 57 -7.65 -33.41 -2.57
CA ILE D 57 -9.08 -33.60 -2.32
C ILE D 57 -9.82 -32.73 -3.24
N ALA D 58 -9.17 -31.60 -3.58
CA ALA D 58 -9.60 -30.71 -4.57
C ALA D 58 -9.59 -31.47 -5.90
N ARG D 59 -8.45 -32.06 -6.34
CA ARG D 59 -8.37 -32.80 -7.59
C ARG D 59 -9.43 -33.85 -7.82
N LEU D 60 -9.64 -34.72 -6.82
CA LEU D 60 -10.68 -35.69 -6.81
C LEU D 60 -12.03 -35.13 -7.01
N LEU D 61 -12.30 -34.04 -6.25
CA LEU D 61 -13.56 -33.37 -6.35
C LEU D 61 -13.84 -32.85 -7.69
N ALA D 62 -12.81 -32.21 -8.30
CA ALA D 62 -12.85 -31.60 -9.61
C ALA D 62 -13.22 -32.45 -10.72
N LYS D 63 -12.53 -33.59 -10.74
CA LYS D 63 -12.80 -34.58 -11.67
C LYS D 63 -14.17 -35.04 -11.48
N GLY D 64 -14.63 -35.27 -10.23
CA GLY D 64 -15.96 -35.64 -9.89
C GLY D 64 -16.99 -34.67 -10.25
N LEU D 65 -16.80 -33.34 -10.22
CA LEU D 65 -17.83 -32.40 -10.58
C LEU D 65 -17.94 -32.27 -12.01
N ASN D 66 -16.79 -32.33 -12.62
CA ASN D 66 -16.57 -32.21 -14.00
C ASN D 66 -16.17 -33.53 -14.30
N CYS D 67 -16.95 -34.43 -13.72
CA CYS D 67 -16.86 -35.74 -14.04
C CYS D 67 -17.94 -35.63 -14.90
N GLU D 68 -17.76 -36.32 -15.97
CA GLU D 68 -18.65 -36.32 -17.03
C GLU D 68 -19.32 -37.55 -16.84
N THR D 69 -19.43 -37.86 -15.59
CA THR D 69 -20.26 -38.74 -15.03
C THR D 69 -20.56 -37.84 -13.86
N GLY D 70 -21.21 -36.69 -14.10
CA GLY D 70 -21.76 -35.88 -13.06
C GLY D 70 -20.86 -35.55 -11.97
N ILE D 71 -21.42 -35.62 -10.73
CA ILE D 71 -20.82 -35.45 -9.43
C ILE D 71 -20.71 -36.80 -8.81
N THR D 72 -19.50 -37.23 -8.52
CA THR D 72 -19.34 -38.58 -8.20
C THR D 72 -18.32 -38.67 -7.20
N ALA D 73 -18.57 -39.50 -6.16
CA ALA D 73 -17.73 -39.74 -5.00
C ALA D 73 -16.34 -39.79 -5.34
N THR D 74 -16.07 -40.56 -6.38
CA THR D 74 -14.82 -40.62 -7.00
C THR D 74 -15.04 -39.99 -8.28
N PRO D 75 -14.07 -39.42 -8.87
CA PRO D 75 -14.21 -38.70 -10.08
C PRO D 75 -14.23 -39.46 -11.31
N CYS D 76 -14.68 -40.71 -11.28
CA CYS D 76 -14.92 -41.45 -12.48
C CYS D 76 -13.91 -41.21 -13.52
N GLY D 77 -12.70 -41.68 -13.10
CA GLY D 77 -11.41 -41.65 -13.68
C GLY D 77 -11.40 -40.68 -14.75
N VAL D 78 -11.30 -41.30 -15.92
CA VAL D 78 -11.51 -40.77 -17.21
C VAL D 78 -12.92 -40.33 -17.25
N CYS D 79 -12.85 -39.14 -17.64
CA CYS D 79 -13.80 -38.39 -18.25
C CYS D 79 -12.71 -37.61 -18.74
N ASP D 80 -13.01 -37.08 -19.83
CA ASP D 80 -12.31 -36.14 -20.61
C ASP D 80 -11.99 -35.09 -19.69
N ASN D 81 -13.04 -34.69 -18.94
CA ASN D 81 -13.03 -33.53 -18.17
C ASN D 81 -12.19 -34.00 -17.07
N CYS D 82 -12.53 -35.06 -16.41
CA CYS D 82 -11.64 -35.64 -15.47
C CYS D 82 -10.20 -35.81 -15.86
N ARG D 83 -9.81 -36.25 -17.08
CA ARG D 83 -8.43 -36.49 -17.31
C ARG D 83 -7.71 -35.39 -17.82
N GLU D 84 -8.39 -34.48 -18.47
CA GLU D 84 -7.82 -33.24 -18.82
C GLU D 84 -7.67 -32.42 -17.70
N ILE D 85 -8.38 -32.72 -16.62
CA ILE D 85 -8.40 -31.88 -15.47
C ILE D 85 -7.04 -31.76 -15.01
N GLU D 86 -6.34 -32.90 -14.92
CA GLU D 86 -5.01 -32.88 -14.47
C GLU D 86 -4.10 -32.68 -15.59
N GLN D 87 -4.60 -32.11 -16.69
CA GLN D 87 -3.75 -31.80 -17.76
C GLN D 87 -4.16 -30.45 -18.01
N GLY D 88 -3.40 -29.82 -18.88
CA GLY D 88 -3.60 -28.45 -19.23
C GLY D 88 -4.92 -28.38 -19.87
N ARG D 89 -5.44 -27.14 -19.91
CA ARG D 89 -6.63 -26.77 -20.57
C ARG D 89 -7.82 -27.59 -20.04
N PHE D 90 -8.94 -26.93 -19.82
CA PHE D 90 -10.08 -27.60 -19.28
C PHE D 90 -10.86 -26.44 -18.88
N VAL D 91 -11.79 -26.07 -19.77
CA VAL D 91 -12.52 -24.86 -19.72
C VAL D 91 -13.35 -24.71 -18.48
N ASP D 92 -14.05 -25.77 -18.07
CA ASP D 92 -14.96 -25.74 -16.94
C ASP D 92 -14.24 -25.24 -15.77
N LEU D 93 -13.07 -25.81 -15.68
CA LEU D 93 -12.27 -25.66 -14.60
C LEU D 93 -11.34 -24.57 -14.85
N ILE D 94 -11.31 -23.63 -13.94
CA ILE D 94 -10.30 -22.66 -13.91
C ILE D 94 -9.77 -22.56 -12.51
N GLU D 95 -8.47 -22.90 -12.38
CA GLU D 95 -7.63 -23.09 -11.22
C GLU D 95 -6.83 -21.83 -10.95
N ILE D 96 -6.41 -21.45 -9.70
CA ILE D 96 -5.72 -20.18 -9.40
C ILE D 96 -4.70 -20.19 -8.19
N ASP D 97 -3.43 -19.62 -8.32
CA ASP D 97 -2.42 -19.42 -7.22
C ASP D 97 -2.50 -17.98 -6.78
N ALA D 98 -3.10 -17.73 -5.61
CA ALA D 98 -3.36 -16.38 -5.17
C ALA D 98 -2.21 -15.88 -4.39
N ALA D 99 -1.04 -16.47 -4.70
CA ALA D 99 0.19 -16.35 -4.06
C ALA D 99 0.91 -15.21 -4.72
N SER D 100 1.17 -15.39 -6.04
CA SER D 100 1.79 -14.48 -6.95
C SER D 100 1.08 -13.17 -6.90
N ARG D 101 -0.19 -13.27 -6.50
CA ARG D 101 -1.15 -12.25 -6.47
C ARG D 101 -1.40 -12.07 -5.06
N THR D 102 -1.64 -10.82 -4.79
CA THR D 102 -1.75 -10.39 -3.48
C THR D 102 -2.76 -9.37 -3.62
N LYS D 103 -2.74 -8.73 -4.81
CA LYS D 103 -3.60 -7.71 -5.20
C LYS D 103 -4.98 -8.29 -5.13
N VAL D 104 -5.83 -7.34 -4.84
CA VAL D 104 -7.24 -7.32 -4.89
C VAL D 104 -7.55 -7.38 -6.29
N GLU D 105 -6.76 -6.69 -7.13
CA GLU D 105 -6.99 -6.53 -8.53
C GLU D 105 -7.26 -7.77 -9.27
N ASP D 106 -6.46 -8.74 -8.82
CA ASP D 106 -6.37 -10.07 -9.33
C ASP D 106 -7.70 -10.68 -8.93
N THR D 107 -8.16 -10.35 -7.72
CA THR D 107 -9.38 -10.86 -7.16
C THR D 107 -10.62 -10.36 -7.88
N ARG D 108 -10.67 -9.07 -8.24
CA ARG D 108 -11.77 -8.54 -9.00
C ARG D 108 -12.12 -9.19 -10.33
N ASP D 109 -11.09 -9.21 -11.21
CA ASP D 109 -11.11 -9.80 -12.55
C ASP D 109 -11.76 -11.14 -12.55
N LEU D 110 -11.25 -11.92 -11.59
CA LEU D 110 -11.64 -13.28 -11.41
C LEU D 110 -13.13 -13.49 -11.34
N LEU D 111 -13.83 -12.60 -10.65
CA LEU D 111 -15.22 -12.77 -10.37
C LEU D 111 -15.98 -12.60 -11.68
N ASP D 112 -15.57 -11.68 -12.56
CA ASP D 112 -16.17 -11.37 -13.85
C ASP D 112 -16.42 -12.50 -14.87
N ASN D 113 -15.48 -13.45 -15.00
CA ASN D 113 -15.51 -14.42 -16.11
C ASN D 113 -16.46 -15.59 -15.94
N VAL D 114 -16.97 -15.80 -14.69
CA VAL D 114 -17.82 -16.92 -14.28
C VAL D 114 -19.06 -16.99 -15.13
N GLN D 115 -19.45 -15.82 -15.68
CA GLN D 115 -20.56 -15.55 -16.55
C GLN D 115 -20.51 -16.45 -17.74
N TYR D 116 -19.39 -16.40 -18.49
CA TYR D 116 -19.22 -17.08 -19.72
C TYR D 116 -19.31 -18.51 -19.34
N ALA D 117 -20.26 -19.19 -20.00
CA ALA D 117 -20.63 -20.51 -19.63
C ALA D 117 -20.04 -21.29 -20.68
N PRO D 118 -19.39 -22.39 -20.38
CA PRO D 118 -18.71 -23.18 -21.38
C PRO D 118 -19.65 -23.49 -22.56
N ALA D 119 -19.09 -23.78 -23.76
CA ALA D 119 -19.85 -24.02 -24.97
C ALA D 119 -20.04 -25.50 -24.94
N ARG D 120 -19.58 -26.18 -23.83
CA ARG D 120 -19.63 -27.62 -23.56
C ARG D 120 -19.29 -28.16 -22.11
N GLY D 121 -19.06 -27.41 -21.03
CA GLY D 121 -18.72 -27.89 -19.68
C GLY D 121 -19.91 -28.07 -18.74
N ARG D 122 -19.77 -28.40 -17.43
CA ARG D 122 -21.00 -28.60 -16.67
C ARG D 122 -20.99 -28.16 -15.28
N PHE D 123 -20.14 -27.20 -15.06
CA PHE D 123 -19.99 -26.57 -13.84
C PHE D 123 -18.82 -25.93 -14.20
N LYS D 124 -18.92 -24.63 -14.15
CA LYS D 124 -17.81 -23.81 -14.24
C LYS D 124 -17.28 -23.81 -12.87
N VAL D 125 -16.17 -24.45 -12.73
CA VAL D 125 -15.66 -24.79 -11.45
C VAL D 125 -14.45 -23.96 -11.34
N TYR D 126 -14.31 -23.43 -10.14
CA TYR D 126 -13.25 -22.57 -9.75
C TYR D 126 -12.52 -23.13 -8.63
N LEU D 127 -11.18 -23.19 -8.78
CA LEU D 127 -10.29 -23.65 -7.76
C LEU D 127 -9.26 -22.67 -7.35
N ILE D 128 -9.45 -21.98 -6.22
CA ILE D 128 -8.42 -21.15 -5.66
C ILE D 128 -7.62 -21.89 -4.60
N ASP D 129 -6.28 -21.75 -4.74
CA ASP D 129 -5.27 -22.21 -3.81
C ASP D 129 -4.33 -21.06 -3.52
N GLU D 130 -3.88 -20.97 -2.25
CA GLU D 130 -2.89 -20.03 -1.73
C GLU D 130 -3.48 -18.66 -1.55
N VAL D 131 -4.81 -18.68 -1.26
CA VAL D 131 -5.63 -17.51 -1.13
C VAL D 131 -5.30 -16.54 -0.06
N HIS D 132 -4.65 -17.04 1.00
CA HIS D 132 -4.06 -16.40 2.12
C HIS D 132 -3.27 -15.18 1.73
N MET D 133 -2.46 -15.26 0.68
CA MET D 133 -1.67 -14.20 0.15
C MET D 133 -2.36 -12.98 -0.15
N LEU D 134 -3.53 -13.15 -0.76
CA LEU D 134 -4.27 -12.06 -1.21
C LEU D 134 -4.64 -11.22 -0.11
N SER D 135 -4.81 -9.97 -0.45
CA SER D 135 -5.07 -8.97 0.49
C SER D 135 -6.43 -9.18 1.01
N ARG D 136 -6.70 -8.45 2.09
CA ARG D 136 -7.94 -8.45 2.83
C ARG D 136 -9.10 -8.28 1.93
N HIS D 137 -8.96 -7.30 1.03
CA HIS D 137 -9.97 -6.89 0.11
C HIS D 137 -10.23 -7.91 -0.84
N SER D 138 -9.17 -8.63 -1.17
CA SER D 138 -9.31 -9.71 -2.02
C SER D 138 -10.19 -10.71 -1.34
N PHE D 139 -9.89 -11.02 -0.07
CA PHE D 139 -10.74 -11.91 0.70
C PHE D 139 -12.20 -11.65 0.73
N ASN D 140 -12.53 -10.46 1.20
CA ASN D 140 -13.86 -9.97 1.41
C ASN D 140 -14.69 -9.92 0.21
N ALA D 141 -14.03 -9.76 -0.95
CA ALA D 141 -14.68 -9.68 -2.20
C ALA D 141 -15.29 -11.01 -2.53
N LEU D 142 -14.62 -12.10 -2.15
CA LEU D 142 -15.13 -13.45 -2.35
C LEU D 142 -16.40 -13.87 -1.64
N LEU D 143 -16.71 -13.27 -0.47
CA LEU D 143 -17.86 -13.57 0.36
C LEU D 143 -19.16 -13.49 -0.39
N LYS D 144 -19.21 -12.51 -1.28
CA LYS D 144 -20.31 -12.16 -2.15
C LYS D 144 -20.80 -13.32 -2.98
N THR D 145 -19.86 -14.16 -3.48
CA THR D 145 -20.19 -15.23 -4.39
C THR D 145 -20.01 -16.55 -3.75
N LEU D 146 -19.38 -16.57 -2.57
CA LEU D 146 -19.42 -17.75 -1.76
C LEU D 146 -20.84 -18.01 -1.35
N GLU D 147 -21.61 -16.91 -1.14
CA GLU D 147 -22.98 -16.97 -0.78
C GLU D 147 -23.83 -17.41 -1.93
N GLU D 148 -23.99 -16.57 -2.96
CA GLU D 148 -24.83 -16.96 -4.05
C GLU D 148 -24.01 -16.61 -5.25
N PRO D 149 -23.25 -17.49 -5.92
CA PRO D 149 -22.53 -17.14 -7.11
C PRO D 149 -23.41 -17.46 -8.20
N PRO D 150 -23.12 -17.04 -9.47
CA PRO D 150 -23.99 -17.54 -10.54
C PRO D 150 -23.91 -19.07 -10.60
N GLU D 151 -24.81 -19.72 -11.33
CA GLU D 151 -24.84 -21.18 -11.39
C GLU D 151 -23.54 -21.78 -11.93
N HIS D 152 -23.46 -23.12 -12.01
CA HIS D 152 -22.23 -23.83 -12.46
C HIS D 152 -21.00 -23.42 -11.66
N VAL D 153 -20.75 -22.13 -11.52
CA VAL D 153 -19.64 -21.61 -10.71
C VAL D 153 -19.47 -22.27 -9.35
N LYS D 154 -18.23 -22.62 -9.01
CA LYS D 154 -17.97 -23.20 -7.70
C LYS D 154 -16.82 -22.45 -7.04
N PHE D 155 -16.50 -22.79 -5.79
CA PHE D 155 -15.41 -22.13 -5.08
C PHE D 155 -14.68 -23.12 -4.22
N LEU D 156 -13.95 -24.01 -4.87
CA LEU D 156 -13.21 -24.97 -4.15
C LEU D 156 -12.13 -24.26 -3.55
N LEU D 157 -12.17 -24.12 -2.24
CA LEU D 157 -11.16 -23.43 -1.53
C LEU D 157 -10.39 -24.52 -0.99
N ALA D 158 -9.12 -24.28 -1.08
CA ALA D 158 -8.10 -25.12 -0.64
C ALA D 158 -7.35 -24.03 -0.06
N THR D 159 -6.75 -24.31 1.05
CA THR D 159 -5.99 -23.36 1.69
C THR D 159 -5.13 -24.32 2.39
N THR D 160 -3.95 -23.78 2.75
CA THR D 160 -2.96 -24.41 3.54
C THR D 160 -3.61 -24.11 4.86
N ASP D 161 -3.63 -22.77 5.12
CA ASP D 161 -4.21 -22.06 6.21
C ASP D 161 -5.48 -21.34 5.83
N PRO D 162 -6.57 -21.63 6.44
CA PRO D 162 -7.70 -20.75 6.37
C PRO D 162 -7.52 -19.65 7.39
N GLN D 163 -6.29 -19.26 7.76
CA GLN D 163 -6.17 -18.33 8.84
C GLN D 163 -6.04 -17.00 8.34
N LYS D 164 -5.24 -16.81 7.27
CA LYS D 164 -5.23 -15.54 6.58
C LYS D 164 -6.35 -15.58 5.65
N LEU D 165 -7.50 -15.79 6.28
CA LEU D 165 -8.68 -16.06 5.67
C LEU D 165 -9.75 -15.92 6.73
N PRO D 166 -10.55 -14.89 6.64
CA PRO D 166 -11.63 -14.51 7.58
C PRO D 166 -12.66 -15.54 8.00
N VAL D 167 -13.38 -15.27 9.09
CA VAL D 167 -14.33 -16.17 9.74
C VAL D 167 -15.48 -16.46 8.93
N THR D 168 -15.93 -15.41 8.27
CA THR D 168 -16.99 -15.35 7.38
C THR D 168 -16.70 -16.27 6.22
N ILE D 169 -15.41 -16.41 5.80
CA ILE D 169 -15.07 -17.28 4.68
C ILE D 169 -15.27 -18.73 5.01
N LEU D 170 -14.86 -19.05 6.23
CA LEU D 170 -14.96 -20.38 6.78
C LEU D 170 -16.33 -20.73 7.09
N SER D 171 -17.04 -19.68 7.56
CA SER D 171 -18.43 -19.61 7.86
C SER D 171 -19.15 -19.99 6.61
N ARG D 172 -18.50 -19.73 5.45
CA ARG D 172 -19.10 -19.87 4.17
C ARG D 172 -18.37 -20.89 3.30
N CYS D 173 -17.78 -21.95 3.91
CA CYS D 173 -17.18 -23.04 3.17
C CYS D 173 -17.48 -24.27 3.85
N LEU D 174 -17.37 -25.37 3.11
CA LEU D 174 -17.25 -26.61 3.78
C LEU D 174 -15.85 -26.68 4.06
N GLN D 175 -15.48 -26.89 5.28
CA GLN D 175 -14.14 -26.84 5.55
C GLN D 175 -13.90 -28.24 5.89
N PHE D 176 -13.03 -28.84 5.11
CA PHE D 176 -12.66 -30.18 5.33
C PHE D 176 -11.32 -29.88 5.59
N HIS D 177 -11.11 -30.04 6.88
CA HIS D 177 -9.86 -29.90 7.43
C HIS D 177 -9.35 -31.24 7.25
N LEU D 178 -8.23 -31.22 6.57
CA LEU D 178 -7.39 -32.28 6.28
C LEU D 178 -6.49 -32.19 7.38
N LYS D 179 -6.50 -33.20 8.23
CA LYS D 179 -5.51 -33.18 9.25
C LYS D 179 -4.23 -33.68 8.62
N ALA D 180 -3.14 -33.66 9.42
CA ALA D 180 -1.76 -33.97 9.12
C ALA D 180 -1.54 -35.43 8.82
N LEU D 181 -0.28 -35.79 8.48
CA LEU D 181 0.10 -37.10 8.05
C LEU D 181 1.16 -37.63 8.92
N ASP D 182 0.87 -38.79 9.51
CA ASP D 182 1.73 -39.54 10.38
C ASP D 182 2.91 -39.91 9.58
N VAL D 183 4.09 -39.86 10.20
CA VAL D 183 5.40 -40.18 9.69
C VAL D 183 5.31 -41.44 8.96
N GLU D 184 4.69 -42.39 9.59
CA GLU D 184 4.45 -43.63 9.05
C GLU D 184 3.56 -43.66 7.87
N GLN D 185 2.42 -42.88 7.88
CA GLN D 185 1.49 -42.75 6.80
C GLN D 185 2.26 -42.32 5.63
N ILE D 186 3.16 -41.40 5.94
CA ILE D 186 4.06 -40.93 4.97
C ILE D 186 5.05 -41.95 4.53
N ARG D 187 5.66 -42.67 5.48
CA ARG D 187 6.76 -43.50 5.18
C ARG D 187 6.34 -44.50 4.27
N HIS D 188 5.23 -45.07 4.63
CA HIS D 188 4.52 -46.03 3.93
C HIS D 188 4.23 -45.68 2.54
N GLN D 189 3.58 -44.51 2.34
CA GLN D 189 3.09 -44.11 1.05
C GLN D 189 4.22 -43.99 0.14
N LEU D 190 5.33 -43.48 0.71
CA LEU D 190 6.60 -43.30 0.07
C LEU D 190 7.25 -44.54 -0.27
N GLU D 191 7.19 -45.43 0.68
CA GLU D 191 7.81 -46.68 0.64
C GLU D 191 7.22 -47.32 -0.47
N HIS D 192 5.93 -47.12 -0.65
CA HIS D 192 5.20 -47.67 -1.67
C HIS D 192 5.67 -47.01 -2.90
N ILE D 193 5.69 -45.68 -2.89
CA ILE D 193 6.05 -44.99 -4.05
C ILE D 193 7.39 -45.33 -4.64
N LEU D 194 8.49 -45.08 -3.92
CA LEU D 194 9.87 -45.28 -4.27
C LEU D 194 10.18 -46.58 -4.78
N ASN D 195 9.49 -47.51 -4.25
CA ASN D 195 9.71 -48.84 -4.67
C ASN D 195 9.21 -49.02 -6.04
N GLU D 196 8.04 -48.43 -6.36
CA GLU D 196 7.54 -48.38 -7.70
C GLU D 196 8.55 -47.78 -8.58
N GLU D 197 9.30 -46.84 -8.05
CA GLU D 197 10.36 -46.33 -8.80
C GLU D 197 11.46 -47.29 -8.75
N HIS D 198 11.98 -47.45 -9.97
CA HIS D 198 12.97 -48.35 -10.43
C HIS D 198 14.10 -48.38 -9.52
N ILE D 199 14.58 -47.18 -9.18
CA ILE D 199 15.65 -47.00 -8.28
C ILE D 199 15.26 -47.51 -7.01
N ALA D 200 16.25 -48.25 -6.51
CA ALA D 200 16.16 -48.91 -5.29
C ALA D 200 15.93 -47.84 -4.34
N HIS D 201 14.88 -48.12 -3.57
CA HIS D 201 14.43 -47.25 -2.59
C HIS D 201 15.41 -47.36 -1.54
N GLU D 202 15.09 -46.83 -0.43
CA GLU D 202 16.01 -47.08 0.55
C GLU D 202 15.22 -46.85 1.70
N PRO D 203 14.92 -47.84 2.48
CA PRO D 203 14.21 -47.80 3.73
C PRO D 203 14.67 -46.78 4.61
N ARG D 204 15.97 -46.78 4.88
CA ARG D 204 16.55 -45.91 5.86
C ARG D 204 16.16 -44.60 5.47
N ALA D 205 16.65 -44.23 4.31
CA ALA D 205 16.25 -43.09 3.62
C ALA D 205 14.77 -42.90 3.57
N LEU D 206 13.91 -43.92 3.44
CA LEU D 206 12.45 -43.85 3.39
C LEU D 206 11.91 -43.26 4.59
N GLN D 207 12.39 -43.72 5.70
CA GLN D 207 12.14 -43.19 6.96
C GLN D 207 12.78 -41.88 7.05
N LEU D 208 14.09 -41.74 6.68
CA LEU D 208 14.87 -40.52 6.67
C LEU D 208 14.02 -39.46 6.06
N LEU D 209 13.38 -39.74 4.94
CA LEU D 209 12.43 -38.93 4.25
C LEU D 209 11.07 -38.87 4.91
N ALA D 210 10.55 -39.96 5.52
CA ALA D 210 9.19 -40.11 6.00
C ALA D 210 8.91 -39.12 7.05
N ARG D 211 9.76 -39.11 8.07
CA ARG D 211 9.77 -38.07 9.04
C ARG D 211 10.07 -36.73 8.41
N ALA D 212 11.00 -36.68 7.42
CA ALA D 212 11.49 -35.51 6.75
C ALA D 212 10.55 -34.83 5.79
N ALA D 213 9.43 -35.43 5.45
CA ALA D 213 8.50 -34.95 4.46
C ALA D 213 7.58 -33.90 4.97
N GLU D 214 7.64 -33.74 6.30
CA GLU D 214 6.94 -32.80 7.08
C GLU D 214 5.47 -32.91 6.95
N GLY D 215 4.93 -34.14 7.13
CA GLY D 215 3.50 -34.22 7.19
C GLY D 215 2.82 -33.88 5.86
N SER D 216 3.58 -33.51 4.78
CA SER D 216 3.00 -33.06 3.55
C SER D 216 3.56 -34.02 2.60
N LEU D 217 2.60 -34.54 1.88
CA LEU D 217 2.85 -35.49 0.90
C LEU D 217 3.55 -34.89 -0.21
N ARG D 218 3.27 -33.64 -0.46
CA ARG D 218 3.93 -33.03 -1.54
C ARG D 218 5.38 -32.93 -1.36
N ASP D 219 5.83 -32.35 -0.27
CA ASP D 219 7.20 -32.34 -0.03
C ASP D 219 7.79 -33.65 0.00
N ALA D 220 7.11 -34.55 0.68
CA ALA D 220 7.63 -35.87 0.78
C ALA D 220 8.11 -36.34 -0.51
N LEU D 221 7.17 -36.24 -1.43
CA LEU D 221 7.43 -36.47 -2.79
C LEU D 221 8.49 -35.61 -3.36
N SER D 222 8.51 -34.37 -3.00
CA SER D 222 9.56 -33.53 -3.45
C SER D 222 10.95 -33.93 -3.14
N LEU D 223 11.12 -34.28 -1.87
CA LEU D 223 12.34 -34.63 -1.26
C LEU D 223 13.06 -35.59 -1.99
N THR D 224 12.25 -36.54 -2.27
CA THR D 224 12.63 -37.64 -2.97
C THR D 224 13.27 -37.36 -4.30
N ASP D 225 12.61 -36.49 -5.09
CA ASP D 225 13.03 -36.14 -6.44
C ASP D 225 14.42 -35.64 -6.34
N GLN D 226 14.52 -34.72 -5.44
CA GLN D 226 15.67 -34.05 -5.04
C GLN D 226 16.75 -34.98 -4.58
N ALA D 227 16.40 -36.06 -3.82
CA ALA D 227 17.39 -36.97 -3.28
C ALA D 227 18.04 -37.72 -4.34
N ILE D 228 17.23 -38.05 -5.32
CA ILE D 228 17.71 -38.65 -6.49
C ILE D 228 18.61 -37.73 -7.25
N ALA D 229 18.26 -36.44 -7.33
CA ALA D 229 18.96 -35.47 -8.13
C ALA D 229 20.40 -35.34 -7.75
N SER D 230 20.61 -35.35 -6.45
CA SER D 230 21.90 -35.18 -5.89
C SER D 230 22.50 -36.45 -5.46
N GLY D 231 21.86 -37.58 -5.72
CA GLY D 231 22.37 -38.87 -5.38
C GLY D 231 22.49 -39.48 -6.68
N ASP D 232 22.22 -38.70 -7.74
CA ASP D 232 22.23 -38.98 -9.12
C ASP D 232 21.73 -40.34 -9.44
N GLY D 233 20.53 -40.68 -8.94
CA GLY D 233 20.03 -42.01 -9.03
C GLY D 233 20.20 -42.65 -7.71
N GLN D 234 19.14 -43.38 -7.35
CA GLN D 234 19.06 -44.25 -6.24
C GLN D 234 19.05 -43.62 -4.95
N VAL D 235 18.09 -44.15 -4.19
CA VAL D 235 17.88 -43.76 -2.88
C VAL D 235 18.54 -44.81 -2.11
N SER D 236 19.36 -44.26 -1.23
CA SER D 236 20.30 -44.94 -0.46
C SER D 236 20.25 -44.08 0.73
N THR D 237 20.83 -44.65 1.75
CA THR D 237 20.52 -44.27 3.08
C THR D 237 21.26 -43.11 3.29
N GLN D 238 22.53 -43.35 2.96
CA GLN D 238 23.57 -42.53 3.30
C GLN D 238 23.50 -41.27 2.60
N ALA D 239 23.12 -41.33 1.32
CA ALA D 239 23.01 -40.13 0.58
C ALA D 239 21.92 -39.37 1.17
N VAL D 240 21.00 -40.00 1.88
CA VAL D 240 19.88 -39.33 2.38
C VAL D 240 20.04 -38.96 3.77
N SER D 241 20.81 -39.69 4.53
CA SER D 241 21.09 -39.34 5.87
C SER D 241 21.94 -38.16 5.92
N ALA D 242 22.97 -38.18 5.09
CA ALA D 242 23.87 -37.10 4.90
C ALA D 242 23.18 -35.98 4.29
N MET D 243 22.42 -36.25 3.18
CA MET D 243 21.68 -35.26 2.42
C MET D 243 20.84 -34.60 3.42
N LEU D 244 20.27 -35.38 4.34
CA LEU D 244 19.47 -34.78 5.35
C LEU D 244 20.21 -34.21 6.56
N GLY D 245 21.56 -34.39 6.76
CA GLY D 245 22.39 -33.73 7.79
C GLY D 245 22.20 -34.32 9.12
N THR D 246 21.26 -35.29 9.05
CA THR D 246 20.70 -36.11 10.05
C THR D 246 21.85 -36.87 10.60
N LEU D 247 21.82 -37.06 11.94
CA LEU D 247 22.84 -37.76 12.65
C LEU D 247 22.09 -38.91 13.11
N ASP D 248 22.47 -40.08 12.60
CA ASP D 248 21.81 -41.30 12.93
C ASP D 248 22.60 -41.78 14.17
N ASP D 249 23.46 -40.90 14.75
CA ASP D 249 24.28 -41.16 15.90
C ASP D 249 23.59 -40.78 17.19
N ASP D 250 24.15 -41.34 18.27
CA ASP D 250 23.69 -41.24 19.62
C ASP D 250 24.36 -40.12 20.29
N GLN D 251 24.92 -39.19 19.48
CA GLN D 251 25.59 -38.00 19.91
C GLN D 251 24.76 -37.13 20.75
N ALA D 252 23.45 -37.29 20.60
CA ALA D 252 22.46 -36.63 21.37
C ALA D 252 22.62 -36.95 22.79
N LEU D 253 22.67 -38.22 23.09
CA LEU D 253 22.80 -38.62 24.43
C LEU D 253 24.24 -38.43 24.89
N SER D 254 25.23 -38.55 23.98
CA SER D 254 26.64 -38.40 24.24
C SER D 254 27.02 -37.14 24.88
N LEU D 255 26.46 -36.10 24.27
CA LEU D 255 26.65 -34.77 24.69
C LEU D 255 25.92 -34.53 25.96
N VAL D 256 24.70 -35.10 26.11
CA VAL D 256 23.83 -34.94 27.24
C VAL D 256 24.53 -35.38 28.46
N GLU D 257 25.18 -36.51 28.26
CA GLU D 257 26.00 -37.08 29.23
C GLU D 257 27.19 -36.28 29.51
N ALA D 258 27.86 -35.74 28.48
CA ALA D 258 29.05 -34.99 28.68
C ALA D 258 28.73 -33.70 29.26
N MET D 259 27.50 -33.30 29.20
CA MET D 259 27.10 -32.16 29.90
C MET D 259 27.07 -32.52 31.32
N VAL D 260 26.44 -33.66 31.57
CA VAL D 260 26.28 -34.21 32.85
C VAL D 260 27.61 -34.51 33.39
N GLU D 261 28.62 -34.77 32.59
CA GLU D 261 29.90 -35.06 33.12
C GLU D 261 30.49 -33.80 33.64
N ALA D 262 29.82 -32.70 33.35
CA ALA D 262 30.26 -31.37 33.49
C ALA D 262 31.23 -31.12 32.42
N ASN D 263 31.40 -32.12 31.55
CA ASN D 263 32.26 -32.12 30.46
C ASN D 263 31.86 -31.05 29.52
N GLY D 264 32.74 -30.05 29.56
CA GLY D 264 32.66 -28.92 28.72
C GLY D 264 33.15 -29.15 27.38
N GLU D 265 34.43 -29.61 27.29
CA GLU D 265 35.13 -29.56 26.05
C GLU D 265 34.56 -30.42 25.01
N ARG D 266 34.45 -31.71 25.31
CA ARG D 266 33.86 -32.71 24.47
C ARG D 266 32.60 -32.37 23.86
N VAL D 267 31.80 -31.67 24.63
CA VAL D 267 30.53 -31.29 24.19
C VAL D 267 30.70 -30.24 23.13
N MET D 268 31.49 -29.23 23.48
CA MET D 268 31.69 -28.12 22.62
C MET D 268 32.51 -28.40 21.38
N ALA D 269 33.70 -29.03 21.48
CA ALA D 269 34.56 -29.20 20.32
C ALA D 269 33.87 -29.97 19.26
N LEU D 270 32.93 -30.83 19.68
CA LEU D 270 32.21 -31.65 18.80
C LEU D 270 31.22 -30.93 17.98
N ILE D 271 30.51 -30.01 18.60
CA ILE D 271 29.62 -29.15 17.88
C ILE D 271 30.32 -28.35 16.81
N ASN D 272 31.56 -27.92 17.07
CA ASN D 272 32.20 -26.96 16.21
C ASN D 272 32.53 -27.56 14.90
N GLU D 273 32.96 -28.82 14.93
CA GLU D 273 33.27 -29.54 13.74
C GLU D 273 32.07 -29.90 13.02
N ALA D 274 31.01 -30.20 13.82
CA ALA D 274 29.72 -30.48 13.27
C ALA D 274 29.31 -29.31 12.45
N ALA D 275 29.62 -28.07 12.86
CA ALA D 275 29.38 -26.82 12.19
C ALA D 275 30.17 -26.57 10.98
N ALA D 276 31.30 -27.26 10.79
CA ALA D 276 32.07 -27.14 9.59
C ALA D 276 31.36 -27.85 8.49
N ARG D 277 30.63 -28.90 8.92
CA ARG D 277 29.74 -29.63 8.06
C ARG D 277 28.40 -29.04 8.29
N GLY D 278 28.29 -28.01 9.14
CA GLY D 278 27.10 -27.30 9.46
C GLY D 278 26.03 -28.12 10.12
N ILE D 279 26.35 -29.26 10.73
CA ILE D 279 25.45 -30.29 11.11
C ILE D 279 24.38 -29.83 11.89
N GLU D 280 23.25 -30.30 11.49
CA GLU D 280 22.07 -30.01 12.12
C GLU D 280 21.97 -30.28 13.53
N TRP D 281 21.77 -29.16 14.13
CA TRP D 281 21.55 -28.89 15.48
C TRP D 281 20.28 -29.44 15.99
N GLU D 282 19.17 -29.16 15.29
CA GLU D 282 17.86 -29.58 15.74
C GLU D 282 17.65 -30.98 15.95
N ALA D 283 18.06 -31.71 14.94
CA ALA D 283 17.96 -33.11 14.86
C ALA D 283 18.51 -33.69 16.10
N LEU D 284 19.75 -33.24 16.29
CA LEU D 284 20.52 -33.48 17.43
C LEU D 284 19.70 -33.15 18.67
N LEU D 285 19.08 -31.96 18.75
CA LEU D 285 18.27 -31.51 19.86
C LEU D 285 17.04 -32.23 20.23
N VAL D 286 16.29 -32.59 19.23
CA VAL D 286 15.06 -33.23 19.39
C VAL D 286 15.35 -34.52 20.06
N GLU D 287 16.46 -35.13 19.61
CA GLU D 287 16.78 -36.39 20.16
C GLU D 287 17.11 -36.43 21.60
N MET D 288 17.89 -35.47 22.00
CA MET D 288 18.31 -35.38 23.36
C MET D 288 17.14 -35.28 24.27
N LEU D 289 16.31 -34.33 23.90
CA LEU D 289 15.04 -34.08 24.49
C LEU D 289 14.17 -35.22 24.66
N GLY D 290 14.18 -36.10 23.65
CA GLY D 290 13.31 -37.18 23.66
C GLY D 290 13.67 -38.13 24.68
N LEU D 291 15.00 -38.33 24.81
CA LEU D 291 15.63 -39.35 25.63
C LEU D 291 15.26 -39.08 26.97
N LEU D 292 15.54 -37.87 27.37
CA LEU D 292 15.07 -37.32 28.58
C LEU D 292 13.65 -37.45 28.88
N HIS D 293 12.84 -37.40 27.84
CA HIS D 293 11.47 -37.47 28.13
C HIS D 293 11.12 -38.86 28.57
N ARG D 294 11.59 -39.81 27.80
CA ARG D 294 11.48 -41.17 28.03
C ARG D 294 12.05 -41.69 29.17
N ILE D 295 13.28 -41.38 29.47
CA ILE D 295 13.92 -41.78 30.64
C ILE D 295 13.05 -41.50 31.80
N ALA D 296 12.58 -40.26 31.90
CA ALA D 296 11.63 -39.91 32.94
C ALA D 296 10.46 -40.77 32.84
N MET D 297 10.04 -41.05 31.63
CA MET D 297 9.00 -41.98 31.45
C MET D 297 9.33 -43.30 31.90
N VAL D 298 10.54 -43.77 31.73
CA VAL D 298 11.03 -44.99 32.13
C VAL D 298 11.03 -45.01 33.58
N GLN D 299 11.17 -43.84 34.19
CA GLN D 299 10.93 -43.78 35.57
C GLN D 299 9.54 -44.07 35.87
N LEU D 300 8.60 -43.45 35.15
CA LEU D 300 7.19 -43.67 35.43
C LEU D 300 6.83 -45.05 35.33
N SER D 301 7.21 -45.60 34.22
CA SER D 301 6.96 -46.91 33.98
C SER D 301 8.07 -47.00 33.00
N PRO D 302 8.85 -48.01 33.15
CA PRO D 302 9.87 -48.37 32.24
C PRO D 302 9.13 -49.34 31.38
N ALA D 303 7.85 -49.14 31.16
CA ALA D 303 7.18 -49.97 30.25
C ALA D 303 6.04 -49.22 29.74
N ALA D 304 5.35 -48.42 30.59
CA ALA D 304 4.14 -47.79 30.19
C ALA D 304 4.41 -46.72 29.27
N LEU D 305 5.68 -46.47 28.97
CA LEU D 305 6.09 -45.70 27.88
C LEU D 305 5.53 -46.31 26.66
N GLY D 306 5.53 -45.52 25.61
CA GLY D 306 5.27 -46.00 24.33
C GLY D 306 6.56 -45.54 23.76
N ASN D 307 7.69 -45.84 24.48
CA ASN D 307 9.03 -45.41 24.15
C ASN D 307 9.53 -46.19 23.00
N ASP D 308 10.31 -45.48 22.16
CA ASP D 308 11.16 -45.93 21.06
C ASP D 308 12.56 -45.43 21.38
N MET D 309 13.09 -45.69 22.60
CA MET D 309 14.48 -45.35 22.95
C MET D 309 14.97 -46.59 23.63
N ALA D 310 14.41 -47.72 23.14
CA ALA D 310 14.66 -49.09 23.38
C ALA D 310 16.05 -49.62 23.20
N ALA D 311 16.76 -49.26 22.07
CA ALA D 311 18.14 -49.66 21.84
C ALA D 311 19.04 -49.30 22.97
N ILE D 312 18.70 -48.15 23.55
CA ILE D 312 19.28 -47.59 24.70
C ILE D 312 18.34 -47.64 25.83
N GLU D 313 17.35 -48.54 25.82
CA GLU D 313 16.29 -48.66 26.77
C GLU D 313 16.84 -48.79 28.08
N LEU D 314 17.90 -49.55 28.13
CA LEU D 314 18.49 -49.89 29.35
C LEU D 314 19.12 -48.71 29.79
N ARG D 315 19.80 -48.03 28.90
CA ARG D 315 20.32 -46.72 29.09
C ARG D 315 19.29 -45.80 29.61
N MET D 316 18.15 -45.72 28.98
CA MET D 316 17.04 -45.04 29.45
C MET D 316 16.64 -45.28 30.81
N ARG D 317 16.44 -46.54 31.11
CA ARG D 317 16.04 -47.09 32.34
C ARG D 317 16.89 -46.66 33.36
N GLU D 318 18.12 -46.93 33.04
CA GLU D 318 19.26 -46.76 33.81
C GLU D 318 19.35 -45.39 34.23
N LEU D 319 19.17 -44.51 33.31
CA LEU D 319 19.11 -43.16 33.57
C LEU D 319 17.92 -42.76 34.36
N ALA D 320 16.79 -43.30 33.94
CA ALA D 320 15.51 -42.91 34.40
C ALA D 320 15.41 -43.06 35.81
N ARG D 321 15.87 -44.19 36.25
CA ARG D 321 15.70 -44.48 37.61
C ARG D 321 16.72 -43.86 38.45
N THR D 322 17.91 -43.57 37.90
CA THR D 322 18.97 -43.19 38.78
C THR D 322 18.84 -41.77 38.96
N ILE D 323 18.17 -41.11 38.02
CA ILE D 323 18.07 -39.74 38.16
C ILE D 323 16.66 -39.55 38.57
N PRO D 324 16.45 -38.77 39.58
CA PRO D 324 15.17 -38.49 40.13
C PRO D 324 14.33 -37.86 39.12
N PRO D 325 13.10 -38.06 39.16
CA PRO D 325 12.15 -37.55 38.27
C PRO D 325 12.34 -36.23 38.03
N THR D 326 12.48 -35.57 39.11
CA THR D 326 12.55 -34.23 39.13
C THR D 326 13.55 -33.68 38.19
N ASP D 327 14.75 -34.17 38.29
CA ASP D 327 15.88 -33.74 37.55
C ASP D 327 15.88 -34.02 36.15
N ILE D 328 14.87 -34.79 35.81
CA ILE D 328 14.79 -35.35 34.54
C ILE D 328 13.94 -34.40 33.85
N GLN D 329 12.94 -33.96 34.58
CA GLN D 329 12.08 -32.93 34.15
C GLN D 329 12.92 -31.77 33.87
N LEU D 330 13.89 -31.57 34.77
CA LEU D 330 14.70 -30.43 34.72
C LEU D 330 15.68 -30.38 33.66
N TYR D 331 16.23 -31.52 33.25
CA TYR D 331 17.18 -31.53 32.18
C TYR D 331 16.42 -31.11 31.00
N TYR D 332 15.29 -31.79 30.90
CA TYR D 332 14.41 -31.75 29.83
C TYR D 332 13.98 -30.36 29.61
N GLN D 333 13.53 -29.71 30.67
CA GLN D 333 13.26 -28.34 30.65
C GLN D 333 14.38 -27.42 30.18
N THR D 334 15.62 -27.59 30.70
CA THR D 334 16.75 -26.67 30.40
C THR D 334 16.99 -26.51 28.96
N LEU D 335 17.16 -27.68 28.36
CA LEU D 335 17.54 -27.73 27.02
C LEU D 335 16.41 -27.33 26.14
N LEU D 336 15.16 -27.34 26.66
CA LEU D 336 13.98 -27.07 25.91
C LEU D 336 13.81 -25.65 25.65
N ILE D 337 14.06 -24.92 26.71
CA ILE D 337 14.32 -23.54 26.63
C ILE D 337 15.53 -23.16 25.84
N GLY D 338 16.63 -23.89 25.88
CA GLY D 338 17.77 -23.49 25.11
C GLY D 338 17.54 -23.61 23.65
N ARG D 339 16.86 -24.67 23.20
CA ARG D 339 16.42 -24.96 21.86
C ARG D 339 15.56 -23.94 21.34
N LYS D 340 14.67 -23.52 22.23
CA LYS D 340 13.82 -22.42 22.03
C LYS D 340 14.71 -21.30 21.69
N GLU D 341 15.68 -21.07 22.56
CA GLU D 341 16.59 -20.00 22.34
C GLU D 341 17.78 -20.20 21.55
N LEU D 342 17.90 -21.30 20.90
CA LEU D 342 19.05 -21.59 20.16
C LEU D 342 19.21 -20.65 19.07
N PRO D 343 18.23 -20.35 18.28
CA PRO D 343 18.52 -19.75 17.01
C PRO D 343 19.12 -18.45 17.19
N TYR D 344 18.60 -17.77 18.22
CA TYR D 344 18.77 -16.42 18.61
C TYR D 344 20.18 -16.00 18.57
N ALA D 345 21.05 -16.98 18.73
CA ALA D 345 22.46 -16.87 18.69
C ALA D 345 23.02 -16.61 17.28
N PRO D 346 23.92 -15.63 16.96
CA PRO D 346 24.22 -15.26 15.58
C PRO D 346 25.07 -16.22 14.84
N ASP D 347 25.79 -17.14 15.48
CA ASP D 347 26.18 -18.32 14.77
C ASP D 347 25.11 -19.31 15.27
N ARG D 348 24.69 -20.28 14.45
CA ARG D 348 23.62 -21.23 14.80
C ARG D 348 24.15 -22.10 15.84
N ARG D 349 25.39 -22.46 15.52
CA ARG D 349 26.36 -23.19 16.22
C ARG D 349 26.46 -22.60 17.59
N MET D 350 26.42 -21.28 17.65
CA MET D 350 26.41 -20.56 18.89
C MET D 350 25.19 -20.88 19.73
N GLY D 351 23.96 -20.99 19.17
CA GLY D 351 22.81 -21.22 19.99
C GLY D 351 22.59 -22.46 20.71
N VAL D 352 23.06 -23.48 20.06
CA VAL D 352 23.13 -24.78 20.58
C VAL D 352 24.18 -24.89 21.65
N GLU D 353 25.30 -24.15 21.49
CA GLU D 353 26.35 -24.20 22.48
C GLU D 353 25.85 -23.67 23.75
N MET D 354 24.95 -22.68 23.66
CA MET D 354 24.37 -22.02 24.77
C MET D 354 23.48 -22.91 25.46
N THR D 355 22.71 -23.68 24.69
CA THR D 355 21.72 -24.52 25.25
C THR D 355 22.44 -25.47 26.14
N LEU D 356 23.44 -26.12 25.55
CA LEU D 356 24.28 -27.01 26.27
C LEU D 356 25.10 -26.48 27.31
N LEU D 357 25.46 -25.23 27.19
CA LEU D 357 26.25 -24.56 28.15
C LEU D 357 25.47 -24.49 29.37
N ARG D 358 24.20 -24.05 29.23
CA ARG D 358 23.28 -23.87 30.29
C ARG D 358 22.97 -25.17 30.91
N ALA D 359 22.76 -26.22 30.12
CA ALA D 359 22.76 -27.56 30.67
C ALA D 359 23.98 -27.98 31.42
N LEU D 360 25.14 -27.57 30.88
CA LEU D 360 26.42 -27.93 31.36
C LEU D 360 26.83 -27.18 32.53
N ALA D 361 26.05 -26.14 32.72
CA ALA D 361 26.15 -25.26 33.79
C ALA D 361 25.23 -25.82 34.76
N PHE D 362 24.20 -26.56 34.33
CA PHE D 362 23.35 -27.17 35.30
C PHE D 362 24.09 -28.34 35.82
N HIS D 363 25.03 -28.80 35.01
CA HIS D 363 25.81 -29.84 35.45
C HIS D 363 26.74 -30.14 34.35
N MET E 4 30.22 -14.84 -3.77
CA MET E 4 30.97 -13.83 -4.45
C MET E 4 31.38 -14.33 -5.73
N ARG E 5 32.69 -14.08 -5.97
CA ARG E 5 33.52 -14.56 -7.03
C ARG E 5 33.32 -15.99 -7.06
N TRP E 6 33.75 -16.48 -8.21
CA TRP E 6 33.72 -17.85 -8.39
C TRP E 6 34.98 -18.26 -7.68
N TYR E 7 34.93 -19.31 -6.88
CA TYR E 7 36.06 -19.80 -6.19
C TYR E 7 36.02 -21.11 -6.76
N PRO E 8 37.14 -21.77 -6.56
CA PRO E 8 37.20 -23.13 -6.97
C PRO E 8 36.11 -24.00 -6.35
N TRP E 9 35.67 -23.75 -5.09
CA TRP E 9 34.78 -24.68 -4.39
C TRP E 9 33.35 -24.67 -4.83
N LEU E 10 33.11 -23.86 -5.86
CA LEU E 10 31.86 -23.79 -6.54
C LEU E 10 31.73 -24.75 -7.69
N ARG E 11 32.82 -25.35 -8.11
CA ARG E 11 32.83 -26.12 -9.31
C ARG E 11 32.16 -27.42 -9.19
N PRO E 12 32.41 -28.21 -8.18
CA PRO E 12 31.93 -29.55 -8.21
C PRO E 12 30.52 -29.54 -7.98
N ASP E 13 30.05 -28.52 -7.29
CA ASP E 13 28.66 -28.35 -7.11
C ASP E 13 28.03 -28.26 -8.45
N PHE E 14 28.52 -27.34 -9.25
CA PHE E 14 28.09 -26.99 -10.56
C PHE E 14 27.95 -28.18 -11.41
N GLU E 15 29.02 -28.96 -11.50
CA GLU E 15 29.05 -30.07 -12.34
C GLU E 15 28.02 -31.06 -12.21
N LYS E 16 27.64 -31.33 -10.96
CA LYS E 16 26.66 -32.31 -10.64
C LYS E 16 25.42 -31.79 -11.10
N LEU E 17 25.29 -30.51 -10.96
CA LEU E 17 24.07 -29.93 -11.14
C LEU E 17 23.84 -29.80 -12.49
N VAL E 18 24.80 -29.36 -13.25
CA VAL E 18 24.60 -29.39 -14.61
C VAL E 18 24.52 -30.70 -15.13
N ALA E 19 25.22 -31.64 -14.55
CA ALA E 19 25.10 -32.97 -14.96
C ALA E 19 23.79 -33.45 -14.86
N SER E 20 23.26 -33.22 -13.67
CA SER E 20 22.01 -33.64 -13.29
C SER E 20 21.08 -32.99 -14.18
N TYR E 21 21.30 -31.74 -14.44
CA TYR E 21 20.47 -30.98 -15.26
C TYR E 21 20.43 -31.46 -16.56
N GLN E 22 21.59 -31.83 -17.00
CA GLN E 22 21.69 -32.43 -18.24
C GLN E 22 21.07 -33.69 -18.27
N ALA E 23 20.91 -34.32 -17.13
CA ALA E 23 20.34 -35.59 -17.26
C ALA E 23 18.96 -35.44 -16.97
N GLY E 24 18.50 -34.28 -16.54
CA GLY E 24 17.13 -34.16 -16.28
C GLY E 24 16.87 -35.15 -15.19
N ARG E 25 17.77 -35.22 -14.23
CA ARG E 25 17.66 -36.13 -13.13
C ARG E 25 17.76 -35.04 -12.16
N GLY E 26 18.80 -34.22 -12.46
CA GLY E 26 18.96 -32.93 -11.98
C GLY E 26 17.87 -32.24 -12.58
N HIS E 27 17.06 -31.97 -11.59
CA HIS E 27 15.93 -31.20 -11.50
C HIS E 27 16.42 -29.88 -11.86
N HIS E 28 15.52 -29.12 -12.41
CA HIS E 28 15.94 -27.86 -12.89
C HIS E 28 16.15 -26.90 -11.79
N ALA E 29 15.47 -27.17 -10.65
CA ALA E 29 15.60 -26.38 -9.44
C ALA E 29 16.92 -26.74 -8.86
N LEU E 30 17.30 -25.94 -7.84
CA LEU E 30 18.59 -26.04 -7.25
C LEU E 30 18.65 -25.15 -6.00
N LEU E 31 19.34 -25.49 -4.85
CA LEU E 31 19.50 -24.52 -3.78
C LEU E 31 20.88 -24.66 -3.30
N ILE E 32 21.65 -23.60 -3.10
CA ILE E 32 22.99 -23.70 -2.64
C ILE E 32 23.07 -23.00 -1.39
N GLN E 33 23.03 -23.79 -0.34
CA GLN E 33 23.19 -23.31 0.98
C GLN E 33 24.15 -22.24 1.15
N ALA E 34 25.39 -22.55 0.81
CA ALA E 34 26.58 -21.78 0.93
C ALA E 34 26.30 -20.40 0.82
N LEU E 35 26.96 -19.55 1.60
CA LEU E 35 26.87 -18.15 1.53
C LEU E 35 26.97 -17.74 0.17
N PRO E 36 26.30 -16.66 -0.21
CA PRO E 36 26.48 -16.15 -1.47
C PRO E 36 27.70 -15.42 -1.32
N GLY E 37 28.19 -15.25 -0.09
CA GLY E 37 29.39 -14.65 0.32
C GLY E 37 30.44 -15.67 0.20
N MET E 38 30.15 -16.97 0.19
CA MET E 38 31.17 -17.92 0.07
C MET E 38 31.17 -18.41 -1.34
N GLY E 39 30.50 -17.68 -2.30
CA GLY E 39 30.77 -17.88 -3.70
C GLY E 39 29.58 -18.22 -4.51
N ASP E 40 28.41 -18.31 -3.90
CA ASP E 40 27.31 -18.91 -4.58
C ASP E 40 26.82 -18.30 -5.84
N ASP E 41 26.93 -16.99 -5.93
CA ASP E 41 26.49 -16.13 -6.99
C ASP E 41 27.11 -16.35 -8.29
N ALA E 42 28.43 -16.47 -8.26
CA ALA E 42 29.20 -16.73 -9.40
C ALA E 42 28.91 -18.09 -9.83
N LEU E 43 28.68 -18.98 -8.84
CA LEU E 43 28.45 -20.38 -9.01
C LEU E 43 27.16 -20.51 -9.76
N ILE E 44 26.18 -19.69 -9.36
CA ILE E 44 24.89 -19.59 -9.91
C ILE E 44 24.92 -19.16 -11.29
N TYR E 45 25.73 -18.17 -11.50
CA TYR E 45 25.73 -17.53 -12.71
C TYR E 45 26.53 -18.28 -13.70
N ALA E 46 27.53 -18.98 -13.23
CA ALA E 46 28.33 -19.90 -13.96
C ALA E 46 27.39 -20.90 -14.52
N LEU E 47 26.51 -21.46 -13.69
CA LEU E 47 25.45 -22.32 -14.15
C LEU E 47 24.60 -21.73 -15.20
N SER E 48 24.11 -20.49 -15.02
CA SER E 48 23.27 -19.94 -16.04
C SER E 48 23.91 -19.81 -17.33
N ARG E 49 25.22 -19.58 -17.22
CA ARG E 49 26.10 -19.45 -18.30
C ARG E 49 26.05 -20.53 -19.19
N TYR E 50 25.83 -21.68 -18.64
CA TYR E 50 25.74 -22.82 -19.38
C TYR E 50 24.39 -23.14 -19.71
N LEU E 51 23.58 -23.26 -18.67
CA LEU E 51 22.23 -23.60 -18.66
C LEU E 51 21.48 -22.86 -19.59
N LEU E 52 21.81 -21.62 -19.87
CA LEU E 52 20.98 -20.82 -20.67
C LEU E 52 21.33 -20.97 -22.05
N CYS E 53 22.54 -21.35 -22.25
CA CYS E 53 23.00 -21.42 -23.59
C CYS E 53 22.59 -22.71 -24.06
N GLN E 54 21.90 -23.41 -23.14
CA GLN E 54 21.11 -24.53 -23.24
C GLN E 54 21.73 -25.61 -22.45
N GLN E 55 22.69 -25.30 -21.58
CA GLN E 55 23.52 -26.31 -20.97
C GLN E 55 24.59 -26.79 -21.91
N PRO E 56 25.26 -26.16 -22.87
CA PRO E 56 26.09 -26.90 -23.80
C PRO E 56 27.43 -27.13 -23.17
N GLN E 57 28.06 -28.21 -23.68
CA GLN E 57 29.23 -28.91 -23.21
C GLN E 57 28.83 -29.64 -21.94
N GLY E 58 29.66 -30.64 -21.54
CA GLY E 58 29.42 -31.54 -20.45
C GLY E 58 29.11 -30.80 -19.21
N HIS E 59 29.87 -29.72 -19.10
CA HIS E 59 29.87 -28.93 -17.97
C HIS E 59 30.89 -27.91 -18.32
N LYS E 60 30.49 -26.67 -18.45
CA LYS E 60 31.38 -25.61 -18.70
C LYS E 60 30.67 -24.56 -18.00
N SER E 61 31.43 -23.50 -17.70
CA SER E 61 30.89 -22.31 -17.19
C SER E 61 30.33 -21.63 -18.39
N CYS E 62 30.83 -22.02 -19.59
CA CYS E 62 30.63 -21.43 -20.89
C CYS E 62 31.39 -20.18 -20.94
N GLY E 63 32.41 -20.17 -21.82
CA GLY E 63 33.20 -19.01 -22.13
C GLY E 63 32.78 -18.59 -23.49
N HIS E 64 32.50 -19.61 -24.31
CA HIS E 64 32.00 -19.48 -25.62
C HIS E 64 30.56 -19.87 -25.46
N CYS E 65 29.79 -19.52 -26.47
CA CYS E 65 28.39 -19.69 -26.57
C CYS E 65 27.96 -18.31 -26.68
N ARG E 66 27.08 -18.21 -27.63
CA ARG E 66 26.21 -17.17 -27.91
C ARG E 66 25.28 -16.93 -26.79
N GLY E 67 24.80 -18.00 -26.15
CA GLY E 67 23.93 -17.89 -25.05
C GLY E 67 24.70 -17.19 -24.00
N CYS E 68 25.84 -17.76 -23.57
CA CYS E 68 26.80 -17.35 -22.60
C CYS E 68 27.18 -15.97 -22.79
N GLN E 69 27.47 -15.57 -24.06
CA GLN E 69 28.04 -14.31 -24.42
C GLN E 69 26.93 -13.39 -24.50
N LEU E 70 25.77 -13.78 -25.00
CA LEU E 70 24.65 -12.89 -24.98
C LEU E 70 24.13 -12.73 -23.67
N MET E 71 24.46 -13.64 -22.78
CA MET E 71 24.12 -13.62 -21.42
C MET E 71 25.21 -12.87 -20.80
N GLN E 72 26.42 -12.90 -21.40
CA GLN E 72 27.56 -12.15 -20.94
C GLN E 72 27.27 -10.72 -21.21
N ALA E 73 26.60 -10.46 -22.34
CA ALA E 73 26.10 -9.22 -22.73
C ALA E 73 24.84 -9.09 -21.92
N GLY E 74 24.23 -10.21 -21.53
CA GLY E 74 23.09 -10.27 -20.65
C GLY E 74 21.86 -10.16 -21.42
N THR E 75 21.98 -9.64 -22.63
CA THR E 75 21.01 -9.46 -23.63
C THR E 75 20.34 -10.69 -24.03
N HIS E 76 20.69 -11.76 -23.37
CA HIS E 76 20.10 -12.93 -23.54
C HIS E 76 18.82 -12.75 -22.78
N PRO E 77 17.73 -13.07 -23.38
CA PRO E 77 16.47 -12.60 -22.84
C PRO E 77 16.05 -13.68 -22.00
N ASP E 78 16.60 -14.83 -22.40
CA ASP E 78 16.47 -16.05 -21.72
C ASP E 78 17.02 -15.84 -20.41
N TYR E 79 18.19 -15.23 -20.55
CA TYR E 79 18.91 -14.83 -19.49
C TYR E 79 18.16 -13.81 -18.79
N TYR E 80 18.30 -13.92 -17.50
CA TYR E 80 17.89 -13.00 -16.52
C TYR E 80 18.94 -13.17 -15.52
N THR E 81 19.06 -12.11 -14.74
CA THR E 81 19.87 -12.08 -13.57
C THR E 81 18.99 -12.14 -12.39
N LEU E 82 17.75 -11.64 -12.55
CA LEU E 82 16.72 -11.54 -11.56
C LEU E 82 17.18 -11.39 -10.16
N ALA E 83 17.69 -10.19 -9.94
CA ALA E 83 18.14 -9.63 -8.72
C ALA E 83 16.89 -9.25 -8.03
N PRO E 84 17.00 -8.77 -6.83
CA PRO E 84 15.95 -8.02 -6.20
C PRO E 84 15.43 -6.85 -6.94
N GLU E 85 14.27 -6.32 -6.52
CA GLU E 85 13.70 -5.12 -7.05
C GLU E 85 14.41 -4.00 -6.32
N LYS E 86 14.65 -2.83 -6.99
CA LYS E 86 15.48 -1.70 -6.57
C LYS E 86 14.69 -0.60 -6.00
N GLY E 87 13.38 -0.61 -6.27
CA GLY E 87 12.44 0.29 -5.62
C GLY E 87 12.29 -0.27 -4.24
N LYS E 88 12.73 -1.53 -4.10
CA LYS E 88 12.90 -2.18 -2.87
C LYS E 88 14.36 -2.43 -2.97
N ASN E 89 14.78 -3.58 -2.50
CA ASN E 89 16.13 -3.98 -2.48
C ASN E 89 15.99 -5.49 -2.34
N THR E 90 14.72 -5.96 -2.13
CA THR E 90 14.31 -7.32 -2.08
C THR E 90 13.65 -7.66 -3.35
N LEU E 91 13.67 -8.95 -3.66
CA LEU E 91 13.24 -9.33 -4.94
C LEU E 91 11.80 -9.52 -4.93
N GLY E 92 11.10 -8.43 -5.38
CA GLY E 92 9.69 -8.22 -5.32
C GLY E 92 8.94 -9.17 -6.19
N VAL E 93 7.60 -9.10 -6.13
CA VAL E 93 6.78 -10.02 -6.85
C VAL E 93 6.71 -9.68 -8.23
N ASP E 94 6.69 -8.43 -8.45
CA ASP E 94 6.55 -7.89 -9.72
C ASP E 94 7.62 -8.27 -10.69
N ALA E 95 8.88 -8.21 -10.22
CA ALA E 95 10.16 -8.55 -10.80
C ALA E 95 10.12 -9.89 -11.34
N VAL E 96 9.74 -10.65 -10.39
CA VAL E 96 9.36 -11.94 -10.58
C VAL E 96 8.31 -12.10 -11.62
N ARG E 97 7.10 -11.46 -11.48
CA ARG E 97 5.95 -11.64 -12.36
C ARG E 97 6.41 -11.52 -13.75
N GLU E 98 7.21 -10.59 -14.05
CA GLU E 98 7.71 -10.47 -15.35
C GLU E 98 8.49 -11.50 -16.05
N VAL E 99 9.57 -11.95 -15.37
CA VAL E 99 10.56 -12.75 -16.01
C VAL E 99 9.94 -14.02 -16.27
N THR E 100 9.18 -14.43 -15.23
CA THR E 100 8.35 -15.57 -15.24
C THR E 100 7.45 -15.70 -16.42
N GLU E 101 6.79 -14.60 -16.79
CA GLU E 101 5.75 -14.69 -17.73
C GLU E 101 6.35 -14.68 -19.08
N LYS E 102 7.55 -14.12 -19.19
CA LYS E 102 8.38 -14.22 -20.36
C LYS E 102 8.90 -15.53 -20.70
N LEU E 103 8.74 -16.45 -19.78
CA LEU E 103 9.17 -17.76 -20.05
C LEU E 103 7.98 -18.49 -20.59
N ASN E 104 6.77 -17.86 -20.72
CA ASN E 104 5.58 -18.52 -21.25
C ASN E 104 5.42 -18.17 -22.66
N GLU E 105 6.51 -17.62 -23.17
CA GLU E 105 6.65 -17.26 -24.51
C GLU E 105 7.78 -17.98 -25.00
N HIS E 106 8.16 -19.05 -24.28
CA HIS E 106 9.25 -19.88 -24.69
C HIS E 106 10.59 -19.15 -24.55
N ALA E 107 11.62 -19.63 -25.29
CA ALA E 107 12.95 -19.08 -25.30
C ALA E 107 12.78 -18.01 -26.27
N ARG E 108 13.55 -16.94 -26.16
CA ARG E 108 13.34 -15.83 -27.04
C ARG E 108 14.54 -15.57 -27.86
N LEU E 109 15.56 -16.41 -27.71
CA LEU E 109 16.71 -16.28 -28.53
C LEU E 109 17.47 -17.51 -28.26
N GLY E 110 16.80 -18.54 -27.77
CA GLY E 110 17.43 -19.80 -27.73
C GLY E 110 18.42 -19.95 -26.67
N GLY E 111 18.64 -21.26 -26.52
CA GLY E 111 19.34 -21.85 -25.48
C GLY E 111 18.33 -21.86 -24.43
N ALA E 112 18.58 -22.54 -23.33
CA ALA E 112 17.57 -22.69 -22.37
C ALA E 112 17.58 -21.44 -21.73
N LYS E 113 16.65 -21.17 -20.90
CA LYS E 113 16.81 -19.97 -20.26
C LYS E 113 17.29 -20.41 -19.03
N VAL E 114 17.85 -19.41 -18.43
CA VAL E 114 18.28 -19.58 -17.15
C VAL E 114 17.81 -18.28 -16.72
N VAL E 115 17.21 -18.37 -15.55
CA VAL E 115 16.64 -17.28 -14.86
C VAL E 115 17.21 -17.62 -13.51
N TRP E 116 18.25 -16.89 -13.06
CA TRP E 116 18.86 -17.18 -11.77
C TRP E 116 18.61 -16.07 -10.76
N VAL E 117 18.20 -16.32 -9.48
CA VAL E 117 18.12 -15.28 -8.47
C VAL E 117 19.49 -15.23 -7.90
N THR E 118 19.96 -14.00 -7.78
CA THR E 118 21.24 -13.60 -7.29
C THR E 118 21.53 -14.08 -5.92
N ASP E 119 20.53 -13.91 -5.06
CA ASP E 119 20.55 -14.35 -3.74
C ASP E 119 19.09 -14.29 -3.59
N ALA E 120 18.51 -15.47 -3.73
CA ALA E 120 17.20 -15.87 -3.41
C ALA E 120 16.99 -15.69 -1.98
N ALA E 121 18.05 -15.41 -1.18
CA ALA E 121 17.99 -15.13 0.20
C ALA E 121 17.21 -13.88 0.23
N LEU E 122 17.49 -12.99 -0.71
CA LEU E 122 16.85 -11.73 -0.92
C LEU E 122 15.48 -11.61 -1.47
N LEU E 123 14.81 -12.67 -1.89
CA LEU E 123 13.43 -12.53 -2.31
C LEU E 123 12.45 -11.81 -1.42
N THR E 124 11.28 -11.31 -1.97
CA THR E 124 10.10 -10.81 -1.23
C THR E 124 9.12 -11.95 -1.23
N ASP E 125 8.01 -11.86 -0.43
CA ASP E 125 6.86 -12.76 -0.33
C ASP E 125 5.84 -12.82 -1.35
N ALA E 126 5.59 -11.73 -2.03
CA ALA E 126 4.60 -11.73 -3.04
C ALA E 126 5.38 -12.38 -4.15
N ALA E 127 6.72 -12.06 -4.22
CA ALA E 127 7.71 -12.63 -5.13
C ALA E 127 7.93 -14.06 -5.01
N ALA E 128 8.03 -14.49 -3.78
CA ALA E 128 8.30 -15.85 -3.43
C ALA E 128 7.16 -16.73 -3.73
N ASN E 129 5.95 -16.25 -3.32
CA ASN E 129 4.67 -16.86 -3.41
C ASN E 129 4.46 -17.07 -4.85
N ALA E 130 4.70 -15.95 -5.52
CA ALA E 130 4.80 -16.00 -6.93
C ALA E 130 5.67 -17.05 -7.56
N LEU E 131 6.88 -17.24 -7.00
CA LEU E 131 7.88 -18.16 -7.47
C LEU E 131 7.59 -19.57 -7.11
N LEU E 132 6.65 -19.86 -6.20
CA LEU E 132 6.45 -21.21 -5.79
C LEU E 132 6.08 -22.14 -6.87
N LYS E 133 5.20 -21.58 -7.69
CA LYS E 133 4.60 -22.38 -8.67
C LYS E 133 5.53 -22.51 -9.79
N THR E 134 6.29 -21.46 -10.08
CA THR E 134 7.31 -21.57 -11.07
C THR E 134 8.54 -22.36 -10.69
N LEU E 135 8.91 -22.41 -9.42
CA LEU E 135 10.06 -23.20 -9.05
C LEU E 135 9.72 -24.65 -8.95
N GLU E 136 8.41 -24.87 -8.66
CA GLU E 136 7.90 -26.19 -8.48
C GLU E 136 7.76 -26.66 -9.87
N GLU E 137 6.76 -26.10 -10.56
CA GLU E 137 6.41 -26.38 -11.92
C GLU E 137 7.54 -25.97 -12.83
N PRO E 138 8.00 -26.80 -13.75
CA PRO E 138 9.19 -26.59 -14.55
C PRO E 138 8.85 -25.91 -15.85
N PRO E 139 9.18 -24.70 -16.23
CA PRO E 139 8.87 -24.30 -17.58
C PRO E 139 10.03 -24.73 -18.36
N ALA E 140 9.72 -24.93 -19.63
CA ALA E 140 10.59 -25.47 -20.59
C ALA E 140 11.84 -24.67 -20.63
N GLU E 141 12.96 -25.40 -20.54
CA GLU E 141 14.29 -24.90 -20.64
C GLU E 141 14.69 -24.04 -19.58
N THR E 142 13.97 -24.09 -18.52
CA THR E 142 14.25 -23.21 -17.49
C THR E 142 15.05 -23.99 -16.59
N TRP E 143 16.15 -23.36 -16.23
CA TRP E 143 16.89 -23.89 -15.17
C TRP E 143 16.92 -22.72 -14.37
N PHE E 144 16.45 -22.94 -13.15
CA PHE E 144 16.44 -21.92 -12.17
C PHE E 144 17.58 -22.21 -11.32
N PHE E 145 18.20 -21.12 -10.87
CA PHE E 145 19.34 -21.17 -9.96
C PHE E 145 19.21 -20.11 -8.83
N LEU E 146 19.08 -20.50 -7.52
CA LEU E 146 18.90 -19.63 -6.33
C LEU E 146 20.13 -19.63 -5.43
N ALA E 147 20.34 -18.56 -4.62
CA ALA E 147 21.52 -18.39 -3.82
C ALA E 147 21.12 -17.88 -2.51
N THR E 148 21.72 -18.38 -1.43
CA THR E 148 21.36 -17.88 -0.16
C THR E 148 22.61 -17.79 0.59
N ARG E 149 22.59 -17.06 1.72
CA ARG E 149 23.65 -17.08 2.66
C ARG E 149 23.77 -18.43 3.18
N GLU E 150 22.61 -18.93 3.46
CA GLU E 150 22.44 -20.18 3.99
C GLU E 150 21.14 -20.52 3.51
N PRO E 151 20.71 -21.72 3.49
CA PRO E 151 19.39 -22.12 3.10
C PRO E 151 18.35 -21.38 3.80
N GLU E 152 18.69 -20.88 5.02
CA GLU E 152 17.81 -20.24 5.95
C GLU E 152 17.34 -18.97 5.38
N ARG E 153 17.94 -18.57 4.29
CA ARG E 153 17.60 -17.38 3.64
C ARG E 153 16.33 -17.52 2.90
N LEU E 154 15.84 -18.77 2.67
CA LEU E 154 14.59 -19.08 1.99
C LEU E 154 13.52 -19.63 2.92
N LEU E 155 12.19 -19.68 2.45
CA LEU E 155 10.98 -20.31 3.07
C LEU E 155 10.90 -21.76 2.58
N ALA E 156 10.27 -22.58 3.42
CA ALA E 156 10.11 -23.99 3.29
C ALA E 156 9.36 -24.53 2.15
N THR E 157 8.18 -23.91 1.87
CA THR E 157 7.25 -24.33 0.87
C THR E 157 8.00 -24.28 -0.38
N LEU E 158 8.81 -23.24 -0.61
CA LEU E 158 9.75 -23.11 -1.68
C LEU E 158 10.76 -24.18 -1.76
N ARG E 159 11.34 -24.46 -0.64
CA ARG E 159 12.33 -25.46 -0.55
C ARG E 159 11.76 -26.83 -0.72
N SER E 160 10.40 -26.99 -0.64
CA SER E 160 9.66 -28.22 -0.79
C SER E 160 10.11 -28.73 -2.12
N ARG E 161 10.05 -27.81 -3.08
CA ARG E 161 10.49 -27.93 -4.42
C ARG E 161 11.93 -27.58 -4.72
N CYS E 162 12.71 -26.90 -3.83
CA CYS E 162 14.12 -26.64 -4.13
C CYS E 162 14.85 -27.92 -4.25
N ARG E 163 15.58 -28.11 -5.37
CA ARG E 163 16.43 -29.26 -5.45
C ARG E 163 17.69 -28.81 -4.87
N LEU E 164 17.87 -29.15 -3.62
CA LEU E 164 18.94 -28.61 -2.88
C LEU E 164 20.20 -29.24 -3.25
N HIS E 165 21.14 -28.37 -3.50
CA HIS E 165 22.46 -28.79 -3.68
C HIS E 165 23.06 -28.03 -2.58
N TYR E 166 23.35 -28.72 -1.50
CA TYR E 166 23.94 -28.19 -0.28
C TYR E 166 25.17 -27.44 -0.65
N LEU E 167 25.72 -26.73 0.30
CA LEU E 167 27.01 -26.25 0.03
C LEU E 167 27.36 -25.50 1.16
N ALA E 168 28.10 -26.18 1.99
CA ALA E 168 28.52 -25.70 3.23
C ALA E 168 29.56 -24.73 2.87
N PRO E 169 30.06 -24.14 3.88
CA PRO E 169 31.31 -23.46 3.79
C PRO E 169 32.32 -24.44 3.49
N PRO E 170 33.33 -24.15 2.73
CA PRO E 170 34.45 -25.02 2.71
C PRO E 170 35.06 -24.97 4.07
N PRO E 171 35.78 -26.00 4.44
CA PRO E 171 36.44 -26.17 5.70
C PRO E 171 37.20 -24.97 6.05
N GLU E 172 37.28 -24.78 7.36
CA GLU E 172 37.95 -23.76 8.07
C GLU E 172 39.32 -23.55 7.70
N GLN E 173 40.07 -24.64 7.53
CA GLN E 173 41.44 -24.57 7.16
C GLN E 173 41.60 -23.88 5.87
N TYR E 174 40.80 -24.35 4.91
CA TYR E 174 40.87 -23.84 3.64
C TYR E 174 40.25 -22.52 3.62
N ALA E 175 39.14 -22.36 4.33
CA ALA E 175 38.45 -21.16 4.56
C ALA E 175 39.36 -20.14 5.20
N VAL E 176 40.29 -20.49 6.09
CA VAL E 176 41.36 -19.68 6.64
C VAL E 176 42.42 -19.39 5.65
N THR E 177 43.09 -20.38 5.00
CA THR E 177 44.09 -20.23 3.96
C THR E 177 43.60 -19.35 2.85
N TRP E 178 42.35 -19.56 2.46
CA TRP E 178 41.59 -18.79 1.55
C TRP E 178 41.39 -17.40 2.05
N LEU E 179 41.08 -17.29 3.37
CA LEU E 179 40.86 -16.07 4.09
C LEU E 179 42.08 -15.22 4.33
N SER E 180 43.18 -15.91 4.63
CA SER E 180 44.52 -15.46 4.89
C SER E 180 45.20 -14.85 3.76
N ARG E 181 44.90 -15.38 2.54
CA ARG E 181 45.56 -14.99 1.30
C ARG E 181 45.45 -13.51 1.18
N GLU E 182 44.24 -13.09 1.51
CA GLU E 182 43.64 -11.82 1.29
C GLU E 182 43.50 -10.92 2.48
N VAL E 183 43.97 -11.30 3.69
CA VAL E 183 43.92 -10.35 4.75
C VAL E 183 44.99 -10.78 5.60
N THR E 184 45.71 -9.75 6.00
CA THR E 184 46.91 -10.01 6.66
C THR E 184 46.58 -9.64 7.98
N MET E 185 46.92 -10.54 8.83
CA MET E 185 46.74 -10.49 10.19
C MET E 185 46.47 -11.91 10.27
N SER E 186 47.20 -12.40 11.27
CA SER E 186 47.33 -13.68 11.81
C SER E 186 46.14 -14.46 11.58
N GLN E 187 46.42 -15.72 11.40
CA GLN E 187 45.49 -16.73 11.18
C GLN E 187 44.57 -16.87 12.32
N ASP E 188 44.84 -16.23 13.46
CA ASP E 188 44.02 -16.33 14.61
C ASP E 188 42.97 -15.37 14.54
N ALA E 189 43.22 -14.34 13.76
CA ALA E 189 42.33 -13.30 13.60
C ALA E 189 41.50 -13.71 12.48
N LEU E 190 42.06 -14.50 11.55
CA LEU E 190 41.38 -15.07 10.44
C LEU E 190 40.38 -15.99 10.88
N LEU E 191 40.84 -16.92 11.65
CA LEU E 191 40.09 -17.87 12.30
C LEU E 191 39.16 -17.44 13.35
N ALA E 192 39.63 -16.59 14.29
CA ALA E 192 38.83 -16.00 15.34
C ALA E 192 37.67 -15.41 14.78
N ALA E 193 37.91 -14.80 13.62
CA ALA E 193 36.94 -14.18 12.82
C ALA E 193 36.16 -15.18 12.07
N LEU E 194 36.79 -16.15 11.40
CA LEU E 194 36.19 -17.18 10.63
C LEU E 194 35.22 -17.96 11.44
N ARG E 195 35.66 -18.45 12.61
CA ARG E 195 34.98 -19.10 13.66
C ARG E 195 33.89 -18.31 14.17
N LEU E 196 34.20 -17.03 14.31
CA LEU E 196 33.24 -16.10 14.72
C LEU E 196 32.19 -15.90 13.67
N SER E 197 32.45 -16.38 12.45
CA SER E 197 31.58 -16.25 11.30
C SER E 197 30.73 -17.47 11.15
N ALA E 198 30.72 -18.34 12.17
CA ALA E 198 30.11 -19.64 12.10
C ALA E 198 30.84 -20.44 11.07
N GLY E 199 32.13 -20.10 10.86
CA GLY E 199 33.04 -20.83 10.03
C GLY E 199 32.83 -20.60 8.58
N SER E 200 31.99 -19.62 8.17
CA SER E 200 31.77 -19.47 6.78
C SER E 200 32.79 -18.56 6.30
N PRO E 201 33.47 -18.81 5.21
CA PRO E 201 34.35 -17.87 4.63
C PRO E 201 33.44 -17.26 3.67
N GLY E 202 33.81 -16.09 3.22
CA GLY E 202 32.83 -15.29 2.58
C GLY E 202 32.37 -14.50 3.71
N ALA E 203 31.80 -15.17 4.70
CA ALA E 203 31.56 -14.56 5.95
C ALA E 203 32.88 -14.26 6.64
N ALA E 204 33.85 -15.15 6.77
CA ALA E 204 35.10 -14.92 7.45
C ALA E 204 35.90 -13.78 7.07
N LEU E 205 35.87 -13.50 5.78
CA LEU E 205 36.62 -12.48 5.16
C LEU E 205 36.35 -11.10 5.53
N ALA E 206 35.10 -10.79 5.83
CA ALA E 206 34.74 -9.43 5.99
C ALA E 206 35.33 -8.67 7.11
N LEU E 207 35.58 -9.40 8.17
CA LEU E 207 36.12 -9.02 9.43
C LEU E 207 37.38 -8.21 9.33
N PHE E 208 38.24 -8.56 8.40
CA PHE E 208 39.57 -7.98 8.34
C PHE E 208 39.65 -6.77 7.60
N GLN E 209 38.52 -6.54 7.02
CA GLN E 209 38.25 -5.36 6.39
C GLN E 209 37.64 -4.66 7.48
N GLY E 210 37.78 -3.38 7.20
CA GLY E 210 37.62 -2.32 8.06
C GLY E 210 38.41 -2.51 9.24
N ASP E 211 38.04 -1.54 10.02
CA ASP E 211 38.57 -1.40 11.31
C ASP E 211 37.83 -2.22 12.11
N ASN E 212 37.06 -3.15 11.53
CA ASN E 212 36.33 -4.12 12.28
C ASN E 212 37.33 -4.99 13.00
N TRP E 213 38.22 -5.68 12.30
CA TRP E 213 39.11 -6.56 13.05
C TRP E 213 40.16 -5.78 13.83
N GLN E 214 40.43 -4.55 13.42
CA GLN E 214 41.33 -3.71 14.18
C GLN E 214 40.51 -3.26 15.37
N ALA E 215 39.24 -2.96 15.13
CA ALA E 215 38.34 -2.54 16.19
C ALA E 215 38.08 -3.76 17.00
N ARG E 216 38.15 -4.92 16.36
CA ARG E 216 38.01 -6.15 17.10
C ARG E 216 39.08 -5.96 18.13
N GLU E 217 40.31 -5.85 17.67
CA GLU E 217 41.36 -5.67 18.60
C GLU E 217 41.18 -4.56 19.56
N THR E 218 40.62 -3.48 19.04
CA THR E 218 40.46 -2.30 19.78
C THR E 218 39.67 -2.52 20.95
N LEU E 219 38.58 -3.14 20.62
CA LEU E 219 37.59 -3.44 21.49
C LEU E 219 38.14 -4.32 22.51
N CYS E 220 38.88 -5.35 22.03
CA CYS E 220 39.54 -6.32 22.84
C CYS E 220 40.33 -5.63 23.94
N GLN E 221 41.14 -4.64 23.57
CA GLN E 221 41.89 -3.90 24.51
C GLN E 221 41.13 -3.21 25.61
N ALA E 222 40.16 -2.33 25.27
CA ALA E 222 39.38 -1.54 26.20
C ALA E 222 38.74 -2.40 27.16
N LEU E 223 38.23 -3.46 26.58
CA LEU E 223 37.59 -4.41 27.43
C LEU E 223 38.42 -5.00 28.48
N ALA E 224 39.70 -5.26 28.23
CA ALA E 224 40.55 -5.92 29.21
C ALA E 224 40.77 -5.04 30.37
N TYR E 225 40.27 -3.85 30.27
CA TYR E 225 40.44 -2.85 31.18
C TYR E 225 39.09 -2.84 31.80
N SER E 226 38.09 -3.06 31.01
CA SER E 226 36.79 -2.89 31.45
C SER E 226 36.37 -3.79 32.45
N VAL E 227 36.79 -5.01 32.19
CA VAL E 227 36.48 -6.17 32.89
C VAL E 227 36.92 -6.22 34.26
N PRO E 228 38.04 -5.63 34.58
CA PRO E 228 38.47 -5.78 35.93
C PRO E 228 37.83 -4.67 36.58
N SER E 229 37.80 -3.58 35.84
CA SER E 229 37.65 -2.34 36.44
C SER E 229 36.25 -2.22 36.72
N GLY E 230 35.40 -2.98 36.04
CA GLY E 230 34.06 -2.82 36.29
C GLY E 230 33.68 -1.59 35.66
N ASP E 231 34.42 -1.24 34.61
CA ASP E 231 34.02 -0.22 33.74
C ASP E 231 34.06 -0.78 32.40
N TRP E 232 32.91 -0.97 32.00
CA TRP E 232 32.57 -1.52 30.78
C TRP E 232 32.23 -0.45 29.98
N TYR E 233 31.84 0.61 30.65
CA TYR E 233 31.35 1.73 30.03
C TYR E 233 32.34 2.27 29.05
N SER E 234 33.60 1.90 29.23
CA SER E 234 34.68 2.24 28.39
C SER E 234 34.54 1.63 27.07
N LEU E 235 33.76 0.59 27.01
CA LEU E 235 33.70 -0.10 25.81
C LEU E 235 32.71 0.36 24.95
N LEU E 236 31.97 1.45 25.29
CA LEU E 236 30.79 1.77 24.54
C LEU E 236 31.10 1.85 23.10
N ALA E 237 32.05 2.66 22.79
CA ALA E 237 32.48 2.83 21.47
C ALA E 237 33.04 1.70 20.68
N ALA E 238 33.79 0.80 21.29
CA ALA E 238 34.62 -0.14 20.60
C ALA E 238 33.81 -1.05 19.75
N LEU E 239 32.60 -1.18 20.27
CA LEU E 239 31.47 -1.87 19.80
C LEU E 239 30.39 -1.08 19.26
N ASN E 240 30.35 0.20 19.60
CA ASN E 240 29.33 1.09 19.07
C ASN E 240 29.74 1.38 17.66
N HIS E 241 28.99 0.85 16.70
CA HIS E 241 29.39 1.01 15.31
C HIS E 241 28.29 0.60 14.38
N GLU E 242 28.48 0.85 13.09
CA GLU E 242 27.50 0.37 12.12
C GLU E 242 27.63 -1.13 12.22
N GLN E 243 28.83 -1.60 12.55
CA GLN E 243 29.04 -3.01 12.74
C GLN E 243 28.96 -3.35 14.21
N ALA E 244 28.29 -2.51 14.99
CA ALA E 244 28.13 -2.82 16.40
C ALA E 244 27.82 -4.29 16.61
N PRO E 245 26.75 -4.82 16.00
CA PRO E 245 26.42 -6.20 16.09
C PRO E 245 27.57 -7.05 15.85
N ALA E 246 28.40 -6.71 14.90
CA ALA E 246 29.61 -7.38 14.62
C ALA E 246 30.58 -7.25 15.70
N ARG E 247 30.65 -6.09 16.33
CA ARG E 247 31.61 -5.82 17.31
C ARG E 247 31.10 -6.47 18.53
N LEU E 248 29.78 -6.46 18.66
CA LEU E 248 28.94 -7.15 19.58
C LEU E 248 29.17 -8.59 19.43
N HIS E 249 29.43 -9.02 18.19
CA HIS E 249 29.82 -10.33 17.83
C HIS E 249 31.19 -10.74 18.16
N TRP E 250 32.16 -9.80 18.06
CA TRP E 250 33.55 -9.98 18.36
C TRP E 250 33.67 -10.42 19.75
N LEU E 251 32.97 -9.64 20.55
CA LEU E 251 32.87 -9.75 21.96
C LEU E 251 32.27 -10.99 22.49
N ALA E 252 31.25 -11.48 21.83
CA ALA E 252 30.47 -12.56 22.34
C ALA E 252 31.27 -13.81 22.40
N THR E 253 32.11 -13.96 21.36
CA THR E 253 32.75 -15.18 21.15
C THR E 253 33.81 -15.38 22.14
N LEU E 254 34.33 -14.32 22.73
CA LEU E 254 35.14 -14.30 23.89
C LEU E 254 34.43 -14.60 25.16
N LEU E 255 33.22 -14.03 25.42
CA LEU E 255 32.46 -14.22 26.67
C LEU E 255 32.17 -15.62 26.87
N MET E 256 31.96 -16.21 25.70
CA MET E 256 31.60 -17.55 25.53
C MET E 256 32.78 -18.40 25.75
N ASP E 257 33.96 -17.85 25.46
CA ASP E 257 35.17 -18.53 25.62
C ASP E 257 35.43 -18.58 27.12
N ALA E 258 35.02 -17.55 27.90
CA ALA E 258 35.15 -17.47 29.33
C ALA E 258 34.29 -18.35 30.12
N LEU E 259 33.08 -18.61 29.66
CA LEU E 259 32.22 -19.62 30.17
C LEU E 259 32.79 -20.95 29.88
N LYS E 260 33.44 -21.10 28.72
CA LYS E 260 34.10 -22.35 28.41
C LYS E 260 35.13 -22.66 29.35
N ARG E 261 35.84 -21.62 29.82
CA ARG E 261 36.81 -21.79 30.85
C ARG E 261 36.09 -22.11 32.09
N HIS E 262 34.84 -21.67 32.19
CA HIS E 262 33.98 -22.00 33.25
C HIS E 262 33.46 -23.36 33.09
N HIS E 263 33.67 -24.08 31.98
CA HIS E 263 33.36 -25.49 32.02
C HIS E 263 34.60 -26.13 31.74
N GLY E 264 35.74 -25.47 32.04
CA GLY E 264 37.00 -26.09 31.76
C GLY E 264 37.09 -26.33 30.31
N ALA E 265 37.53 -25.39 29.53
CA ALA E 265 37.53 -25.69 28.15
C ALA E 265 38.28 -24.60 27.58
N ALA E 266 39.46 -25.09 27.09
CA ALA E 266 40.58 -24.53 26.41
C ALA E 266 40.08 -23.94 25.17
N GLN E 267 39.10 -24.67 24.55
CA GLN E 267 38.38 -24.34 23.34
C GLN E 267 37.80 -22.94 23.46
N VAL E 268 38.09 -22.10 22.43
CA VAL E 268 37.58 -20.76 22.24
C VAL E 268 37.36 -20.51 20.78
N THR E 269 36.56 -19.50 20.42
CA THR E 269 36.23 -19.26 19.02
C THR E 269 36.84 -18.03 18.53
N ASN E 270 37.70 -17.58 19.41
CA ASN E 270 38.40 -16.40 19.23
C ASN E 270 39.54 -16.88 19.87
N VAL E 271 40.39 -17.34 19.00
CA VAL E 271 41.63 -17.84 19.38
C VAL E 271 42.56 -16.69 19.20
N ASP E 272 42.01 -15.48 18.98
CA ASP E 272 42.82 -14.33 18.77
C ASP E 272 43.16 -13.65 20.06
N VAL E 273 43.19 -14.40 21.19
CA VAL E 273 43.62 -13.96 22.50
C VAL E 273 42.93 -14.83 23.53
N PRO E 274 43.68 -15.56 24.37
CA PRO E 274 43.04 -16.40 25.39
C PRO E 274 43.10 -15.81 26.79
N GLY E 275 43.86 -14.73 26.99
CA GLY E 275 44.09 -14.12 28.28
C GLY E 275 42.85 -13.54 28.78
N LEU E 276 42.35 -12.73 27.88
CA LEU E 276 41.22 -11.93 28.02
C LEU E 276 40.02 -12.74 28.34
N VAL E 277 39.97 -13.89 27.70
CA VAL E 277 38.98 -14.90 27.85
C VAL E 277 38.99 -15.35 29.27
N ALA E 278 40.17 -15.76 29.74
CA ALA E 278 40.33 -16.18 31.10
C ALA E 278 39.83 -15.18 32.08
N GLU E 279 40.09 -13.88 31.88
CA GLU E 279 39.72 -12.93 32.88
C GLU E 279 38.25 -12.71 33.01
N LEU E 280 37.51 -13.11 32.04
CA LEU E 280 36.12 -12.90 32.08
C LEU E 280 35.51 -13.79 32.98
N ALA E 281 36.00 -14.99 32.88
CA ALA E 281 35.54 -16.05 33.68
C ALA E 281 36.04 -15.73 34.97
N ASN E 282 37.23 -15.16 34.91
CA ASN E 282 37.83 -14.69 36.02
C ASN E 282 37.11 -13.68 36.82
N HIS E 283 36.44 -12.70 36.24
CA HIS E 283 35.97 -11.70 37.15
C HIS E 283 34.63 -11.82 37.28
N LEU E 284 34.14 -12.85 36.62
CA LEU E 284 32.81 -12.98 36.58
C LEU E 284 32.64 -14.36 36.61
N SER E 285 31.79 -14.65 37.56
CA SER E 285 31.11 -15.84 37.65
C SER E 285 30.45 -16.08 36.34
N PRO E 286 30.42 -17.28 35.96
CA PRO E 286 29.85 -17.74 34.78
C PRO E 286 28.47 -17.35 34.78
N SER E 287 27.74 -17.39 35.91
CA SER E 287 26.32 -17.11 35.91
C SER E 287 26.06 -15.88 35.24
N ARG E 288 26.87 -14.89 35.59
CA ARG E 288 26.64 -13.64 35.09
C ARG E 288 27.35 -13.58 33.83
N LEU E 289 28.45 -14.29 33.58
CA LEU E 289 29.02 -14.31 32.25
C LEU E 289 28.07 -14.71 31.23
N GLN E 290 27.28 -15.63 31.68
CA GLN E 290 26.44 -16.38 30.89
C GLN E 290 25.30 -15.53 30.66
N ALA E 291 24.82 -14.90 31.74
CA ALA E 291 23.74 -13.99 31.63
C ALA E 291 24.08 -13.03 30.62
N ILE E 292 25.27 -12.45 30.73
CA ILE E 292 25.81 -11.43 29.89
C ILE E 292 26.01 -11.72 28.47
N LEU E 293 26.43 -12.92 28.22
CA LEU E 293 26.62 -13.34 26.90
C LEU E 293 25.39 -13.26 26.09
N GLY E 294 24.29 -13.63 26.79
CA GLY E 294 22.95 -13.57 26.21
C GLY E 294 22.66 -12.27 25.57
N ASP E 295 22.85 -11.28 26.36
CA ASP E 295 22.42 -9.98 26.18
C ASP E 295 23.23 -9.33 25.09
N VAL E 296 24.48 -9.74 24.85
CA VAL E 296 25.34 -9.13 23.87
C VAL E 296 24.87 -9.27 22.51
N CYS E 297 24.36 -10.46 22.37
CA CYS E 297 23.67 -10.73 21.20
C CYS E 297 22.44 -9.96 21.32
N HIS E 298 21.69 -10.04 22.40
CA HIS E 298 20.41 -9.44 22.47
C HIS E 298 20.35 -8.02 22.02
N ILE E 299 21.31 -7.24 22.40
CA ILE E 299 21.56 -5.93 21.91
C ILE E 299 21.94 -5.87 20.54
N ARG E 300 22.74 -6.80 20.13
CA ARG E 300 23.10 -6.95 18.81
C ARG E 300 21.87 -7.07 18.07
N GLU E 301 20.86 -7.82 18.52
CA GLU E 301 19.55 -7.86 17.98
C GLU E 301 18.80 -6.65 18.01
N GLN E 302 18.82 -5.96 19.12
CA GLN E 302 18.03 -4.82 19.39
C GLN E 302 18.41 -3.64 18.67
N LEU E 303 19.71 -3.60 18.37
CA LEU E 303 20.32 -2.52 17.65
C LEU E 303 19.86 -2.63 16.29
N MET E 304 19.41 -3.84 16.01
CA MET E 304 18.90 -4.11 14.77
C MET E 304 17.41 -4.06 14.91
N SER E 305 16.77 -4.33 16.07
CA SER E 305 15.34 -4.47 16.07
C SER E 305 14.57 -3.31 16.54
N VAL E 306 15.04 -2.57 17.54
CA VAL E 306 14.20 -1.58 18.11
C VAL E 306 14.27 -0.42 17.31
N THR E 307 13.07 -0.07 16.86
CA THR E 307 12.85 1.09 16.10
C THR E 307 13.20 2.26 16.95
N GLY E 308 14.12 3.14 16.52
CA GLY E 308 14.30 4.42 17.21
C GLY E 308 15.22 4.26 18.34
N ILE E 309 16.04 3.24 18.25
CA ILE E 309 16.76 2.86 19.39
C ILE E 309 18.09 3.45 19.33
N ASN E 310 18.46 3.94 20.49
CA ASN E 310 19.62 4.70 20.52
C ASN E 310 20.69 3.68 20.61
N ARG E 311 21.62 3.69 19.64
CA ARG E 311 22.55 2.63 19.53
C ARG E 311 23.38 2.65 20.70
N GLU E 312 23.86 3.81 20.91
CA GLU E 312 24.52 4.17 22.08
C GLU E 312 23.86 3.88 23.32
N LEU E 313 22.56 4.19 23.45
CA LEU E 313 21.83 4.17 24.71
C LEU E 313 21.92 2.84 25.18
N LEU E 314 21.71 2.00 24.20
CA LEU E 314 21.75 0.65 24.44
C LEU E 314 23.13 0.18 24.73
N ILE E 315 24.18 0.61 23.96
CA ILE E 315 25.53 0.19 24.25
C ILE E 315 25.96 0.56 25.68
N THR E 316 25.67 1.74 26.10
CA THR E 316 25.83 2.19 27.45
C THR E 316 25.18 1.48 28.59
N ASP E 317 23.82 1.28 28.52
CA ASP E 317 22.97 0.74 29.58
C ASP E 317 23.58 -0.50 30.06
N LEU E 318 23.88 -1.26 29.04
CA LEU E 318 24.53 -2.50 29.14
C LEU E 318 25.78 -2.43 29.92
N LEU E 319 26.67 -1.44 29.66
CA LEU E 319 27.94 -1.42 30.34
C LEU E 319 27.73 -1.23 31.75
N LEU E 320 26.86 -0.34 32.13
CA LEU E 320 26.54 -0.04 33.48
C LEU E 320 25.97 -1.12 34.23
N ARG E 321 25.17 -1.84 33.55
CA ARG E 321 24.54 -2.88 34.11
C ARG E 321 25.46 -3.97 34.34
N ILE E 322 26.52 -4.09 33.55
CA ILE E 322 27.48 -5.13 33.74
C ILE E 322 28.12 -4.93 34.93
N GLU E 323 28.53 -3.69 34.95
CA GLU E 323 29.13 -3.05 35.96
C GLU E 323 28.31 -3.19 37.09
N HIS E 324 27.01 -3.36 37.00
CA HIS E 324 26.13 -3.55 38.08
C HIS E 324 26.30 -4.91 38.63
N TYR E 325 26.28 -5.88 37.80
CA TYR E 325 26.62 -7.22 38.15
C TYR E 325 27.84 -7.61 38.75
N LEU E 326 28.92 -6.92 38.35
CA LEU E 326 30.21 -7.26 38.88
C LEU E 326 30.09 -7.07 40.31
N GLN E 327 29.27 -6.03 40.57
CA GLN E 327 28.81 -5.69 41.84
C GLN E 327 27.92 -6.77 42.40
N PRO E 328 28.16 -7.03 43.67
CA PRO E 328 27.46 -7.93 44.56
C PRO E 328 26.06 -7.49 44.71
N GLY E 329 25.21 -8.34 45.36
CA GLY E 329 23.89 -8.02 45.90
C GLY E 329 22.90 -7.89 44.81
N VAL E 330 23.36 -7.23 43.73
CA VAL E 330 22.85 -7.05 42.42
C VAL E 330 22.76 -8.43 41.99
N VAL E 331 21.53 -8.92 41.92
CA VAL E 331 21.14 -10.25 41.60
C VAL E 331 21.82 -10.62 40.27
N LEU E 332 22.24 -11.89 40.03
CA LEU E 332 23.05 -12.27 38.85
C LEU E 332 22.34 -13.29 38.04
N PRO E 333 21.68 -12.94 37.00
CA PRO E 333 21.06 -13.90 36.16
C PRO E 333 21.93 -14.91 35.55
N VAL E 334 21.16 -15.76 34.90
CA VAL E 334 21.45 -16.94 34.20
C VAL E 334 20.31 -16.86 33.20
N PRO E 335 20.40 -17.21 31.94
CA PRO E 335 19.31 -16.95 31.00
C PRO E 335 18.25 -18.04 30.82
N HIS E 336 16.94 -17.67 30.99
CA HIS E 336 15.74 -18.50 30.96
C HIS E 336 14.56 -17.72 31.57
N LEU E 337 13.38 -17.69 30.88
CA LEU E 337 12.07 -17.20 31.31
C LEU E 337 12.04 -15.70 31.71
N MET F 4 -42.20 18.40 -21.57
CA MET F 4 -41.25 18.72 -22.65
C MET F 4 -41.39 17.72 -23.66
N LYS F 5 -41.41 18.18 -24.89
CA LYS F 5 -41.53 17.30 -25.95
C LYS F 5 -41.16 17.97 -27.18
N PHE F 6 -40.34 17.38 -28.05
CA PHE F 6 -40.14 17.89 -29.38
C PHE F 6 -39.87 16.78 -30.36
N THR F 7 -39.86 17.08 -31.67
CA THR F 7 -39.37 16.14 -32.64
C THR F 7 -38.43 16.90 -33.46
N VAL F 8 -37.21 16.45 -33.76
CA VAL F 8 -36.35 17.26 -34.59
C VAL F 8 -35.85 16.34 -35.56
N GLU F 9 -34.94 16.81 -36.38
CA GLU F 9 -34.30 15.90 -37.23
C GLU F 9 -33.06 15.93 -36.60
N ARG F 10 -32.49 14.80 -36.70
CA ARG F 10 -31.22 14.47 -36.31
C ARG F 10 -30.23 15.51 -36.69
N GLU F 11 -30.39 16.06 -37.89
CA GLU F 11 -29.43 16.92 -38.49
C GLU F 11 -29.52 18.30 -38.15
N HIS F 12 -30.72 18.65 -37.81
CA HIS F 12 -31.09 19.99 -37.47
C HIS F 12 -30.64 20.30 -36.19
N LEU F 13 -30.75 19.18 -35.53
CA LEU F 13 -30.44 19.00 -34.25
C LEU F 13 -29.01 18.89 -34.27
N LEU F 14 -28.41 18.37 -35.34
CA LEU F 14 -27.07 18.01 -35.35
C LEU F 14 -26.10 19.10 -35.16
N LYS F 15 -26.29 20.24 -35.79
CA LYS F 15 -25.49 21.38 -35.43
C LYS F 15 -25.52 21.76 -33.99
N PRO F 16 -26.64 21.87 -33.42
CA PRO F 16 -26.72 22.16 -32.03
C PRO F 16 -26.26 20.98 -31.25
N LEU F 17 -26.31 19.79 -31.88
CA LEU F 17 -26.04 18.51 -31.27
C LEU F 17 -24.61 18.51 -31.00
N GLN F 18 -23.88 19.37 -31.69
CA GLN F 18 -22.51 19.44 -31.39
C GLN F 18 -22.21 20.61 -30.62
N GLN F 19 -22.74 21.75 -31.01
CA GLN F 19 -22.32 22.94 -30.42
C GLN F 19 -22.55 23.05 -29.02
N VAL F 20 -23.74 22.64 -28.74
CA VAL F 20 -24.23 22.75 -27.46
C VAL F 20 -23.79 21.69 -26.62
N SER F 21 -23.62 20.49 -27.24
CA SER F 21 -23.33 19.35 -26.45
C SER F 21 -21.95 19.34 -26.07
N GLY F 22 -21.11 19.55 -27.08
CA GLY F 22 -19.70 19.52 -27.08
C GLY F 22 -19.06 19.84 -25.78
N PRO F 23 -19.11 21.03 -25.25
CA PRO F 23 -18.39 21.31 -24.04
C PRO F 23 -19.25 21.00 -22.84
N LEU F 24 -20.17 19.99 -22.85
CA LEU F 24 -21.02 19.64 -21.74
C LEU F 24 -21.02 18.21 -21.50
N GLY F 25 -20.37 17.46 -22.41
CA GLY F 25 -20.14 16.05 -22.42
C GLY F 25 -19.49 15.64 -21.22
N GLY F 26 -18.38 16.35 -20.93
CA GLY F 26 -17.56 16.36 -19.74
C GLY F 26 -18.34 16.45 -18.47
N ARG F 27 -19.63 16.69 -18.65
CA ARG F 27 -20.66 16.79 -17.72
C ARG F 27 -20.27 17.90 -16.85
N PRO F 28 -19.61 18.92 -17.48
CA PRO F 28 -18.81 19.85 -16.76
C PRO F 28 -19.64 20.47 -15.79
N THR F 29 -18.89 20.84 -14.76
CA THR F 29 -19.38 21.37 -13.56
C THR F 29 -20.43 20.45 -13.11
N LEU F 30 -21.45 21.09 -12.60
CA LEU F 30 -22.59 20.44 -12.18
C LEU F 30 -23.19 19.64 -13.30
N PRO F 31 -23.69 18.53 -12.97
CA PRO F 31 -24.37 17.58 -13.82
C PRO F 31 -25.34 18.23 -14.74
N ILE F 32 -26.16 19.14 -14.14
CA ILE F 32 -27.19 19.79 -14.86
C ILE F 32 -26.61 20.66 -15.87
N LEU F 33 -25.47 21.28 -15.52
CA LEU F 33 -24.64 21.96 -16.41
C LEU F 33 -24.14 21.08 -17.44
N GLY F 34 -23.68 19.87 -17.10
CA GLY F 34 -23.29 18.88 -18.03
C GLY F 34 -24.41 18.20 -18.68
N ASN F 35 -25.52 18.85 -18.73
CA ASN F 35 -26.59 18.28 -19.39
C ASN F 35 -26.96 19.43 -20.16
N LEU F 36 -27.61 19.08 -21.21
CA LEU F 36 -28.08 19.95 -22.19
C LEU F 36 -29.43 20.20 -21.67
N LEU F 37 -29.87 21.42 -21.79
CA LEU F 37 -31.16 21.86 -21.46
C LEU F 37 -31.91 21.66 -22.69
N LEU F 38 -33.06 21.02 -22.52
CA LEU F 38 -33.94 20.79 -23.60
C LEU F 38 -35.05 21.61 -23.27
N GLN F 39 -35.36 22.42 -24.24
CA GLN F 39 -36.32 23.35 -24.00
C GLN F 39 -37.16 23.42 -25.15
N VAL F 40 -38.34 22.83 -24.99
CA VAL F 40 -39.34 23.12 -25.93
C VAL F 40 -39.94 24.18 -25.21
N ALA F 41 -39.88 25.32 -25.80
CA ALA F 41 -40.55 26.37 -25.18
C ALA F 41 -40.84 26.83 -26.49
N ASP F 42 -42.14 27.03 -26.61
CA ASP F 42 -42.73 27.30 -27.83
C ASP F 42 -42.40 26.23 -28.82
N GLY F 43 -42.32 26.70 -30.06
CA GLY F 43 -41.98 26.04 -31.25
C GLY F 43 -40.53 25.93 -31.33
N THR F 44 -39.82 26.19 -30.24
CA THR F 44 -38.44 26.24 -30.37
C THR F 44 -38.03 25.18 -29.56
N LEU F 45 -36.85 24.84 -29.95
CA LEU F 45 -36.20 23.91 -29.26
C LEU F 45 -34.87 24.41 -29.25
N SER F 46 -34.58 24.96 -28.13
CA SER F 46 -33.29 25.41 -27.96
C SER F 46 -32.63 24.36 -27.23
N LEU F 47 -31.34 24.29 -27.51
CA LEU F 47 -30.45 23.44 -26.82
C LEU F 47 -29.60 24.39 -26.16
N THR F 48 -29.13 23.99 -25.00
CA THR F 48 -28.23 24.82 -24.31
C THR F 48 -27.40 23.92 -23.50
N GLY F 49 -26.11 24.19 -23.63
CA GLY F 49 -25.15 23.55 -22.88
C GLY F 49 -24.38 24.68 -22.38
N THR F 50 -24.57 24.94 -21.06
CA THR F 50 -23.82 25.87 -20.28
C THR F 50 -22.84 24.97 -19.66
N ASP F 51 -21.76 25.61 -19.23
CA ASP F 51 -20.73 24.98 -18.49
C ASP F 51 -20.66 25.91 -17.37
N LEU F 52 -20.54 27.22 -17.71
CA LEU F 52 -20.33 28.39 -16.92
C LEU F 52 -18.95 28.96 -17.38
N GLU F 53 -18.37 28.43 -18.50
CA GLU F 53 -17.02 28.74 -18.96
C GLU F 53 -16.94 29.30 -20.34
N MET F 54 -18.15 29.36 -20.83
CA MET F 54 -18.51 29.60 -22.15
C MET F 54 -19.78 28.88 -22.14
N GLU F 55 -20.49 28.95 -23.26
CA GLU F 55 -21.76 28.35 -23.29
C GLU F 55 -22.12 28.27 -24.70
N MET F 56 -22.90 27.24 -25.05
CA MET F 56 -23.27 27.13 -26.40
C MET F 56 -24.63 26.67 -26.50
N VAL F 57 -25.35 27.44 -27.27
CA VAL F 57 -26.72 27.34 -27.34
C VAL F 57 -26.84 27.03 -28.71
N ALA F 58 -27.72 26.14 -28.98
CA ALA F 58 -28.00 25.90 -30.27
C ALA F 58 -29.41 25.95 -30.20
N ARG F 59 -29.97 26.34 -31.27
CA ARG F 59 -31.34 26.48 -31.38
C ARG F 59 -31.64 25.72 -32.48
N VAL F 60 -32.86 25.26 -32.38
CA VAL F 60 -33.38 24.49 -33.41
C VAL F 60 -34.75 24.92 -33.31
N ALA F 61 -35.27 25.34 -34.43
CA ALA F 61 -36.65 25.64 -34.54
C ALA F 61 -37.27 24.32 -34.73
N LEU F 62 -38.40 24.21 -34.11
CA LEU F 62 -39.13 23.03 -34.11
C LEU F 62 -40.58 23.27 -34.23
N VAL F 63 -41.17 22.86 -35.35
CA VAL F 63 -42.59 22.90 -35.51
C VAL F 63 -43.04 21.54 -35.41
N GLN F 64 -42.07 20.61 -35.48
CA GLN F 64 -42.31 19.25 -35.51
C GLN F 64 -42.64 18.97 -34.11
N PRO F 65 -43.53 18.05 -33.94
CA PRO F 65 -44.27 17.83 -32.72
C PRO F 65 -43.52 18.13 -31.48
N HIS F 66 -44.12 18.88 -30.57
CA HIS F 66 -43.40 19.28 -29.43
C HIS F 66 -44.43 19.76 -28.53
N GLU F 67 -44.16 19.68 -27.26
CA GLU F 67 -45.00 20.15 -26.27
C GLU F 67 -44.00 20.88 -25.54
N PRO F 68 -44.34 22.05 -25.15
CA PRO F 68 -43.50 22.85 -24.34
C PRO F 68 -43.15 22.15 -23.09
N GLY F 69 -41.92 22.30 -22.70
CA GLY F 69 -41.59 21.87 -21.42
C GLY F 69 -40.16 21.98 -21.51
N ALA F 70 -39.52 21.22 -20.67
CA ALA F 70 -38.12 21.36 -20.72
C ALA F 70 -37.70 20.16 -20.03
N THR F 71 -36.42 19.88 -20.19
CA THR F 71 -35.83 18.72 -19.65
C THR F 71 -34.38 19.09 -19.74
N THR F 72 -33.49 18.20 -19.35
CA THR F 72 -32.06 18.38 -19.38
C THR F 72 -31.66 16.93 -19.44
N VAL F 73 -30.61 16.61 -20.22
CA VAL F 73 -30.19 15.24 -20.31
C VAL F 73 -28.74 15.38 -20.44
N PRO F 74 -27.95 14.41 -20.11
CA PRO F 74 -26.55 14.47 -20.28
C PRO F 74 -26.22 14.78 -21.62
N ALA F 75 -25.07 15.37 -21.75
CA ALA F 75 -24.67 15.79 -23.03
C ALA F 75 -24.44 14.64 -23.93
N ARG F 76 -24.10 13.45 -23.38
CA ARG F 76 -23.73 12.41 -24.28
C ARG F 76 -24.83 11.53 -24.65
N LYS F 77 -25.57 11.13 -23.61
CA LYS F 77 -26.65 10.18 -23.66
C LYS F 77 -27.56 10.37 -24.75
N PHE F 78 -27.82 11.62 -24.92
CA PHE F 78 -28.72 12.02 -25.87
C PHE F 78 -28.12 12.14 -27.22
N PHE F 79 -26.99 12.85 -27.27
CA PHE F 79 -26.34 13.20 -28.51
C PHE F 79 -26.01 12.03 -29.33
N ASP F 80 -25.43 11.07 -28.62
CA ASP F 80 -25.00 9.95 -29.36
C ASP F 80 -26.13 9.20 -29.93
N ILE F 81 -27.24 9.08 -29.16
CA ILE F 81 -28.36 8.30 -29.61
C ILE F 81 -28.80 8.95 -30.88
N CYS F 82 -29.02 10.28 -30.88
CA CYS F 82 -29.48 10.98 -32.02
C CYS F 82 -28.61 10.90 -33.19
N ARG F 83 -27.32 10.97 -32.96
CA ARG F 83 -26.38 10.79 -33.97
C ARG F 83 -26.30 9.44 -34.56
N GLY F 84 -26.35 8.47 -33.67
CA GLY F 84 -26.16 7.10 -33.97
C GLY F 84 -27.33 6.67 -34.71
N LEU F 85 -28.40 7.51 -34.63
CA LEU F 85 -29.55 7.32 -35.38
C LEU F 85 -29.09 7.58 -36.72
N PRO F 86 -29.76 6.95 -37.60
CA PRO F 86 -29.66 7.25 -38.97
C PRO F 86 -30.07 8.66 -39.14
N GLU F 87 -29.60 9.18 -40.21
CA GLU F 87 -29.78 10.50 -40.58
C GLU F 87 -31.11 10.92 -40.83
N GLY F 88 -31.25 12.26 -40.67
CA GLY F 88 -32.45 12.99 -40.79
C GLY F 88 -33.38 12.74 -39.70
N ALA F 89 -33.10 11.62 -38.98
CA ALA F 89 -34.01 10.91 -38.17
C ALA F 89 -34.84 11.82 -37.40
N GLU F 90 -36.11 11.42 -37.29
CA GLU F 90 -37.08 12.21 -36.65
C GLU F 90 -36.95 11.73 -35.34
N ILE F 91 -36.30 12.56 -34.55
CA ILE F 91 -35.95 12.13 -33.29
C ILE F 91 -37.06 12.70 -32.50
N ALA F 92 -37.95 11.75 -32.09
CA ALA F 92 -39.07 12.05 -31.25
C ALA F 92 -38.57 11.87 -29.87
N VAL F 93 -38.47 13.02 -29.18
CA VAL F 93 -37.97 13.10 -27.85
C VAL F 93 -39.07 13.48 -26.97
N GLN F 94 -39.14 12.82 -25.82
CA GLN F 94 -40.27 13.07 -25.06
C GLN F 94 -39.79 12.90 -23.75
N LEU F 95 -40.14 13.91 -22.95
CA LEU F 95 -39.93 13.74 -21.60
C LEU F 95 -41.17 13.08 -21.31
N GLU F 96 -40.97 11.93 -20.73
CA GLU F 96 -42.05 11.10 -20.50
C GLU F 96 -41.69 10.89 -19.11
N GLY F 97 -42.29 11.70 -18.24
CA GLY F 97 -41.97 11.58 -16.86
C GLY F 97 -40.54 11.94 -16.69
N GLU F 98 -39.76 10.92 -16.29
CA GLU F 98 -38.37 10.99 -15.94
C GLU F 98 -37.52 10.11 -16.77
N ARG F 99 -38.10 9.50 -17.80
CA ARG F 99 -37.27 8.83 -18.70
C ARG F 99 -37.68 9.55 -19.85
N MET F 100 -36.69 9.75 -20.62
CA MET F 100 -36.89 10.41 -21.79
C MET F 100 -36.78 9.29 -22.61
N LEU F 101 -37.85 9.17 -23.32
CA LEU F 101 -38.04 8.14 -24.19
C LEU F 101 -37.51 8.79 -25.39
N VAL F 102 -36.53 8.14 -25.97
CA VAL F 102 -36.01 8.60 -27.19
C VAL F 102 -36.47 7.49 -27.99
N ARG F 103 -37.22 7.91 -28.98
CA ARG F 103 -37.83 7.06 -29.88
C ARG F 103 -37.11 7.36 -31.11
N SER F 104 -36.65 6.23 -31.71
CA SER F 104 -36.01 6.17 -32.99
C SER F 104 -37.21 5.78 -33.80
N GLY F 105 -37.16 4.60 -34.47
CA GLY F 105 -38.25 4.11 -35.28
C GLY F 105 -38.59 2.69 -34.95
N ARG F 106 -37.76 1.95 -34.22
CA ARG F 106 -38.10 0.59 -33.87
C ARG F 106 -37.04 0.18 -32.95
N SER F 107 -36.40 1.17 -32.40
CA SER F 107 -35.35 1.01 -31.52
C SER F 107 -35.60 2.11 -30.60
N ARG F 108 -35.98 1.72 -29.42
CA ARG F 108 -36.39 2.65 -28.45
C ARG F 108 -35.31 2.76 -27.56
N PHE F 109 -35.24 3.88 -26.92
CA PHE F 109 -34.19 4.12 -26.06
C PHE F 109 -34.86 4.89 -25.00
N SER F 110 -34.28 4.83 -23.80
CA SER F 110 -34.81 5.54 -22.69
C SER F 110 -33.63 6.06 -22.04
N LEU F 111 -33.51 7.36 -22.06
CA LEU F 111 -32.45 8.05 -21.45
C LEU F 111 -33.02 8.41 -20.18
N SER F 112 -32.13 8.93 -19.38
CA SER F 112 -32.42 9.32 -18.08
C SER F 112 -32.53 10.76 -18.28
N THR F 113 -33.62 11.32 -17.75
CA THR F 113 -33.88 12.70 -17.89
C THR F 113 -34.50 13.24 -16.70
N LEU F 114 -33.91 14.35 -16.29
CA LEU F 114 -34.52 15.18 -15.34
C LEU F 114 -35.17 16.22 -16.17
N PRO F 115 -36.33 16.71 -15.75
CA PRO F 115 -36.98 17.85 -16.32
C PRO F 115 -35.99 18.93 -16.00
N ALA F 116 -35.73 19.92 -16.87
CA ALA F 116 -34.92 21.03 -16.50
C ALA F 116 -35.76 21.79 -15.56
N ALA F 117 -35.15 22.36 -14.52
CA ALA F 117 -35.82 23.27 -13.64
C ALA F 117 -34.76 24.12 -13.06
N ASP F 118 -33.55 23.81 -13.42
CA ASP F 118 -32.39 24.48 -13.01
C ASP F 118 -31.61 24.08 -14.17
N PHE F 119 -30.51 24.79 -14.29
CA PHE F 119 -29.55 24.56 -15.27
C PHE F 119 -29.20 25.99 -15.42
N PRO F 120 -28.16 26.53 -14.79
CA PRO F 120 -27.79 27.93 -14.93
C PRO F 120 -27.51 28.42 -16.32
N ASN F 121 -27.58 29.77 -16.54
CA ASN F 121 -27.36 30.42 -17.83
C ASN F 121 -26.71 31.86 -17.67
N LEU F 122 -25.69 32.26 -18.53
CA LEU F 122 -24.80 33.47 -18.36
C LEU F 122 -25.19 34.87 -18.79
N ASP F 123 -24.45 35.88 -18.22
CA ASP F 123 -24.58 37.29 -18.44
C ASP F 123 -24.52 37.78 -19.82
N ASP F 124 -25.72 38.28 -20.11
CA ASP F 124 -26.12 39.04 -21.20
C ASP F 124 -26.05 40.34 -20.74
N TRP F 125 -25.28 41.06 -21.46
CA TRP F 125 -25.01 42.27 -20.93
C TRP F 125 -24.77 42.86 -22.12
N GLN F 126 -25.14 44.07 -21.91
CA GLN F 126 -25.04 44.98 -22.89
C GLN F 126 -23.62 45.20 -22.97
N SER F 127 -23.28 44.90 -24.19
CA SER F 127 -22.00 44.67 -24.52
C SER F 127 -21.56 45.96 -24.95
N GLU F 128 -20.44 46.33 -24.36
CA GLU F 128 -19.91 47.62 -24.58
C GLU F 128 -19.55 47.84 -26.02
N VAL F 129 -19.02 46.85 -26.73
CA VAL F 129 -18.66 47.07 -28.10
C VAL F 129 -19.30 45.92 -28.67
N GLU F 130 -19.90 46.11 -29.84
CA GLU F 130 -20.60 45.06 -30.48
C GLU F 130 -20.30 45.24 -31.87
N PHE F 131 -20.30 44.14 -32.62
CA PHE F 131 -19.96 44.19 -33.99
C PHE F 131 -20.20 42.88 -34.59
N THR F 132 -20.31 42.88 -35.90
CA THR F 132 -20.52 41.72 -36.73
C THR F 132 -19.30 41.39 -37.54
N LEU F 133 -18.51 40.40 -37.18
CA LEU F 133 -17.33 40.00 -37.88
C LEU F 133 -17.51 39.46 -39.21
N PRO F 134 -16.71 39.78 -40.16
CA PRO F 134 -16.71 39.10 -41.42
C PRO F 134 -16.02 37.80 -41.31
N GLN F 135 -15.87 37.22 -40.13
CA GLN F 135 -15.45 35.92 -40.01
C GLN F 135 -14.09 35.55 -40.38
N ALA F 136 -13.73 35.75 -41.64
CA ALA F 136 -12.46 35.35 -42.11
C ALA F 136 -11.33 35.97 -41.46
N THR F 137 -11.54 37.22 -41.09
CA THR F 137 -10.60 37.92 -40.34
C THR F 137 -10.42 37.30 -39.06
N MET F 138 -11.52 36.70 -38.59
CA MET F 138 -11.54 36.06 -37.34
C MET F 138 -10.65 34.92 -37.39
N LYS F 139 -10.71 34.11 -38.39
CA LYS F 139 -9.75 33.10 -38.47
C LYS F 139 -8.40 33.59 -38.90
N ARG F 140 -8.29 34.61 -39.71
CA ARG F 140 -6.99 35.11 -40.11
C ARG F 140 -6.10 35.46 -39.01
N LEU F 141 -6.73 36.16 -38.13
CA LEU F 141 -6.20 36.45 -36.88
C LEU F 141 -6.07 35.22 -36.09
N ILE F 142 -7.13 34.38 -35.99
CA ILE F 142 -7.28 33.44 -34.90
C ILE F 142 -6.20 32.50 -35.00
N GLU F 143 -6.00 32.08 -36.22
CA GLU F 143 -5.08 31.10 -36.52
C GLU F 143 -3.74 31.70 -36.43
N ALA F 144 -3.51 32.86 -37.06
CA ALA F 144 -2.17 33.35 -37.07
C ALA F 144 -1.87 34.24 -35.93
N THR F 145 -2.42 33.92 -34.75
CA THR F 145 -1.99 34.57 -33.54
C THR F 145 -2.09 33.63 -32.33
N GLN F 146 -2.73 32.43 -32.40
CA GLN F 146 -2.91 31.59 -31.21
C GLN F 146 -1.68 30.70 -30.91
N PHE F 147 -0.48 30.88 -31.58
CA PHE F 147 0.80 30.13 -31.38
C PHE F 147 1.56 30.50 -30.13
N SER F 148 1.24 31.61 -29.46
CA SER F 148 1.97 32.05 -28.31
C SER F 148 1.00 32.05 -27.18
N MET F 149 -0.30 31.72 -27.39
CA MET F 149 -1.31 31.93 -26.38
C MET F 149 -1.12 30.85 -25.56
N ALA F 150 -0.83 31.14 -24.32
CA ALA F 150 -0.79 30.00 -23.56
C ALA F 150 -2.14 29.51 -23.26
N HIS F 151 -2.12 28.28 -22.86
CA HIS F 151 -3.22 27.43 -22.59
C HIS F 151 -3.58 27.82 -21.30
N GLN F 152 -2.53 27.67 -20.46
CA GLN F 152 -2.32 27.96 -19.10
C GLN F 152 -1.15 28.83 -19.01
N ASP F 153 -1.09 29.64 -17.95
CA ASP F 153 -0.12 30.67 -17.94
C ASP F 153 -0.44 31.41 -16.72
N VAL F 154 0.48 31.20 -15.76
CA VAL F 154 0.48 31.82 -14.47
C VAL F 154 0.74 33.27 -14.65
N ARG F 155 1.09 33.69 -15.88
CA ARG F 155 1.27 35.05 -16.27
C ARG F 155 -0.04 35.69 -16.53
N TYR F 156 -1.08 35.09 -15.95
CA TYR F 156 -2.43 35.50 -15.91
C TYR F 156 -2.99 35.68 -17.26
N TYR F 157 -4.18 35.10 -17.43
CA TYR F 157 -5.05 35.26 -18.56
C TYR F 157 -4.45 35.23 -19.94
N LEU F 158 -3.43 34.39 -20.18
CA LEU F 158 -2.82 34.25 -21.48
C LEU F 158 -3.47 33.15 -22.18
N ASN F 159 -4.47 32.62 -21.48
CA ASN F 159 -5.26 31.40 -21.59
C ASN F 159 -6.60 31.76 -21.93
N GLY F 160 -6.53 32.65 -22.82
CA GLY F 160 -7.59 33.15 -23.47
C GLY F 160 -6.71 34.12 -24.09
N MET F 161 -7.36 34.80 -24.95
CA MET F 161 -6.66 35.64 -25.82
C MET F 161 -6.89 36.97 -25.36
N LEU F 162 -6.04 37.86 -25.81
CA LEU F 162 -6.15 39.21 -25.53
C LEU F 162 -6.89 39.93 -26.56
N PHE F 163 -8.22 39.90 -26.46
CA PHE F 163 -9.06 40.64 -27.32
C PHE F 163 -9.00 42.06 -27.11
N GLU F 164 -8.15 42.71 -27.92
CA GLU F 164 -8.04 44.10 -27.84
C GLU F 164 -8.81 44.62 -28.93
N THR F 165 -9.55 45.64 -28.63
CA THR F 165 -10.38 46.37 -29.45
C THR F 165 -9.59 47.58 -29.40
N GLU F 166 -9.33 48.11 -30.58
CA GLU F 166 -8.79 49.39 -30.57
C GLU F 166 -9.16 49.89 -31.85
N GLY F 167 -10.00 50.93 -31.85
CA GLY F 167 -10.46 51.49 -33.08
C GLY F 167 -11.11 50.42 -33.87
N GLU F 168 -10.93 50.53 -35.18
CA GLU F 168 -11.42 49.61 -36.17
C GLU F 168 -10.69 48.35 -36.10
N GLU F 169 -9.55 48.29 -35.42
CA GLU F 169 -8.77 47.10 -35.45
C GLU F 169 -9.11 46.39 -34.24
N LEU F 170 -9.13 45.10 -34.48
CA LEU F 170 -9.23 44.15 -33.46
C LEU F 170 -7.89 43.50 -33.58
N ARG F 171 -7.31 43.31 -32.39
CA ARG F 171 -6.01 42.76 -32.30
C ARG F 171 -6.16 41.71 -31.30
N THR F 172 -5.33 40.69 -31.57
CA THR F 172 -5.20 39.59 -30.72
C THR F 172 -3.81 39.59 -30.40
N VAL F 173 -3.65 39.17 -29.14
CA VAL F 173 -2.35 38.91 -28.74
C VAL F 173 -2.50 37.76 -27.93
N ALA F 174 -1.49 36.92 -28.14
CA ALA F 174 -1.25 35.80 -27.38
C ALA F 174 0.17 35.86 -27.15
N THR F 175 0.51 35.39 -25.96
CA THR F 175 1.84 35.34 -25.57
C THR F 175 1.82 34.42 -24.45
N ASP F 176 3.01 33.91 -24.32
CA ASP F 176 3.40 32.97 -23.36
C ASP F 176 4.65 33.52 -22.76
N GLY F 177 5.28 34.56 -23.30
CA GLY F 177 6.40 35.14 -22.64
C GLY F 177 7.66 35.09 -23.38
N HIS F 178 7.65 34.44 -24.52
CA HIS F 178 8.87 34.31 -25.23
C HIS F 178 8.60 34.47 -26.62
N ARG F 179 7.37 34.16 -26.91
CA ARG F 179 6.89 34.32 -28.19
C ARG F 179 5.65 35.03 -27.99
N LEU F 180 5.43 35.99 -28.84
CA LEU F 180 4.23 36.70 -28.83
C LEU F 180 3.77 36.73 -30.22
N ALA F 181 2.48 36.75 -30.42
CA ALA F 181 1.89 37.02 -31.67
C ALA F 181 0.93 38.10 -31.54
N VAL F 182 0.94 38.97 -32.55
CA VAL F 182 -0.10 39.92 -32.74
C VAL F 182 -0.48 39.65 -34.10
N CYS F 183 -1.77 39.59 -34.32
CA CYS F 183 -2.18 39.77 -35.67
C CYS F 183 -3.24 40.62 -35.29
N SER F 184 -3.43 41.54 -36.17
CA SER F 184 -4.46 42.40 -36.12
C SER F 184 -4.75 42.29 -37.55
N MET F 185 -5.92 42.83 -37.81
CA MET F 185 -6.65 42.99 -38.98
C MET F 185 -7.44 44.14 -38.51
N PRO F 186 -8.22 44.66 -39.39
CA PRO F 186 -9.21 45.68 -39.14
C PRO F 186 -10.57 45.04 -39.31
N ILE F 187 -11.60 45.55 -38.61
CA ILE F 187 -12.97 45.17 -38.80
C ILE F 187 -13.58 46.40 -39.28
N GLY F 188 -13.22 47.59 -38.77
CA GLY F 188 -13.90 48.79 -39.19
C GLY F 188 -15.14 48.88 -38.39
N GLN F 189 -15.13 48.45 -37.11
CA GLN F 189 -16.36 48.43 -36.38
C GLN F 189 -16.29 49.28 -35.20
N SER F 190 -15.26 50.16 -35.19
CA SER F 190 -15.01 51.17 -34.23
C SER F 190 -15.26 50.69 -32.89
N LEU F 191 -14.25 50.00 -32.42
CA LEU F 191 -14.43 49.21 -31.27
C LEU F 191 -13.69 49.83 -30.22
N PRO F 192 -14.50 50.35 -29.29
CA PRO F 192 -13.98 50.94 -28.14
C PRO F 192 -13.13 50.01 -27.50
N SER F 193 -11.93 50.58 -27.41
CA SER F 193 -10.78 49.86 -27.23
C SER F 193 -10.94 49.19 -25.95
N HIS F 194 -10.27 48.09 -25.77
CA HIS F 194 -10.31 47.46 -24.54
C HIS F 194 -9.53 46.33 -24.91
N SER F 195 -9.39 45.46 -23.99
CA SER F 195 -8.65 44.31 -24.25
C SER F 195 -9.39 43.49 -23.41
N VAL F 196 -9.59 42.24 -23.61
CA VAL F 196 -10.42 41.52 -22.71
C VAL F 196 -9.82 40.25 -22.91
N ILE F 197 -9.72 39.49 -21.85
CA ILE F 197 -9.38 38.12 -21.97
C ILE F 197 -10.62 37.34 -21.86
N VAL F 198 -10.86 36.64 -22.93
CA VAL F 198 -12.00 35.83 -23.06
C VAL F 198 -11.47 34.47 -22.81
N PRO F 199 -12.13 33.64 -22.02
CA PRO F 199 -11.71 32.27 -21.80
C PRO F 199 -11.36 31.58 -23.07
N ARG F 200 -10.28 30.82 -23.01
CA ARG F 200 -9.74 29.99 -23.99
C ARG F 200 -10.75 29.08 -24.54
N LYS F 201 -11.45 28.41 -23.63
CA LYS F 201 -12.50 27.50 -23.92
C LYS F 201 -13.57 28.11 -24.73
N GLY F 202 -13.73 29.36 -24.38
CA GLY F 202 -14.49 30.25 -25.11
C GLY F 202 -14.03 30.30 -26.53
N VAL F 203 -12.74 30.62 -26.76
CA VAL F 203 -12.09 30.88 -28.03
C VAL F 203 -12.29 29.74 -28.92
N ILE F 204 -12.11 28.60 -28.36
CA ILE F 204 -12.41 27.42 -29.03
C ILE F 204 -13.77 27.25 -29.53
N GLU F 205 -14.76 27.50 -28.67
CA GLU F 205 -16.12 27.30 -28.99
C GLU F 205 -16.49 28.26 -29.94
N LEU F 206 -15.96 29.45 -29.75
CA LEU F 206 -16.07 30.44 -30.73
C LEU F 206 -15.60 29.99 -32.01
N MET F 207 -14.46 29.31 -32.01
CA MET F 207 -13.87 29.04 -33.24
C MET F 207 -14.73 28.00 -33.86
N ARG F 208 -15.30 27.14 -33.03
CA ARG F 208 -16.29 26.21 -33.42
C ARG F 208 -17.54 26.73 -33.91
N MET F 209 -17.86 27.92 -33.51
CA MET F 209 -18.99 28.57 -33.99
C MET F 209 -18.54 29.73 -34.75
N LEU F 210 -17.26 29.79 -35.16
CA LEU F 210 -16.67 30.79 -36.04
C LEU F 210 -17.45 30.61 -37.22
N ASP F 211 -17.62 29.32 -37.53
CA ASP F 211 -18.47 28.85 -38.55
C ASP F 211 -17.94 29.44 -39.81
N GLY F 212 -18.59 29.15 -40.91
CA GLY F 212 -18.17 29.55 -42.19
C GLY F 212 -19.37 30.27 -42.61
N GLY F 213 -19.57 30.26 -43.96
CA GLY F 213 -20.63 30.84 -44.74
C GLY F 213 -20.70 32.26 -44.38
N ASP F 214 -19.47 32.82 -44.28
CA ASP F 214 -19.06 34.04 -43.68
C ASP F 214 -20.01 34.41 -42.63
N ASN F 215 -20.34 33.51 -41.71
CA ASN F 215 -21.33 33.77 -40.73
C ASN F 215 -20.76 34.93 -40.06
N PRO F 216 -21.48 36.02 -40.04
CA PRO F 216 -20.82 37.23 -39.77
C PRO F 216 -20.99 37.16 -38.32
N LEU F 217 -19.90 37.21 -37.57
CA LEU F 217 -20.04 36.58 -36.32
C LEU F 217 -20.40 37.76 -35.52
N ARG F 218 -21.55 37.78 -34.84
CA ARG F 218 -21.78 38.95 -34.08
C ARG F 218 -21.07 38.78 -32.81
N VAL F 219 -20.38 39.82 -32.35
CA VAL F 219 -19.65 39.90 -31.16
C VAL F 219 -20.15 41.04 -30.44
N GLN F 220 -20.08 40.91 -29.12
CA GLN F 220 -20.42 41.90 -28.24
C GLN F 220 -19.37 41.56 -27.25
N ILE F 221 -18.36 42.44 -26.96
CA ILE F 221 -17.40 42.17 -25.93
C ILE F 221 -17.95 43.01 -24.92
N GLY F 222 -17.86 42.53 -23.71
CA GLY F 222 -18.21 43.33 -22.64
C GLY F 222 -16.95 43.28 -22.05
N SER F 223 -17.02 43.02 -20.82
CA SER F 223 -15.85 42.97 -20.05
C SER F 223 -16.11 41.91 -19.09
N ASN F 224 -17.40 41.62 -19.01
CA ASN F 224 -18.00 40.73 -18.13
C ASN F 224 -18.24 39.69 -18.98
N ASN F 225 -19.14 39.98 -19.87
CA ASN F 225 -19.53 38.98 -20.67
C ASN F 225 -19.29 39.57 -21.87
N ILE F 226 -19.26 38.67 -22.73
CA ILE F 226 -18.95 38.88 -24.00
C ILE F 226 -19.95 37.94 -24.47
N ARG F 227 -20.57 38.29 -25.58
CA ARG F 227 -21.51 37.47 -26.24
C ARG F 227 -21.30 37.43 -27.69
N ALA F 228 -21.57 36.26 -28.31
CA ALA F 228 -21.55 36.05 -29.73
C ALA F 228 -22.86 35.60 -30.29
N HIS F 229 -22.95 35.62 -31.63
CA HIS F 229 -24.08 35.19 -32.38
C HIS F 229 -23.52 34.73 -33.65
N VAL F 230 -23.46 33.42 -33.82
CA VAL F 230 -23.18 32.81 -35.07
C VAL F 230 -24.23 31.78 -35.13
N GLY F 231 -25.19 32.04 -36.03
CA GLY F 231 -26.36 31.27 -36.23
C GLY F 231 -27.07 31.04 -34.95
N ASP F 232 -27.71 29.87 -34.81
CA ASP F 232 -28.43 29.46 -33.64
C ASP F 232 -27.53 29.24 -32.51
N PHE F 233 -26.27 29.62 -32.70
CA PHE F 233 -25.33 29.32 -31.78
C PHE F 233 -24.89 30.55 -31.33
N ILE F 234 -25.43 30.79 -30.18
CA ILE F 234 -25.21 31.89 -29.35
C ILE F 234 -24.33 31.38 -28.30
N PHE F 235 -23.18 31.98 -28.17
CA PHE F 235 -22.19 31.64 -27.24
C PHE F 235 -21.92 32.82 -26.32
N THR F 236 -22.01 32.70 -24.97
CA THR F 236 -21.69 33.80 -24.06
C THR F 236 -20.61 33.30 -23.21
N SER F 237 -19.68 34.20 -22.90
CA SER F 237 -18.65 33.92 -21.97
C SER F 237 -18.70 35.08 -21.12
N LYS F 238 -18.20 34.82 -19.94
CA LYS F 238 -17.72 35.75 -19.03
C LYS F 238 -16.38 36.09 -19.59
N LEU F 239 -15.75 37.03 -18.95
CA LEU F 239 -14.62 37.61 -19.49
C LEU F 239 -13.87 37.86 -18.33
N VAL F 240 -12.58 37.67 -18.54
CA VAL F 240 -11.65 38.30 -17.69
C VAL F 240 -11.41 39.43 -18.56
N ASP F 241 -11.32 40.60 -18.03
CA ASP F 241 -10.90 41.66 -18.86
C ASP F 241 -9.50 41.78 -18.48
N GLY F 242 -8.77 42.60 -19.21
CA GLY F 242 -7.42 42.78 -18.89
C GLY F 242 -6.81 42.85 -20.20
N ARG F 243 -5.49 42.80 -20.04
CA ARG F 243 -4.66 42.77 -21.14
C ARG F 243 -3.40 42.26 -20.71
N PHE F 244 -2.68 41.82 -21.72
CA PHE F 244 -1.37 41.32 -21.56
C PHE F 244 -0.64 42.01 -22.70
N PRO F 245 0.68 42.23 -22.63
CA PRO F 245 1.52 42.97 -23.57
C PRO F 245 1.25 42.78 -25.04
N ASP F 246 1.85 43.64 -25.90
CA ASP F 246 1.74 43.52 -27.30
C ASP F 246 3.09 43.89 -27.80
N TYR F 247 3.26 43.48 -29.04
CA TYR F 247 4.39 43.30 -29.89
C TYR F 247 5.20 44.51 -30.01
N ARG F 248 4.58 45.65 -29.72
CA ARG F 248 5.13 46.93 -29.87
C ARG F 248 6.47 46.94 -29.27
N ARG F 249 6.55 46.31 -28.11
CA ARG F 249 7.78 46.25 -27.47
C ARG F 249 8.64 45.12 -27.90
N VAL F 250 8.05 43.96 -28.12
CA VAL F 250 8.75 42.77 -28.49
C VAL F 250 9.75 42.97 -29.60
N LEU F 251 9.18 43.61 -30.63
CA LEU F 251 9.75 44.23 -31.76
C LEU F 251 11.25 44.18 -31.93
N PRO F 252 11.83 43.59 -32.99
CA PRO F 252 13.24 43.52 -33.26
C PRO F 252 13.92 44.75 -33.00
N LYS F 253 15.04 44.68 -32.30
CA LYS F 253 15.75 45.88 -32.14
C LYS F 253 16.41 46.14 -33.41
N ASN F 254 16.58 45.12 -34.26
CA ASN F 254 16.97 45.43 -35.56
C ASN F 254 15.83 45.04 -36.27
N PRO F 255 15.23 45.97 -36.88
CA PRO F 255 14.29 45.67 -37.88
C PRO F 255 15.15 45.43 -39.09
N ASP F 256 16.44 45.85 -39.02
CA ASP F 256 17.29 46.04 -40.15
C ASP F 256 17.30 44.84 -40.92
N LYS F 257 17.64 43.77 -40.23
CA LYS F 257 17.77 42.58 -40.90
C LYS F 257 16.42 42.24 -41.23
N HIS F 258 16.31 41.64 -42.36
CA HIS F 258 15.09 41.43 -42.95
C HIS F 258 15.31 40.04 -43.19
N LEU F 259 14.24 39.43 -43.60
CA LEU F 259 14.42 38.22 -44.22
C LEU F 259 13.17 37.84 -44.68
N GLU F 260 13.03 37.98 -45.95
CA GLU F 260 11.86 37.58 -46.54
C GLU F 260 12.28 36.46 -47.20
N ALA F 261 11.39 35.57 -47.29
CA ALA F 261 11.69 34.36 -47.86
C ALA F 261 10.37 33.81 -47.78
N GLY F 262 10.19 32.77 -48.59
CA GLY F 262 8.99 32.03 -48.69
C GLY F 262 8.86 31.23 -47.54
N CYS F 263 7.71 31.39 -46.86
CA CYS F 263 7.25 30.93 -45.59
C CYS F 263 7.62 29.53 -45.57
N ASP F 264 7.22 28.85 -46.57
CA ASP F 264 7.33 27.47 -46.77
C ASP F 264 8.63 26.82 -47.12
N LEU F 265 9.48 27.48 -47.92
CA LEU F 265 10.81 27.02 -48.24
C LEU F 265 11.61 26.99 -47.06
N LEU F 266 11.31 28.06 -46.36
CA LEU F 266 11.74 28.44 -45.12
C LEU F 266 11.20 27.51 -44.13
N LYS F 267 9.92 27.13 -44.28
CA LYS F 267 9.25 26.34 -43.32
C LYS F 267 9.84 25.03 -43.34
N GLN F 268 10.11 24.57 -44.56
CA GLN F 268 10.72 23.36 -44.87
C GLN F 268 12.06 23.37 -44.32
N ALA F 269 12.74 24.47 -44.49
CA ALA F 269 14.06 24.58 -44.03
C ALA F 269 14.04 24.41 -42.58
N PHE F 270 13.05 25.04 -41.91
CA PHE F 270 12.87 24.88 -40.51
C PHE F 270 12.51 23.54 -40.14
N ALA F 271 11.64 22.98 -40.94
CA ALA F 271 11.18 21.72 -40.66
C ALA F 271 12.29 20.72 -40.71
N ARG F 272 13.14 20.72 -41.76
CA ARG F 272 14.33 19.92 -41.81
C ARG F 272 15.34 20.22 -40.77
N ALA F 273 15.44 21.51 -40.49
CA ALA F 273 16.34 22.01 -39.49
C ALA F 273 16.07 21.42 -38.15
N ALA F 274 14.77 21.46 -37.76
CA ALA F 274 14.35 21.03 -36.45
C ALA F 274 14.65 19.57 -36.19
N ILE F 275 14.91 18.71 -37.22
CA ILE F 275 15.36 17.34 -37.08
C ILE F 275 16.69 17.30 -36.37
N LEU F 276 16.82 16.35 -35.38
CA LEU F 276 17.93 16.00 -34.54
C LEU F 276 18.67 17.24 -34.21
N SER F 277 17.84 18.15 -33.70
CA SER F 277 18.14 19.47 -33.31
C SER F 277 17.89 19.32 -31.93
N ASN F 278 18.40 20.25 -31.22
CA ASN F 278 18.42 20.49 -29.88
C ASN F 278 17.22 19.99 -29.16
N GLU F 279 17.50 19.19 -28.13
CA GLU F 279 16.47 18.52 -27.40
C GLU F 279 16.24 19.31 -26.21
N LYS F 280 17.19 20.21 -25.90
CA LYS F 280 17.08 21.01 -24.75
C LYS F 280 16.28 22.28 -24.98
N PHE F 281 16.19 22.87 -26.20
CA PHE F 281 15.56 24.19 -26.29
C PHE F 281 15.20 24.47 -27.74
N ARG F 282 15.47 23.55 -28.69
CA ARG F 282 15.09 23.70 -30.07
C ARG F 282 15.75 24.83 -30.74
N GLY F 283 16.88 25.14 -30.11
CA GLY F 283 17.88 26.09 -30.38
C GLY F 283 18.53 25.73 -31.63
N VAL F 284 18.37 26.60 -32.59
CA VAL F 284 19.01 26.37 -33.82
C VAL F 284 19.62 27.70 -34.04
N ARG F 285 20.95 27.74 -34.18
CA ARG F 285 21.60 28.97 -34.37
C ARG F 285 21.84 29.15 -35.80
N LEU F 286 21.06 30.06 -36.35
CA LEU F 286 21.13 30.33 -37.73
C LEU F 286 22.06 31.39 -38.00
N TYR F 287 23.07 31.01 -38.71
CA TYR F 287 23.95 31.95 -39.25
C TYR F 287 23.46 32.30 -40.61
N VAL F 288 22.94 33.53 -40.76
CA VAL F 288 22.15 33.80 -41.95
C VAL F 288 22.71 34.81 -42.85
N SER F 289 23.40 34.34 -43.88
CA SER F 289 23.84 35.18 -44.94
C SER F 289 22.83 36.01 -45.60
N GLU F 290 23.27 36.96 -46.42
CA GLU F 290 22.45 37.98 -47.04
C GLU F 290 21.62 37.51 -48.13
N ASN F 291 21.74 36.25 -48.28
CA ASN F 291 21.17 35.57 -49.28
C ASN F 291 20.92 34.27 -48.68
N GLN F 292 21.74 33.82 -47.74
CA GLN F 292 21.70 32.46 -47.32
C GLN F 292 21.16 32.50 -46.04
N LEU F 293 20.82 31.31 -45.66
CA LEU F 293 20.29 31.10 -44.41
C LEU F 293 20.87 29.75 -44.18
N LYS F 294 21.65 29.60 -43.07
CA LYS F 294 22.31 28.35 -42.74
C LYS F 294 22.06 28.18 -41.27
N ILE F 295 21.37 27.06 -40.94
CA ILE F 295 20.87 26.76 -39.61
C ILE F 295 21.69 25.77 -38.86
N THR F 296 22.55 26.18 -37.92
CA THR F 296 23.24 25.16 -37.19
C THR F 296 22.29 24.72 -36.14
N ALA F 297 21.74 23.50 -36.34
CA ALA F 297 20.87 22.92 -35.39
C ALA F 297 21.61 21.77 -35.01
N ASN F 298 22.07 21.82 -33.78
CA ASN F 298 22.72 20.71 -33.24
C ASN F 298 21.64 20.22 -32.36
N ASN F 299 21.87 19.04 -31.78
CA ASN F 299 21.11 18.49 -30.73
C ASN F 299 22.11 17.86 -29.89
N PRO F 300 21.77 17.66 -28.65
CA PRO F 300 22.69 17.14 -27.68
C PRO F 300 22.94 15.70 -27.90
N GLU F 301 22.44 15.11 -28.97
CA GLU F 301 22.72 13.73 -29.20
C GLU F 301 23.70 13.66 -30.27
N GLN F 302 24.36 14.78 -30.54
CA GLN F 302 25.44 14.87 -31.44
C GLN F 302 25.02 14.45 -32.76
N GLU F 303 24.00 15.20 -33.15
CA GLU F 303 23.44 15.06 -34.39
C GLU F 303 23.04 16.41 -34.66
N GLU F 304 23.39 16.75 -35.87
CA GLU F 304 23.05 17.99 -36.35
C GLU F 304 22.42 17.75 -37.60
N ALA F 305 21.72 18.81 -37.92
CA ALA F 305 21.00 18.94 -39.11
C ALA F 305 21.46 20.25 -39.54
N GLU F 306 21.62 20.30 -40.86
CA GLU F 306 22.01 21.46 -41.56
C GLU F 306 21.22 21.45 -42.80
N GLU F 307 20.66 22.64 -43.04
CA GLU F 307 19.85 22.96 -44.15
C GLU F 307 20.42 24.23 -44.56
N ILE F 308 20.64 24.36 -45.85
CA ILE F 308 21.09 25.58 -46.43
C ILE F 308 19.94 25.91 -47.32
N LEU F 309 19.62 27.21 -47.46
CA LEU F 309 18.64 27.66 -48.42
C LEU F 309 18.69 29.11 -48.38
N ASP F 310 18.38 29.66 -49.53
CA ASP F 310 18.35 31.04 -49.80
C ASP F 310 17.39 31.69 -48.90
N VAL F 311 17.64 32.92 -48.74
CA VAL F 311 16.80 33.78 -48.16
C VAL F 311 17.17 34.95 -48.85
N THR F 312 16.18 35.76 -48.72
CA THR F 312 16.33 37.09 -49.01
C THR F 312 16.54 37.51 -47.67
N TYR F 313 17.80 37.71 -47.38
CA TYR F 313 18.17 38.01 -46.10
C TYR F 313 18.76 39.32 -46.27
N SER F 314 18.66 40.05 -45.18
CA SER F 314 19.32 41.29 -45.14
C SER F 314 19.59 41.47 -43.74
N GLY F 315 20.48 42.43 -43.58
CA GLY F 315 20.99 42.93 -42.38
C GLY F 315 21.92 41.97 -41.95
N ALA F 316 22.57 42.22 -40.84
CA ALA F 316 23.71 41.43 -40.56
C ALA F 316 23.39 40.01 -40.36
N GLU F 317 24.19 39.17 -41.00
CA GLU F 317 24.04 37.76 -40.90
C GLU F 317 24.57 37.45 -39.59
N MET F 318 23.80 36.81 -38.77
CA MET F 318 24.26 36.61 -37.46
C MET F 318 23.56 35.47 -36.98
N GLU F 319 24.19 34.85 -36.00
CA GLU F 319 23.57 33.78 -35.42
C GLU F 319 22.70 34.32 -34.42
N ILE F 320 21.47 33.92 -34.65
CA ILE F 320 20.43 34.21 -33.78
C ILE F 320 19.94 32.87 -33.51
N GLY F 321 19.65 32.54 -32.24
CA GLY F 321 19.15 31.23 -31.96
C GLY F 321 17.70 31.44 -32.07
N PHE F 322 16.92 30.34 -32.03
CA PHE F 322 15.51 30.32 -31.83
C PHE F 322 15.10 28.96 -31.44
N ASN F 323 13.97 28.97 -30.71
CA ASN F 323 13.18 27.84 -30.48
C ASN F 323 12.51 27.66 -31.81
N VAL F 324 13.02 26.68 -32.57
CA VAL F 324 12.63 26.40 -33.92
C VAL F 324 11.21 26.01 -33.88
N SER F 325 10.89 25.37 -32.75
CA SER F 325 9.58 24.96 -32.48
C SER F 325 8.63 26.02 -32.60
N TYR F 326 9.04 27.22 -32.27
CA TYR F 326 8.13 28.26 -32.33
C TYR F 326 7.82 28.54 -33.72
N VAL F 327 8.90 28.54 -34.50
CA VAL F 327 8.88 29.06 -35.80
C VAL F 327 8.16 28.35 -36.83
N LEU F 328 8.02 27.06 -36.68
CA LEU F 328 7.18 26.45 -37.61
C LEU F 328 5.82 26.78 -37.24
N ASP F 329 5.52 27.03 -35.96
CA ASP F 329 4.15 27.09 -35.57
C ASP F 329 3.41 28.13 -36.27
N VAL F 330 4.05 29.26 -36.29
CA VAL F 330 3.45 30.37 -36.84
C VAL F 330 3.55 30.32 -38.29
N LEU F 331 4.62 29.70 -38.84
CA LEU F 331 4.84 29.82 -40.26
C LEU F 331 3.70 29.43 -41.00
N ASN F 332 3.41 28.27 -40.62
CA ASN F 332 2.31 27.58 -41.01
C ASN F 332 0.94 28.22 -40.63
N ALA F 333 0.77 28.86 -39.45
CA ALA F 333 -0.52 29.38 -39.02
C ALA F 333 -0.88 30.65 -39.63
N LEU F 334 0.24 31.27 -39.90
CA LEU F 334 0.35 32.40 -40.69
C LEU F 334 0.09 31.88 -42.02
N LYS F 335 -1.01 32.44 -42.48
CA LYS F 335 -1.37 32.41 -43.80
C LYS F 335 -0.51 33.54 -44.24
N CYS F 336 0.49 33.17 -45.01
CA CYS F 336 1.45 34.07 -45.56
C CYS F 336 2.34 33.19 -46.26
N GLU F 337 2.70 33.82 -47.34
CA GLU F 337 3.66 33.43 -48.23
C GLU F 337 4.96 33.89 -47.70
N ASN F 338 5.27 35.18 -47.66
CA ASN F 338 6.62 35.45 -47.38
C ASN F 338 6.33 36.21 -46.25
N VAL F 339 7.29 35.88 -45.53
CA VAL F 339 7.24 36.14 -44.24
C VAL F 339 8.41 36.91 -44.26
N ARG F 340 8.20 37.96 -43.59
CA ARG F 340 9.19 38.86 -43.51
C ARG F 340 9.51 38.79 -42.18
N MET F 341 10.77 38.75 -42.03
CA MET F 341 11.49 38.68 -40.87
C MET F 341 12.08 39.91 -40.79
N MET F 342 12.20 40.51 -39.63
CA MET F 342 13.13 41.56 -39.71
C MET F 342 13.92 41.37 -38.49
N LEU F 343 15.16 40.97 -38.67
CA LEU F 343 15.84 40.40 -37.62
C LEU F 343 16.56 41.40 -37.01
N THR F 344 16.83 41.03 -35.80
CA THR F 344 17.71 41.64 -34.95
C THR F 344 18.74 40.63 -35.13
N ASP F 345 19.77 40.91 -34.48
CA ASP F 345 20.90 40.14 -34.42
C ASP F 345 20.70 38.88 -33.62
N SER F 346 19.67 38.83 -32.73
CA SER F 346 19.33 37.77 -31.78
C SER F 346 19.28 38.35 -30.45
N VAL F 347 19.07 39.63 -30.26
CA VAL F 347 18.84 40.02 -28.91
C VAL F 347 17.40 40.10 -28.74
N SER F 348 16.82 40.46 -29.85
CA SER F 348 15.50 40.70 -29.87
C SER F 348 15.18 39.73 -30.87
N SER F 349 13.88 39.60 -30.85
CA SER F 349 13.07 38.88 -31.68
C SER F 349 13.29 39.41 -33.04
N VAL F 350 12.71 38.71 -33.99
CA VAL F 350 12.88 39.05 -35.35
C VAL F 350 11.49 39.11 -35.82
N GLN F 351 11.21 40.00 -36.75
CA GLN F 351 9.89 40.25 -37.12
C GLN F 351 9.44 39.49 -38.21
N ILE F 352 8.81 38.47 -37.75
CA ILE F 352 8.00 37.67 -38.48
C ILE F 352 6.74 38.32 -38.55
N GLU F 353 6.43 38.57 -39.74
CA GLU F 353 5.25 39.22 -39.95
C GLU F 353 4.88 38.47 -41.08
N ASP F 354 3.57 38.57 -41.09
CA ASP F 354 2.74 38.32 -42.17
C ASP F 354 3.29 39.26 -43.15
N ALA F 355 3.01 38.96 -44.37
CA ALA F 355 3.26 39.89 -45.37
C ALA F 355 2.13 40.87 -45.18
N ALA F 356 0.88 40.33 -45.08
CA ALA F 356 -0.31 41.05 -44.90
C ALA F 356 -0.63 41.03 -43.50
N SER F 357 0.32 41.61 -42.80
CA SER F 357 0.28 41.80 -41.44
C SER F 357 -0.61 42.87 -41.29
N GLN F 358 -1.84 42.71 -40.76
CA GLN F 358 -2.71 43.85 -40.75
C GLN F 358 -2.56 44.38 -39.43
N SER F 359 -1.29 44.61 -39.22
CA SER F 359 -0.57 44.69 -38.06
C SER F 359 -0.47 43.23 -37.74
N ALA F 360 0.60 42.54 -38.13
CA ALA F 360 0.56 41.19 -37.72
C ALA F 360 1.99 40.89 -37.68
N ALA F 361 2.34 40.77 -36.44
CA ALA F 361 3.66 40.71 -35.98
C ALA F 361 3.68 39.50 -35.30
N TYR F 362 4.70 38.76 -35.51
CA TYR F 362 4.77 37.53 -34.91
C TYR F 362 6.15 37.54 -34.60
N VAL F 363 6.34 37.44 -33.30
CA VAL F 363 7.62 37.71 -32.75
C VAL F 363 7.95 36.62 -31.80
N VAL F 364 9.19 36.16 -31.84
CA VAL F 364 9.74 35.20 -30.96
C VAL F 364 11.04 35.68 -30.60
N MET F 365 11.37 35.43 -29.34
CA MET F 365 12.66 35.71 -28.91
C MET F 365 13.57 34.61 -29.27
N PRO F 366 14.82 34.95 -29.36
CA PRO F 366 15.87 34.02 -29.53
C PRO F 366 15.85 32.98 -28.53
N MET F 367 16.32 31.80 -28.93
CA MET F 367 16.54 30.76 -28.03
C MET F 367 17.71 30.11 -28.62
N ARG F 368 18.82 30.08 -27.94
CA ARG F 368 19.99 29.59 -28.58
C ARG F 368 19.93 28.14 -28.36
N LEU F 369 20.78 27.37 -29.07
CA LEU F 369 21.05 26.08 -28.49
C LEU F 369 22.32 26.39 -27.68
N MET G 4 28.54 2.90 -45.45
CA MET G 4 29.71 3.51 -45.96
C MET G 4 29.48 3.66 -47.39
N LYS G 5 29.44 4.93 -47.81
CA LYS G 5 29.20 5.45 -49.15
C LYS G 5 28.23 4.73 -49.99
N PHE G 6 27.29 4.06 -49.36
CA PHE G 6 26.33 3.37 -50.10
C PHE G 6 25.22 4.28 -50.34
N THR G 7 24.78 4.27 -51.55
CA THR G 7 23.75 5.11 -52.01
C THR G 7 22.59 4.18 -51.99
N VAL G 8 21.39 4.73 -52.11
CA VAL G 8 20.17 4.00 -52.09
C VAL G 8 19.28 4.84 -52.83
N GLU G 9 18.10 4.31 -53.11
CA GLU G 9 17.18 5.05 -53.84
C GLU G 9 16.25 5.36 -52.76
N ARG G 10 16.01 6.67 -52.56
CA ARG G 10 15.32 7.24 -51.46
C ARG G 10 14.02 6.63 -51.21
N GLU G 11 13.21 6.70 -52.25
CA GLU G 11 11.92 6.21 -52.46
C GLU G 11 11.85 4.80 -52.27
N HIS G 12 12.86 4.19 -52.88
CA HIS G 12 12.94 2.79 -53.08
C HIS G 12 12.94 2.20 -51.75
N LEU G 13 13.75 2.86 -50.97
CA LEU G 13 13.91 2.63 -49.61
C LEU G 13 12.80 3.14 -48.81
N LEU G 14 12.05 4.08 -49.35
CA LEU G 14 11.10 4.82 -48.61
C LEU G 14 10.07 3.95 -47.98
N LYS G 15 9.46 3.03 -48.71
CA LYS G 15 8.54 2.07 -48.14
C LYS G 15 9.13 0.97 -47.33
N PRO G 16 10.24 0.42 -47.68
CA PRO G 16 10.95 -0.52 -46.89
C PRO G 16 11.17 -0.03 -45.51
N LEU G 17 11.56 1.26 -45.40
CA LEU G 17 11.83 1.86 -44.13
C LEU G 17 10.70 1.76 -43.18
N GLN G 18 9.48 2.02 -43.63
CA GLN G 18 8.33 1.92 -42.79
C GLN G 18 7.90 0.55 -42.43
N GLN G 19 7.88 -0.37 -43.41
CA GLN G 19 7.46 -1.71 -43.14
C GLN G 19 8.17 -2.39 -42.09
N VAL G 20 9.44 -1.99 -41.97
CA VAL G 20 10.34 -2.67 -41.21
C VAL G 20 10.57 -2.07 -39.92
N SER G 21 10.33 -0.76 -39.80
CA SER G 21 10.47 -0.12 -38.57
C SER G 21 9.30 -0.41 -37.71
N GLY G 22 8.15 -0.78 -38.32
CA GLY G 22 7.00 -1.11 -37.51
C GLY G 22 7.28 -2.30 -36.66
N PRO G 23 7.90 -3.34 -37.15
CA PRO G 23 8.37 -4.37 -36.25
C PRO G 23 9.81 -4.00 -35.96
N LEU G 24 10.03 -3.24 -34.85
CA LEU G 24 11.33 -2.81 -34.37
C LEU G 24 11.24 -2.49 -32.91
N GLY G 25 12.12 -3.06 -32.04
CA GLY G 25 12.01 -2.95 -30.59
C GLY G 25 10.79 -3.52 -30.06
N GLY G 26 10.30 -2.85 -29.00
CA GLY G 26 9.13 -3.27 -28.30
C GLY G 26 9.49 -4.27 -27.28
N ARG G 27 10.76 -4.23 -26.83
CA ARG G 27 11.21 -5.12 -25.81
C ARG G 27 11.62 -4.16 -24.71
N PRO G 28 11.74 -4.62 -23.44
CA PRO G 28 12.21 -3.83 -22.30
C PRO G 28 13.56 -3.26 -22.62
N THR G 29 14.28 -3.94 -23.49
CA THR G 29 15.59 -3.63 -23.90
C THR G 29 15.42 -3.41 -25.38
N LEU G 30 15.63 -2.18 -25.91
CA LEU G 30 15.36 -1.92 -27.30
C LEU G 30 16.30 -0.88 -27.86
N PRO G 31 17.57 -1.08 -27.72
CA PRO G 31 18.51 -0.07 -28.14
C PRO G 31 18.63 0.07 -29.61
N ILE G 32 19.20 -0.96 -30.22
CA ILE G 32 19.48 -1.05 -31.62
C ILE G 32 18.25 -1.47 -32.27
N LEU G 33 17.27 -1.74 -31.43
CA LEU G 33 15.93 -2.01 -31.76
C LEU G 33 15.36 -0.63 -31.71
N GLY G 34 15.47 0.03 -32.84
CA GLY G 34 15.20 1.40 -32.97
C GLY G 34 16.12 1.77 -34.07
N ASN G 35 17.17 1.02 -34.30
CA ASN G 35 18.01 1.24 -35.40
C ASN G 35 17.77 0.12 -36.34
N LEU G 36 17.83 0.43 -37.63
CA LEU G 36 17.67 -0.62 -38.60
C LEU G 36 18.99 -0.74 -39.21
N LEU G 37 19.39 -1.96 -39.60
CA LEU G 37 20.63 -2.11 -40.24
C LEU G 37 20.41 -2.11 -41.67
N LEU G 38 21.45 -1.59 -42.31
CA LEU G 38 21.52 -1.47 -43.71
C LEU G 38 22.82 -1.79 -44.11
N GLN G 39 22.75 -2.59 -45.10
CA GLN G 39 23.78 -2.82 -45.90
C GLN G 39 23.00 -2.77 -47.10
N VAL G 40 23.57 -2.00 -48.01
CA VAL G 40 23.13 -2.01 -49.34
C VAL G 40 24.13 -2.94 -49.77
N ALA G 41 23.68 -4.20 -49.96
CA ALA G 41 24.54 -5.22 -50.48
C ALA G 41 25.05 -4.63 -51.76
N ASP G 42 24.10 -4.04 -52.49
CA ASP G 42 24.19 -3.32 -53.72
C ASP G 42 23.28 -4.28 -54.29
N GLY G 43 21.99 -3.94 -54.46
CA GLY G 43 21.02 -4.94 -54.85
C GLY G 43 19.90 -4.84 -53.95
N THR G 44 20.11 -5.31 -52.75
CA THR G 44 19.08 -5.24 -51.80
C THR G 44 19.68 -4.40 -50.85
N LEU G 45 19.00 -4.39 -49.77
CA LEU G 45 19.66 -3.90 -48.70
C LEU G 45 18.95 -4.58 -47.71
N SER G 46 19.54 -4.43 -46.58
CA SER G 46 19.05 -5.05 -45.46
C SER G 46 18.36 -3.93 -44.93
N LEU G 47 17.35 -4.27 -44.20
CA LEU G 47 16.70 -3.20 -43.65
C LEU G 47 15.97 -3.92 -42.68
N THR G 48 16.72 -4.22 -41.69
CA THR G 48 16.29 -5.07 -40.68
C THR G 48 15.64 -4.30 -39.67
N GLY G 49 14.47 -4.79 -39.25
CA GLY G 49 13.84 -4.29 -38.07
C GLY G 49 13.49 -5.49 -37.30
N THR G 50 14.34 -5.86 -36.31
CA THR G 50 14.15 -6.99 -35.41
C THR G 50 13.34 -6.53 -34.24
N ASP G 51 12.76 -7.49 -33.51
CA ASP G 51 11.99 -7.24 -32.34
C ASP G 51 12.42 -8.22 -31.29
N LEU G 52 13.22 -9.24 -31.68
CA LEU G 52 13.52 -10.42 -30.91
C LEU G 52 12.27 -11.30 -30.95
N GLU G 53 11.32 -11.02 -31.88
CA GLU G 53 10.09 -11.75 -32.01
C GLU G 53 9.57 -11.79 -33.42
N MET G 54 9.89 -10.75 -34.21
CA MET G 54 9.56 -10.76 -35.60
C MET G 54 10.41 -9.70 -36.19
N GLU G 55 10.49 -9.69 -37.53
CA GLU G 55 11.45 -8.92 -38.25
C GLU G 55 10.85 -8.45 -39.50
N MET G 56 11.33 -7.34 -40.02
CA MET G 56 10.86 -6.96 -41.28
C MET G 56 12.03 -6.49 -41.93
N VAL G 57 12.59 -7.32 -42.73
CA VAL G 57 13.76 -6.97 -43.41
C VAL G 57 13.33 -6.43 -44.64
N ALA G 58 13.69 -5.26 -44.98
CA ALA G 58 13.39 -4.86 -46.24
C ALA G 58 14.64 -4.75 -46.85
N ARG G 59 14.43 -4.68 -48.11
CA ARG G 59 15.45 -4.55 -49.00
C ARG G 59 14.85 -3.48 -49.74
N VAL G 60 15.70 -3.05 -50.59
CA VAL G 60 15.36 -2.14 -51.55
C VAL G 60 16.02 -2.79 -52.58
N ALA G 61 15.34 -2.87 -53.70
CA ALA G 61 16.02 -3.18 -54.90
C ALA G 61 16.76 -1.93 -55.28
N LEU G 62 18.03 -1.96 -55.47
CA LEU G 62 18.61 -0.72 -55.84
C LEU G 62 19.84 -1.25 -56.24
N VAL G 63 20.50 -0.55 -57.12
CA VAL G 63 21.79 -1.00 -57.48
C VAL G 63 22.80 -0.15 -56.83
N GLN G 64 22.34 0.87 -56.09
CA GLN G 64 23.20 1.90 -55.62
C GLN G 64 24.44 1.44 -54.92
N PRO G 65 25.63 1.99 -55.19
CA PRO G 65 26.90 1.62 -54.62
C PRO G 65 26.84 1.55 -53.20
N HIS G 66 27.88 0.95 -52.73
CA HIS G 66 27.96 0.71 -51.41
C HIS G 66 29.36 0.47 -51.33
N GLU G 67 29.81 0.72 -50.14
CA GLU G 67 31.09 0.31 -49.77
C GLU G 67 30.74 -0.28 -48.49
N PRO G 68 31.62 -1.12 -47.96
CA PRO G 68 31.42 -1.86 -46.76
C PRO G 68 31.08 -0.98 -45.64
N GLY G 69 29.76 -0.82 -45.53
CA GLY G 69 29.21 0.00 -44.57
C GLY G 69 28.18 -0.88 -44.09
N ALA G 70 28.45 -1.40 -42.91
CA ALA G 70 27.52 -2.21 -42.19
C ALA G 70 27.24 -1.26 -41.12
N THR G 71 25.98 -0.99 -40.87
CA THR G 71 25.75 0.00 -39.87
C THR G 71 24.38 -0.31 -39.36
N THR G 72 23.97 0.43 -38.34
CA THR G 72 22.66 0.33 -37.82
C THR G 72 22.43 1.70 -37.34
N VAL G 73 21.55 2.47 -37.89
CA VAL G 73 21.49 3.85 -37.52
C VAL G 73 20.12 3.94 -37.10
N PRO G 74 19.76 4.88 -36.25
CA PRO G 74 18.39 5.05 -35.81
C PRO G 74 17.52 5.04 -36.97
N ALA G 75 16.44 4.30 -36.84
CA ALA G 75 15.63 3.88 -37.92
C ALA G 75 14.98 5.06 -38.44
N ARG G 76 14.47 5.81 -37.48
CA ARG G 76 13.67 6.88 -37.83
C ARG G 76 14.47 7.93 -38.37
N LYS G 77 15.58 8.27 -37.75
CA LYS G 77 16.32 9.47 -38.10
C LYS G 77 16.71 9.43 -39.47
N PHE G 78 17.11 8.24 -39.80
CA PHE G 78 17.51 7.97 -41.09
C PHE G 78 16.38 8.10 -42.06
N PHE G 79 15.24 7.59 -41.65
CA PHE G 79 14.08 7.58 -42.43
C PHE G 79 13.64 8.96 -42.78
N ASP G 80 13.45 9.73 -41.72
CA ASP G 80 12.99 11.07 -41.69
C ASP G 80 13.68 11.96 -42.61
N ILE G 81 14.97 11.78 -42.57
CA ILE G 81 15.85 12.36 -43.48
C ILE G 81 15.47 11.98 -44.86
N CYS G 82 15.23 10.69 -45.16
CA CYS G 82 15.11 10.28 -46.56
C CYS G 82 13.98 10.91 -47.19
N ARG G 83 12.84 10.89 -46.52
CA ARG G 83 11.73 11.61 -46.94
C ARG G 83 11.86 13.09 -47.01
N GLY G 84 12.60 13.69 -46.07
CA GLY G 84 12.76 15.13 -45.93
C GLY G 84 13.66 15.58 -46.98
N LEU G 85 14.41 14.62 -47.46
CA LEU G 85 15.20 14.82 -48.59
C LEU G 85 14.29 14.45 -49.63
N PRO G 86 14.49 15.04 -50.75
CA PRO G 86 13.83 14.64 -51.92
C PRO G 86 13.94 13.21 -52.12
N GLU G 87 12.92 12.74 -52.77
CA GLU G 87 12.81 11.40 -53.13
C GLU G 87 13.45 11.32 -54.40
N GLY G 88 13.74 10.06 -54.78
CA GLY G 88 14.56 9.83 -55.93
C GLY G 88 15.94 10.03 -55.55
N ALA G 89 16.15 10.92 -54.57
CA ALA G 89 17.36 11.40 -54.18
C ALA G 89 18.13 10.25 -53.76
N GLU G 90 19.37 10.34 -54.21
CA GLU G 90 20.27 9.28 -54.10
C GLU G 90 20.96 9.51 -52.86
N ILE G 91 20.40 8.85 -51.86
CA ILE G 91 20.72 9.12 -50.54
C ILE G 91 21.99 8.42 -50.21
N ALA G 92 23.05 9.25 -50.09
CA ALA G 92 24.42 8.81 -49.97
C ALA G 92 24.79 9.09 -48.59
N VAL G 93 25.68 8.25 -48.05
CA VAL G 93 26.03 8.33 -46.68
C VAL G 93 27.39 7.98 -46.51
N GLN G 94 27.99 8.61 -45.51
CA GLN G 94 29.32 8.30 -45.21
C GLN G 94 29.19 7.74 -43.90
N LEU G 95 29.73 6.54 -43.78
CA LEU G 95 29.77 5.92 -42.52
C LEU G 95 31.11 6.28 -42.15
N GLU G 96 31.24 6.97 -41.05
CA GLU G 96 32.55 7.32 -40.71
C GLU G 96 32.36 7.60 -39.31
N GLY G 97 33.18 6.91 -38.49
CA GLY G 97 33.26 7.13 -37.08
C GLY G 97 31.93 7.18 -36.43
N GLU G 98 31.10 6.18 -36.76
CA GLU G 98 29.79 5.96 -36.21
C GLU G 98 28.97 7.16 -36.31
N ARG G 99 29.14 7.76 -37.45
CA ARG G 99 28.55 8.97 -37.65
C ARG G 99 28.31 8.72 -39.03
N MET G 100 27.04 8.58 -39.22
CA MET G 100 26.60 8.21 -40.46
C MET G 100 25.95 9.40 -40.78
N LEU G 101 26.43 9.98 -41.84
CA LEU G 101 26.01 11.25 -42.24
C LEU G 101 25.22 10.86 -43.35
N VAL G 102 24.40 11.83 -43.69
CA VAL G 102 23.48 11.75 -44.73
C VAL G 102 23.70 13.05 -45.32
N ARG G 103 23.71 13.01 -46.66
CA ARG G 103 23.72 14.18 -47.39
C ARG G 103 22.78 13.77 -48.49
N SER G 104 21.86 14.72 -48.75
CA SER G 104 21.06 14.77 -49.94
C SER G 104 20.83 16.25 -49.92
N GLY G 105 21.38 16.87 -50.95
CA GLY G 105 21.48 18.29 -51.19
C GLY G 105 21.91 19.10 -50.02
N ARG G 106 21.45 20.39 -50.02
CA ARG G 106 21.69 21.42 -49.04
C ARG G 106 21.27 21.05 -47.67
N SER G 107 20.71 19.82 -47.53
CA SER G 107 20.32 19.28 -46.32
C SER G 107 21.38 18.23 -46.12
N ARG G 108 21.91 18.17 -44.91
CA ARG G 108 22.73 17.06 -44.59
C ARG G 108 22.55 17.02 -43.17
N PHE G 109 23.03 15.91 -42.63
CA PHE G 109 22.78 15.61 -41.29
C PHE G 109 23.92 14.73 -40.98
N SER G 110 24.15 14.59 -39.69
CA SER G 110 25.10 13.72 -39.17
C SER G 110 24.34 12.93 -38.20
N LEU G 111 24.07 11.67 -38.54
CA LEU G 111 23.42 10.79 -37.64
C LEU G 111 24.50 10.04 -37.06
N SER G 112 24.05 9.28 -36.09
CA SER G 112 24.77 8.38 -35.33
C SER G 112 24.38 7.10 -35.93
N THR G 113 25.08 6.09 -35.47
CA THR G 113 25.10 4.75 -35.93
C THR G 113 25.32 3.98 -34.70
N LEU G 114 24.73 2.78 -34.61
CA LEU G 114 25.05 1.72 -33.70
C LEU G 114 25.59 0.68 -34.65
N PRO G 115 26.67 -0.03 -34.32
CA PRO G 115 27.31 -0.95 -35.23
C PRO G 115 26.31 -1.99 -35.56
N ALA G 116 26.47 -2.57 -36.73
CA ALA G 116 25.76 -3.74 -37.02
C ALA G 116 26.26 -4.93 -36.26
N ALA G 117 27.44 -4.90 -35.55
CA ALA G 117 27.99 -6.08 -34.91
C ALA G 117 27.20 -6.69 -33.76
N ASP G 118 26.56 -5.89 -32.91
CA ASP G 118 25.87 -6.45 -31.78
C ASP G 118 24.42 -6.67 -32.09
N PHE G 119 24.02 -6.53 -33.37
CA PHE G 119 22.63 -6.62 -33.79
C PHE G 119 22.10 -8.01 -33.37
N PRO G 120 21.13 -8.13 -32.46
CA PRO G 120 20.77 -9.38 -31.78
C PRO G 120 19.92 -10.30 -32.61
N ASN G 121 19.31 -9.81 -33.72
CA ASN G 121 18.51 -10.54 -34.72
C ASN G 121 17.49 -11.57 -34.24
N LEU G 122 17.17 -12.59 -35.11
CA LEU G 122 16.17 -13.61 -34.86
C LEU G 122 16.29 -14.72 -35.92
N ASP G 123 15.54 -15.85 -35.72
CA ASP G 123 15.37 -16.95 -36.67
C ASP G 123 14.73 -16.48 -37.92
N ASP G 124 15.09 -17.10 -39.05
CA ASP G 124 14.56 -16.65 -40.30
C ASP G 124 14.71 -17.73 -41.28
N TRP G 125 15.27 -18.83 -40.77
CA TRP G 125 15.82 -19.88 -41.53
C TRP G 125 14.86 -20.43 -42.42
N GLN G 126 15.41 -20.79 -43.55
CA GLN G 126 14.76 -21.64 -44.47
C GLN G 126 13.86 -22.62 -43.86
N SER G 127 12.60 -22.41 -44.17
CA SER G 127 11.61 -22.84 -43.31
C SER G 127 11.02 -23.55 -44.41
N GLU G 128 10.60 -24.68 -43.98
CA GLU G 128 10.13 -25.66 -44.83
C GLU G 128 8.81 -25.33 -45.28
N VAL G 129 8.41 -26.07 -46.30
CA VAL G 129 7.15 -25.95 -46.89
C VAL G 129 7.15 -24.66 -47.57
N GLU G 130 6.26 -24.52 -48.49
CA GLU G 130 6.17 -23.33 -49.18
C GLU G 130 4.73 -23.47 -49.48
N PHE G 131 3.88 -22.49 -49.12
CA PHE G 131 2.49 -22.55 -49.50
C PHE G 131 1.99 -21.14 -49.48
N THR G 132 1.27 -20.69 -50.54
CA THR G 132 0.91 -19.33 -50.75
C THR G 132 -0.56 -19.06 -50.82
N LEU G 133 -0.98 -18.05 -50.03
CA LEU G 133 -2.36 -17.63 -49.97
C LEU G 133 -2.37 -16.23 -50.47
N PRO G 134 -3.35 -15.81 -51.22
CA PRO G 134 -3.41 -14.48 -51.72
C PRO G 134 -3.71 -13.67 -50.58
N GLN G 135 -3.17 -12.50 -50.58
CA GLN G 135 -3.50 -11.51 -49.69
C GLN G 135 -4.93 -11.18 -49.66
N ALA G 136 -5.71 -11.50 -50.69
CA ALA G 136 -7.13 -11.26 -50.71
C ALA G 136 -8.01 -11.80 -49.65
N THR G 137 -7.71 -13.01 -49.27
CA THR G 137 -8.62 -13.74 -48.46
C THR G 137 -7.93 -13.85 -47.27
N MET G 138 -6.62 -13.89 -47.44
CA MET G 138 -5.70 -13.93 -46.44
C MET G 138 -5.90 -12.81 -45.56
N LYS G 139 -6.37 -11.78 -46.16
CA LYS G 139 -6.81 -10.67 -45.47
C LYS G 139 -7.96 -10.91 -44.62
N ARG G 140 -9.04 -11.50 -45.15
CA ARG G 140 -10.23 -11.86 -44.41
C ARG G 140 -9.85 -12.66 -43.30
N LEU G 141 -9.01 -13.63 -43.62
CA LEU G 141 -8.47 -14.61 -42.78
C LEU G 141 -7.80 -13.93 -41.65
N ILE G 142 -7.06 -12.83 -41.93
CA ILE G 142 -6.28 -12.31 -40.87
C ILE G 142 -7.19 -11.47 -40.12
N GLU G 143 -8.06 -10.69 -40.75
CA GLU G 143 -8.98 -9.81 -40.12
C GLU G 143 -9.87 -10.49 -39.20
N ALA G 144 -10.39 -11.60 -39.68
CA ALA G 144 -11.43 -12.32 -39.04
C ALA G 144 -10.85 -12.89 -37.83
N THR G 145 -9.56 -13.18 -37.77
CA THR G 145 -9.16 -13.90 -36.59
C THR G 145 -8.41 -13.06 -35.64
N GLN G 146 -7.62 -12.13 -36.19
CA GLN G 146 -6.63 -11.44 -35.43
C GLN G 146 -7.09 -10.71 -34.23
N PHE G 147 -8.40 -10.45 -34.09
CA PHE G 147 -8.87 -9.63 -33.02
C PHE G 147 -9.18 -10.43 -31.84
N SER G 148 -9.00 -11.75 -31.88
CA SER G 148 -9.42 -12.46 -30.76
C SER G 148 -8.10 -12.80 -30.22
N MET G 149 -7.43 -11.80 -29.74
CA MET G 149 -6.24 -12.00 -29.05
C MET G 149 -6.73 -11.75 -27.71
N ALA G 150 -6.01 -12.29 -26.74
CA ALA G 150 -6.20 -11.94 -25.37
C ALA G 150 -4.81 -12.12 -24.93
N HIS G 151 -4.44 -11.34 -23.90
CA HIS G 151 -3.08 -11.17 -23.48
C HIS G 151 -3.06 -11.36 -21.94
N GLN G 152 -1.80 -11.40 -21.36
CA GLN G 152 -1.30 -11.67 -19.99
C GLN G 152 -1.25 -13.16 -19.78
N ASP G 153 -1.09 -13.92 -20.90
CA ASP G 153 -1.01 -15.35 -20.85
C ASP G 153 0.19 -15.88 -20.13
N VAL G 154 -0.17 -16.67 -19.13
CA VAL G 154 0.71 -17.47 -18.36
C VAL G 154 0.27 -18.84 -18.88
N ARG G 155 -0.96 -18.97 -19.51
CA ARG G 155 -1.51 -20.18 -20.16
C ARG G 155 -1.61 -19.84 -21.68
N TYR G 156 -0.75 -20.51 -22.51
CA TYR G 156 -0.68 -20.55 -23.98
C TYR G 156 -0.54 -19.28 -24.79
N TYR G 157 -1.36 -19.12 -25.89
CA TYR G 157 -1.29 -18.04 -26.88
C TYR G 157 -2.71 -17.71 -27.36
N LEU G 158 -3.31 -16.59 -26.91
CA LEU G 158 -4.65 -16.18 -27.18
C LEU G 158 -4.52 -15.14 -28.23
N ASN G 159 -3.54 -14.27 -27.94
CA ASN G 159 -3.02 -13.23 -28.74
C ASN G 159 -2.18 -13.75 -29.77
N GLY G 160 -1.78 -15.00 -29.59
CA GLY G 160 -1.07 -15.68 -30.56
C GLY G 160 -2.11 -16.03 -31.52
N MET G 161 -1.68 -16.85 -32.44
CA MET G 161 -2.68 -17.39 -33.26
C MET G 161 -1.99 -18.59 -33.79
N LEU G 162 -2.72 -19.68 -34.10
CA LEU G 162 -2.10 -20.87 -34.65
C LEU G 162 -2.39 -20.95 -36.07
N PHE G 163 -1.51 -21.68 -36.79
CA PHE G 163 -1.55 -21.92 -38.19
C PHE G 163 -1.53 -23.31 -38.41
N GLU G 164 -2.72 -23.75 -38.79
CA GLU G 164 -2.77 -25.06 -39.11
C GLU G 164 -3.68 -25.26 -40.17
N THR G 165 -3.10 -25.90 -41.16
CA THR G 165 -3.74 -26.33 -42.29
C THR G 165 -4.33 -27.52 -41.79
N GLU G 166 -5.63 -27.48 -41.93
CA GLU G 166 -6.40 -28.60 -41.70
C GLU G 166 -6.76 -28.62 -43.07
N GLY G 167 -6.34 -29.73 -43.67
CA GLY G 167 -6.40 -29.98 -45.06
C GLY G 167 -5.70 -28.98 -45.79
N GLU G 168 -6.22 -28.83 -46.99
CA GLU G 168 -5.87 -27.89 -47.96
C GLU G 168 -6.34 -26.57 -47.52
N GLU G 169 -7.29 -26.56 -46.59
CA GLU G 169 -7.62 -25.39 -45.90
C GLU G 169 -6.49 -25.03 -45.06
N LEU G 170 -6.74 -23.88 -44.57
CA LEU G 170 -6.02 -23.38 -43.55
C LEU G 170 -7.06 -22.90 -42.66
N ARG G 171 -6.75 -23.12 -41.39
CA ARG G 171 -7.58 -22.68 -40.37
C ARG G 171 -6.69 -22.16 -39.34
N THR G 172 -7.16 -21.06 -38.78
CA THR G 172 -6.47 -20.31 -37.81
C THR G 172 -7.33 -20.08 -36.65
N VAL G 173 -6.69 -19.61 -35.57
CA VAL G 173 -7.48 -19.29 -34.45
C VAL G 173 -6.69 -18.43 -33.54
N ALA G 174 -7.41 -17.44 -33.01
CA ALA G 174 -6.97 -16.61 -31.97
C ALA G 174 -8.25 -16.55 -31.26
N THR G 175 -8.15 -16.31 -29.97
CA THR G 175 -9.29 -16.28 -29.16
C THR G 175 -8.88 -15.51 -27.99
N ASP G 176 -9.86 -15.07 -27.22
CA ASP G 176 -9.64 -14.28 -26.06
C ASP G 176 -9.99 -15.10 -24.93
N GLY G 177 -10.52 -16.28 -25.21
CA GLY G 177 -11.11 -17.10 -24.20
C GLY G 177 -12.52 -16.67 -24.01
N HIS G 178 -13.01 -15.70 -24.76
CA HIS G 178 -14.34 -15.28 -24.54
C HIS G 178 -14.92 -14.99 -25.81
N ARG G 179 -14.18 -15.42 -26.82
CA ARG G 179 -14.64 -15.29 -28.11
C ARG G 179 -13.45 -15.71 -28.81
N LEU G 180 -13.73 -16.37 -29.89
CA LEU G 180 -12.79 -16.96 -30.68
C LEU G 180 -13.26 -16.59 -32.01
N ALA G 181 -12.33 -16.71 -32.91
CA ALA G 181 -12.54 -16.35 -34.22
C ALA G 181 -11.88 -17.38 -35.03
N VAL G 182 -12.61 -18.03 -35.93
CA VAL G 182 -12.02 -19.06 -36.73
C VAL G 182 -12.48 -18.77 -38.08
N CYS G 183 -11.55 -18.44 -38.94
CA CYS G 183 -11.97 -18.17 -40.25
C CYS G 183 -11.23 -19.20 -40.95
N SER G 184 -11.73 -19.43 -42.15
CA SER G 184 -11.39 -20.62 -42.76
C SER G 184 -11.14 -20.14 -44.07
N MET G 185 -9.94 -20.48 -44.52
CA MET G 185 -9.57 -20.13 -45.82
C MET G 185 -9.45 -21.35 -46.52
N PRO G 186 -10.38 -21.63 -47.40
CA PRO G 186 -10.39 -22.88 -48.11
C PRO G 186 -9.08 -23.16 -48.72
N ILE G 187 -8.54 -22.15 -49.36
CA ILE G 187 -7.24 -22.22 -49.92
C ILE G 187 -6.18 -22.45 -48.90
N GLY G 188 -5.12 -22.99 -49.45
CA GLY G 188 -3.95 -23.33 -48.76
C GLY G 188 -3.64 -24.57 -49.35
N GLN G 189 -2.83 -25.27 -48.62
CA GLN G 189 -2.35 -26.49 -48.95
C GLN G 189 -2.66 -27.24 -47.76
N SER G 190 -2.55 -28.51 -48.09
CA SER G 190 -2.68 -29.63 -47.26
C SER G 190 -1.33 -29.68 -46.68
N LEU G 191 -0.29 -29.16 -47.44
CA LEU G 191 1.09 -29.05 -47.07
C LEU G 191 1.20 -28.61 -45.65
N PRO G 192 2.05 -29.38 -44.98
CA PRO G 192 2.11 -29.49 -43.56
C PRO G 192 1.88 -28.25 -42.83
N SER G 193 1.18 -28.33 -41.70
CA SER G 193 1.11 -27.21 -40.87
C SER G 193 2.20 -27.39 -39.91
N HIS G 194 2.57 -26.38 -39.19
CA HIS G 194 3.70 -26.47 -38.36
C HIS G 194 3.27 -25.58 -37.35
N SER G 195 3.94 -25.78 -36.19
CA SER G 195 3.78 -24.94 -35.06
C SER G 195 4.31 -23.69 -35.50
N VAL G 196 3.36 -22.89 -35.78
CA VAL G 196 3.62 -21.68 -36.28
C VAL G 196 2.58 -21.18 -35.48
N ILE G 197 3.01 -20.47 -34.47
CA ILE G 197 2.12 -19.75 -33.67
C ILE G 197 2.87 -18.53 -33.76
N VAL G 198 2.18 -17.56 -34.35
CA VAL G 198 2.68 -16.25 -34.48
C VAL G 198 2.03 -15.54 -33.33
N PRO G 199 2.67 -14.51 -32.87
CA PRO G 199 2.19 -13.67 -31.81
C PRO G 199 0.90 -12.94 -32.10
N ARG G 200 0.91 -11.73 -31.60
CA ARG G 200 -0.09 -10.80 -31.64
C ARG G 200 0.39 -9.86 -32.63
N LYS G 201 1.72 -9.54 -32.68
CA LYS G 201 2.13 -8.39 -33.38
C LYS G 201 2.20 -8.68 -34.78
N GLY G 202 2.92 -9.76 -35.04
CA GLY G 202 3.33 -10.16 -36.32
C GLY G 202 2.26 -10.10 -37.28
N VAL G 203 1.12 -10.66 -36.85
CA VAL G 203 -0.09 -10.91 -37.59
C VAL G 203 -0.66 -9.72 -38.09
N ILE G 204 -0.40 -8.68 -37.32
CA ILE G 204 -0.68 -7.41 -37.77
C ILE G 204 0.15 -7.13 -38.97
N GLU G 205 1.50 -7.09 -38.93
CA GLU G 205 2.23 -6.72 -40.11
C GLU G 205 2.04 -7.49 -41.27
N LEU G 206 1.84 -8.74 -41.12
CA LEU G 206 1.40 -9.58 -42.16
C LEU G 206 0.21 -9.19 -42.84
N MET G 207 -0.79 -8.79 -42.01
CA MET G 207 -2.11 -8.49 -42.39
C MET G 207 -1.92 -7.35 -43.27
N ARG G 208 -0.97 -6.47 -42.87
CA ARG G 208 -0.45 -5.37 -43.58
C ARG G 208 0.18 -5.72 -44.83
N MET G 209 0.80 -6.86 -44.93
CA MET G 209 1.48 -7.27 -46.09
C MET G 209 0.51 -7.86 -47.08
N LEU G 210 -0.77 -7.73 -46.75
CA LEU G 210 -1.88 -8.13 -47.55
C LEU G 210 -2.93 -7.16 -47.49
N ASP G 211 -3.65 -7.16 -48.62
CA ASP G 211 -4.56 -6.13 -48.91
C ASP G 211 -4.93 -6.23 -50.37
N GLY G 212 -4.47 -7.27 -51.09
CA GLY G 212 -4.54 -7.28 -52.54
C GLY G 212 -3.10 -7.14 -52.90
N GLY G 213 -2.53 -6.11 -52.30
CA GLY G 213 -1.17 -5.77 -52.37
C GLY G 213 -0.24 -6.68 -51.62
N ASP G 214 0.97 -6.37 -52.09
CA ASP G 214 2.17 -7.09 -52.00
C ASP G 214 1.89 -8.08 -53.05
N ASN G 215 2.83 -8.95 -53.04
CA ASN G 215 2.73 -10.18 -53.62
C ASN G 215 1.72 -10.85 -52.71
N PRO G 216 1.30 -11.98 -53.18
CA PRO G 216 0.53 -12.92 -52.45
C PRO G 216 1.40 -13.28 -51.34
N LEU G 217 0.77 -13.72 -50.33
CA LEU G 217 1.49 -14.01 -49.17
C LEU G 217 1.91 -15.45 -49.21
N ARG G 218 3.23 -15.74 -49.10
CA ARG G 218 3.68 -17.12 -49.18
C ARG G 218 4.42 -17.47 -47.94
N VAL G 219 4.27 -18.71 -47.45
CA VAL G 219 4.71 -19.18 -46.17
C VAL G 219 5.38 -20.49 -46.21
N GLN G 220 6.48 -20.55 -45.48
CA GLN G 220 7.11 -21.79 -45.27
C GLN G 220 6.82 -22.01 -43.88
N ILE G 221 6.00 -22.99 -43.58
CA ILE G 221 5.50 -23.10 -42.27
C ILE G 221 6.40 -24.00 -41.66
N GLY G 222 7.13 -23.52 -40.71
CA GLY G 222 8.07 -24.30 -40.11
C GLY G 222 7.76 -23.96 -38.79
N SER G 223 7.93 -24.95 -38.00
CA SER G 223 7.84 -24.98 -36.62
C SER G 223 8.77 -24.02 -35.98
N ASN G 224 9.91 -23.91 -36.72
CA ASN G 224 11.18 -23.34 -36.43
C ASN G 224 10.82 -21.94 -36.37
N ASN G 225 10.62 -21.55 -37.57
CA ASN G 225 10.31 -20.33 -37.98
C ASN G 225 9.72 -20.92 -39.15
N ILE G 226 9.10 -19.98 -39.70
CA ILE G 226 8.41 -19.93 -40.85
C ILE G 226 9.13 -18.95 -41.64
N ARG G 227 8.94 -18.95 -42.98
CA ARG G 227 9.42 -17.81 -43.69
C ARG G 227 8.37 -17.27 -44.62
N ALA G 228 7.79 -16.11 -44.18
CA ALA G 228 6.80 -15.37 -44.91
C ALA G 228 7.33 -14.46 -45.97
N HIS G 229 6.58 -14.38 -47.07
CA HIS G 229 6.99 -13.55 -48.13
C HIS G 229 5.81 -12.66 -48.37
N VAL G 230 6.01 -11.35 -48.13
CA VAL G 230 5.10 -10.33 -48.54
C VAL G 230 5.96 -9.09 -48.54
N GLY G 231 5.53 -8.07 -49.31
CA GLY G 231 6.17 -6.82 -49.58
C GLY G 231 7.62 -6.97 -49.91
N ASP G 232 8.47 -5.91 -49.67
CA ASP G 232 9.92 -6.00 -49.90
C ASP G 232 10.51 -6.51 -48.69
N PHE G 233 9.66 -7.19 -47.93
CA PHE G 233 10.08 -7.55 -46.68
C PHE G 233 10.09 -8.92 -46.84
N ILE G 234 10.57 -9.37 -45.74
CA ILE G 234 10.65 -10.67 -45.42
C ILE G 234 10.28 -10.47 -43.99
N PHE G 235 9.17 -11.14 -43.61
CA PHE G 235 8.70 -11.07 -42.25
C PHE G 235 8.99 -12.54 -41.80
N THR G 236 9.73 -12.79 -40.65
CA THR G 236 10.03 -14.14 -40.10
C THR G 236 9.88 -14.31 -38.58
N SER G 237 8.99 -15.17 -38.02
CA SER G 237 9.01 -15.36 -36.56
C SER G 237 9.67 -16.68 -36.21
N LYS G 238 10.23 -16.71 -34.98
CA LYS G 238 10.80 -17.85 -34.34
C LYS G 238 9.68 -18.70 -33.87
N LEU G 239 8.48 -18.12 -33.78
CA LEU G 239 7.30 -18.79 -33.39
C LEU G 239 7.38 -19.10 -31.99
N VAL G 240 6.23 -18.97 -31.34
CA VAL G 240 6.17 -19.50 -30.04
C VAL G 240 5.66 -20.82 -30.33
N ASP G 241 6.25 -21.72 -29.62
CA ASP G 241 6.10 -23.06 -29.91
C ASP G 241 5.59 -23.41 -28.57
N GLY G 242 4.48 -24.12 -28.66
CA GLY G 242 3.61 -24.55 -27.62
C GLY G 242 2.35 -24.63 -28.43
N ARG G 243 1.30 -25.32 -27.93
CA ARG G 243 0.01 -25.46 -28.60
C ARG G 243 -0.71 -24.15 -28.70
N PHE G 244 -1.88 -24.19 -29.38
CA PHE G 244 -2.72 -23.06 -29.52
C PHE G 244 -3.96 -23.74 -29.06
N PRO G 245 -4.66 -23.26 -28.01
CA PRO G 245 -5.83 -23.94 -27.43
C PRO G 245 -6.83 -24.37 -28.50
N ASP G 246 -7.67 -25.39 -28.18
CA ASP G 246 -8.68 -26.03 -29.01
C ASP G 246 -9.51 -25.07 -29.85
N TYR G 247 -10.37 -25.54 -30.80
CA TYR G 247 -11.12 -24.54 -31.54
C TYR G 247 -12.31 -25.07 -32.25
N ARG G 248 -12.63 -26.34 -31.96
CA ARG G 248 -13.70 -27.03 -32.58
C ARG G 248 -14.79 -27.20 -31.63
N ARG G 249 -14.42 -27.51 -30.38
CA ARG G 249 -15.31 -27.62 -29.27
C ARG G 249 -16.08 -26.35 -29.05
N VAL G 250 -15.38 -25.20 -29.16
CA VAL G 250 -15.85 -23.87 -28.84
C VAL G 250 -17.02 -23.44 -29.62
N LEU G 251 -17.25 -24.12 -30.73
CA LEU G 251 -18.37 -23.97 -31.58
C LEU G 251 -19.56 -24.30 -30.75
N PRO G 252 -20.69 -23.60 -30.79
CA PRO G 252 -21.79 -23.79 -29.90
C PRO G 252 -22.20 -25.12 -29.93
N LYS G 253 -22.98 -25.44 -28.95
CA LYS G 253 -23.50 -26.73 -28.97
C LYS G 253 -24.63 -26.67 -29.87
N ASN G 254 -24.48 -27.13 -31.10
CA ASN G 254 -25.53 -27.05 -32.08
C ASN G 254 -25.78 -25.64 -32.39
N PRO G 255 -24.91 -25.12 -33.16
CA PRO G 255 -25.09 -23.83 -33.71
C PRO G 255 -25.89 -24.22 -34.90
N ASP G 256 -27.08 -23.70 -35.04
CA ASP G 256 -27.87 -24.33 -36.00
C ASP G 256 -29.02 -23.57 -36.36
N LYS G 257 -29.38 -22.59 -35.55
CA LYS G 257 -30.47 -21.80 -35.90
C LYS G 257 -29.75 -20.82 -36.64
N HIS G 258 -30.35 -20.39 -37.70
CA HIS G 258 -29.64 -19.76 -38.71
C HIS G 258 -30.20 -18.45 -38.60
N LEU G 259 -29.35 -17.51 -38.43
CA LEU G 259 -29.84 -16.26 -38.07
C LEU G 259 -29.23 -15.49 -39.13
N GLU G 260 -29.82 -15.63 -40.32
CA GLU G 260 -29.32 -14.94 -41.42
C GLU G 260 -29.76 -13.61 -41.38
N ALA G 261 -28.78 -12.83 -41.08
CA ALA G 261 -28.89 -11.47 -40.96
C ALA G 261 -27.89 -10.98 -41.88
N GLY G 262 -27.98 -9.66 -42.03
CA GLY G 262 -27.02 -8.85 -42.66
C GLY G 262 -26.05 -8.38 -41.58
N CYS G 263 -24.72 -8.61 -41.71
CA CYS G 263 -23.70 -8.36 -40.68
C CYS G 263 -23.58 -6.95 -40.24
N ASP G 264 -23.67 -6.10 -41.22
CA ASP G 264 -23.80 -4.70 -41.13
C ASP G 264 -24.88 -4.06 -40.29
N LEU G 265 -26.13 -4.49 -40.50
CA LEU G 265 -27.36 -3.88 -40.05
C LEU G 265 -27.35 -4.13 -38.70
N LEU G 266 -27.04 -5.37 -38.49
CA LEU G 266 -26.89 -5.93 -37.27
C LEU G 266 -25.84 -5.25 -36.48
N LYS G 267 -24.73 -4.96 -37.13
CA LYS G 267 -23.61 -4.34 -36.57
C LYS G 267 -23.95 -2.99 -36.14
N GLN G 268 -24.81 -2.33 -36.92
CA GLN G 268 -25.34 -1.07 -36.52
C GLN G 268 -26.15 -1.19 -35.30
N ALA G 269 -27.25 -1.96 -35.39
CA ALA G 269 -28.30 -2.10 -34.43
C ALA G 269 -27.63 -2.32 -33.13
N PHE G 270 -26.75 -3.32 -33.13
CA PHE G 270 -25.84 -3.75 -32.09
C PHE G 270 -25.04 -2.74 -31.51
N ALA G 271 -24.62 -1.82 -32.35
CA ALA G 271 -23.83 -0.76 -31.88
C ALA G 271 -24.74 0.08 -30.99
N ARG G 272 -25.92 0.50 -31.49
CA ARG G 272 -26.90 1.23 -30.75
C ARG G 272 -27.38 0.66 -29.45
N ALA G 273 -27.69 -0.63 -29.47
CA ALA G 273 -28.22 -1.31 -28.35
C ALA G 273 -27.34 -1.29 -27.13
N ALA G 274 -26.00 -1.39 -27.36
CA ALA G 274 -25.01 -1.48 -26.30
C ALA G 274 -25.07 -0.31 -25.35
N ILE G 275 -25.46 0.87 -25.88
CA ILE G 275 -25.46 2.11 -25.14
C ILE G 275 -26.24 2.15 -23.87
N LEU G 276 -27.39 1.48 -23.86
CA LEU G 276 -28.22 1.52 -22.74
C LEU G 276 -28.33 0.10 -22.48
N SER G 277 -27.22 -0.65 -22.73
CA SER G 277 -26.98 -2.00 -22.38
C SER G 277 -26.07 -1.74 -21.30
N ASN G 278 -25.83 -2.81 -20.57
CA ASN G 278 -24.79 -2.97 -19.67
C ASN G 278 -23.55 -2.33 -20.11
N GLU G 279 -23.08 -1.51 -19.17
CA GLU G 279 -22.05 -0.63 -19.49
C GLU G 279 -20.75 -1.10 -19.12
N LYS G 280 -20.73 -2.21 -18.41
CA LYS G 280 -19.52 -2.84 -18.09
C LYS G 280 -19.02 -3.65 -19.25
N PHE G 281 -19.46 -4.89 -19.36
CA PHE G 281 -18.94 -5.92 -20.21
C PHE G 281 -19.43 -5.77 -21.59
N ARG G 282 -20.57 -5.07 -21.77
CA ARG G 282 -21.11 -4.69 -23.06
C ARG G 282 -21.88 -5.85 -23.52
N GLY G 283 -22.24 -6.67 -22.52
CA GLY G 283 -22.99 -7.85 -22.63
C GLY G 283 -24.38 -7.53 -22.95
N VAL G 284 -24.66 -7.37 -24.23
CA VAL G 284 -25.97 -7.31 -24.72
C VAL G 284 -26.69 -8.64 -24.60
N ARG G 285 -28.00 -8.64 -24.27
CA ARG G 285 -28.84 -9.80 -24.12
C ARG G 285 -29.86 -9.79 -25.18
N LEU G 286 -30.02 -10.92 -25.88
CA LEU G 286 -30.84 -10.97 -27.04
C LEU G 286 -31.92 -11.93 -26.97
N TYR G 287 -33.05 -11.53 -27.59
CA TYR G 287 -34.30 -12.21 -27.61
C TYR G 287 -34.73 -11.94 -28.99
N VAL G 288 -34.00 -12.54 -29.95
CA VAL G 288 -34.27 -12.37 -31.34
C VAL G 288 -35.57 -12.93 -31.65
N SER G 289 -36.52 -12.00 -31.93
CA SER G 289 -37.80 -12.36 -32.38
C SER G 289 -37.59 -13.00 -33.63
N GLU G 290 -38.38 -14.07 -33.81
CA GLU G 290 -38.24 -14.82 -34.98
C GLU G 290 -38.50 -14.03 -36.12
N ASN G 291 -37.60 -14.23 -37.09
CA ASN G 291 -37.63 -13.62 -38.36
C ASN G 291 -37.39 -12.18 -38.32
N GLN G 292 -37.70 -11.52 -37.21
CA GLN G 292 -37.43 -10.20 -36.94
C GLN G 292 -36.27 -10.43 -36.11
N LEU G 293 -36.28 -9.61 -35.10
CA LEU G 293 -35.36 -9.62 -34.13
C LEU G 293 -36.02 -8.75 -33.18
N LYS G 294 -35.44 -8.93 -32.03
CA LYS G 294 -35.75 -8.11 -30.96
C LYS G 294 -34.55 -8.31 -30.16
N ILE G 295 -34.34 -7.25 -29.39
CA ILE G 295 -33.22 -7.10 -28.51
C ILE G 295 -33.82 -6.31 -27.45
N THR G 296 -33.44 -6.68 -26.19
CA THR G 296 -33.82 -5.91 -25.05
C THR G 296 -32.49 -5.67 -24.32
N ALA G 297 -32.02 -4.37 -24.28
CA ALA G 297 -30.85 -3.94 -23.53
C ALA G 297 -31.26 -3.01 -22.48
N ASN G 298 -30.53 -3.10 -21.36
CA ASN G 298 -30.67 -2.22 -20.28
C ASN G 298 -29.30 -2.15 -19.86
N ASN G 299 -29.00 -0.96 -19.40
CA ASN G 299 -27.77 -0.60 -18.90
C ASN G 299 -28.31 -0.75 -17.56
N PRO G 300 -27.64 -1.41 -16.65
CA PRO G 300 -28.07 -1.43 -15.32
C PRO G 300 -28.38 -0.09 -14.88
N GLU G 301 -27.43 0.82 -15.16
CA GLU G 301 -27.60 2.14 -14.82
C GLU G 301 -28.69 2.86 -15.57
N GLN G 302 -29.94 2.45 -15.31
CA GLN G 302 -31.12 2.93 -15.92
C GLN G 302 -30.97 2.69 -17.35
N GLU G 303 -31.95 3.20 -18.06
CA GLU G 303 -31.97 3.26 -19.44
C GLU G 303 -32.06 1.93 -20.01
N GLU G 304 -32.44 1.99 -21.27
CA GLU G 304 -32.64 0.81 -21.94
C GLU G 304 -32.66 1.18 -23.34
N ALA G 305 -32.29 0.21 -24.15
CA ALA G 305 -32.20 0.40 -25.54
C ALA G 305 -32.91 -0.77 -26.03
N GLU G 306 -33.44 -0.63 -27.24
CA GLU G 306 -34.29 -1.57 -27.84
C GLU G 306 -34.15 -1.35 -29.26
N GLU G 307 -34.28 -2.45 -29.99
CA GLU G 307 -34.12 -2.47 -31.39
C GLU G 307 -35.11 -3.45 -31.83
N ILE G 308 -35.29 -3.43 -33.12
CA ILE G 308 -36.16 -4.31 -33.77
C ILE G 308 -35.43 -4.23 -35.03
N LEU G 309 -35.13 -5.41 -35.55
CA LEU G 309 -34.32 -5.54 -36.70
C LEU G 309 -34.89 -6.81 -37.25
N ASP G 310 -34.28 -7.35 -38.32
CA ASP G 310 -34.70 -8.60 -38.91
C ASP G 310 -33.57 -9.51 -38.97
N VAL G 311 -33.88 -10.76 -38.71
CA VAL G 311 -32.99 -11.82 -38.95
C VAL G 311 -33.86 -12.90 -39.29
N THR G 312 -33.48 -13.57 -40.36
CA THR G 312 -34.12 -14.73 -40.81
C THR G 312 -33.55 -15.74 -39.94
N TYR G 313 -34.47 -16.04 -39.05
CA TYR G 313 -34.17 -16.84 -38.00
C TYR G 313 -35.36 -17.56 -37.83
N SER G 314 -35.16 -18.83 -38.00
CA SER G 314 -36.10 -19.73 -37.60
C SER G 314 -35.42 -20.44 -36.57
N GLY G 315 -36.37 -20.84 -35.74
CA GLY G 315 -36.14 -21.52 -34.57
C GLY G 315 -36.21 -20.43 -33.58
N ALA G 316 -36.87 -20.80 -32.49
CA ALA G 316 -37.33 -19.96 -31.46
C ALA G 316 -36.24 -19.25 -30.85
N GLU G 317 -36.64 -18.07 -30.32
CA GLU G 317 -35.82 -17.05 -29.80
C GLU G 317 -34.63 -17.59 -29.18
N MET G 318 -33.58 -17.01 -29.67
CA MET G 318 -32.30 -17.37 -29.36
C MET G 318 -31.94 -17.11 -28.00
N GLU G 319 -32.62 -16.13 -27.36
CA GLU G 319 -32.48 -15.77 -26.00
C GLU G 319 -31.12 -15.96 -25.39
N ILE G 320 -30.13 -15.26 -25.93
CA ILE G 320 -28.78 -15.46 -25.55
C ILE G 320 -28.31 -14.08 -25.60
N GLY G 321 -27.41 -13.74 -24.72
CA GLY G 321 -26.76 -12.49 -24.71
C GLY G 321 -25.39 -12.85 -24.62
N PHE G 322 -24.57 -11.98 -25.19
CA PHE G 322 -23.15 -12.10 -25.22
C PHE G 322 -22.56 -10.72 -25.19
N ASN G 323 -21.22 -10.66 -25.19
CA ASN G 323 -20.52 -9.44 -25.10
C ASN G 323 -20.55 -8.85 -26.44
N VAL G 324 -21.31 -7.76 -26.57
CA VAL G 324 -21.39 -7.04 -27.79
C VAL G 324 -20.13 -6.42 -28.18
N SER G 325 -19.28 -6.16 -27.18
CA SER G 325 -17.98 -5.69 -27.44
C SER G 325 -17.23 -6.60 -28.27
N TYR G 326 -17.37 -7.91 -28.14
CA TYR G 326 -16.61 -8.79 -28.97
C TYR G 326 -17.13 -8.81 -30.30
N VAL G 327 -18.43 -8.85 -30.34
CA VAL G 327 -19.17 -9.16 -31.49
C VAL G 327 -18.97 -8.32 -32.67
N LEU G 328 -19.18 -7.03 -32.46
CA LEU G 328 -19.14 -6.10 -33.50
C LEU G 328 -17.92 -6.31 -34.28
N ASP G 329 -16.81 -6.59 -33.58
CA ASP G 329 -15.45 -6.78 -34.03
C ASP G 329 -15.34 -7.76 -35.09
N VAL G 330 -16.07 -8.83 -34.91
CA VAL G 330 -16.08 -9.84 -35.87
C VAL G 330 -16.95 -9.49 -36.98
N LEU G 331 -18.03 -8.71 -36.73
CA LEU G 331 -18.94 -8.29 -37.81
C LEU G 331 -18.17 -7.55 -38.76
N ASN G 332 -17.36 -6.77 -38.19
CA ASN G 332 -16.59 -5.95 -38.97
C ASN G 332 -15.37 -6.65 -39.54
N ALA G 333 -14.87 -7.73 -38.90
CA ALA G 333 -13.74 -8.44 -39.47
C ALA G 333 -14.17 -9.43 -40.44
N LEU G 334 -15.49 -9.48 -40.43
CA LEU G 334 -16.32 -10.23 -41.21
C LEU G 334 -16.53 -9.19 -42.20
N LYS G 335 -16.14 -9.60 -43.37
CA LYS G 335 -16.26 -8.79 -44.49
C LYS G 335 -17.55 -9.27 -45.08
N CYS G 336 -18.05 -10.42 -44.62
CA CYS G 336 -19.27 -10.98 -45.10
C CYS G 336 -20.44 -10.37 -44.46
N GLU G 337 -21.45 -10.13 -45.29
CA GLU G 337 -22.55 -9.38 -44.86
C GLU G 337 -23.76 -10.16 -44.82
N ASN G 338 -23.68 -11.50 -44.93
CA ASN G 338 -24.81 -12.29 -44.64
C ASN G 338 -24.16 -13.23 -43.84
N VAL G 339 -24.66 -13.26 -42.67
CA VAL G 339 -24.00 -13.92 -41.73
C VAL G 339 -25.17 -14.52 -41.17
N ARG G 340 -24.92 -15.77 -41.12
CA ARG G 340 -25.85 -16.63 -40.67
C ARG G 340 -25.21 -16.92 -39.43
N MET G 341 -26.02 -17.03 -38.46
CA MET G 341 -25.52 -17.41 -37.21
C MET G 341 -26.03 -18.67 -37.08
N MET G 342 -25.22 -19.49 -36.49
CA MET G 342 -25.56 -20.77 -36.13
C MET G 342 -25.48 -20.71 -34.69
N LEU G 343 -26.65 -20.64 -34.08
CA LEU G 343 -26.70 -20.58 -32.66
C LEU G 343 -27.44 -21.71 -32.29
N THR G 344 -27.33 -21.93 -31.03
CA THR G 344 -28.11 -22.80 -30.29
C THR G 344 -28.60 -21.77 -29.42
N ASP G 345 -29.92 -21.60 -29.58
CA ASP G 345 -30.79 -20.60 -29.04
C ASP G 345 -30.98 -21.11 -27.74
N SER G 346 -30.53 -20.32 -26.78
CA SER G 346 -30.41 -20.63 -25.42
C SER G 346 -29.06 -20.12 -25.19
N VAL G 347 -28.89 -19.43 -24.04
CA VAL G 347 -27.69 -18.78 -23.50
C VAL G 347 -26.48 -19.63 -23.65
N SER G 348 -26.04 -19.77 -24.87
CA SER G 348 -25.02 -20.67 -25.22
C SER G 348 -24.57 -20.03 -26.42
N SER G 349 -23.39 -20.48 -26.76
CA SER G 349 -22.55 -20.01 -27.77
C SER G 349 -23.29 -19.98 -29.02
N VAL G 350 -22.85 -19.00 -29.79
CA VAL G 350 -23.43 -18.80 -31.05
C VAL G 350 -22.29 -18.62 -31.92
N GLN G 351 -22.35 -19.41 -32.96
CA GLN G 351 -21.43 -19.40 -33.98
C GLN G 351 -21.98 -18.59 -35.00
N ILE G 352 -21.10 -17.85 -35.59
CA ILE G 352 -21.53 -16.97 -36.53
C ILE G 352 -20.61 -17.18 -37.52
N GLU G 353 -21.11 -17.24 -38.67
CA GLU G 353 -20.28 -17.48 -39.68
C GLU G 353 -20.82 -16.63 -40.63
N ASP G 354 -20.04 -16.47 -41.68
CA ASP G 354 -20.55 -15.86 -42.79
C ASP G 354 -21.51 -16.87 -43.19
N ALA G 355 -22.58 -16.35 -43.67
CA ALA G 355 -23.52 -17.16 -44.17
C ALA G 355 -23.00 -17.51 -45.47
N ALA G 356 -22.29 -16.53 -46.05
CA ALA G 356 -21.89 -16.64 -47.35
C ALA G 356 -20.68 -17.36 -47.56
N SER G 357 -19.81 -17.53 -46.60
CA SER G 357 -18.91 -18.52 -46.96
C SER G 357 -18.86 -19.09 -45.72
N GLN G 358 -17.76 -19.72 -45.67
CA GLN G 358 -17.41 -20.18 -44.51
C GLN G 358 -16.06 -20.00 -44.73
N SER G 359 -15.73 -19.03 -43.98
CA SER G 359 -14.48 -18.67 -43.85
C SER G 359 -14.82 -18.29 -42.57
N ALA G 360 -15.31 -17.10 -42.42
CA ALA G 360 -15.36 -16.55 -41.15
C ALA G 360 -16.44 -17.01 -40.38
N ALA G 361 -16.01 -17.73 -39.39
CA ALA G 361 -16.80 -18.43 -38.48
C ALA G 361 -16.25 -17.98 -37.20
N TYR G 362 -17.09 -17.73 -36.26
CA TYR G 362 -16.66 -16.94 -35.17
C TYR G 362 -17.47 -17.37 -34.07
N VAL G 363 -16.89 -17.52 -32.89
CA VAL G 363 -17.74 -17.86 -31.81
C VAL G 363 -17.45 -17.02 -30.62
N VAL G 364 -18.51 -16.57 -29.98
CA VAL G 364 -18.46 -15.87 -28.75
C VAL G 364 -19.41 -16.67 -27.96
N MET G 365 -19.42 -16.36 -26.68
CA MET G 365 -20.08 -17.07 -25.69
C MET G 365 -21.01 -16.18 -25.03
N PRO G 366 -22.04 -16.74 -24.42
CA PRO G 366 -23.00 -15.94 -23.75
C PRO G 366 -22.37 -15.27 -22.57
N MET G 367 -23.17 -14.47 -21.88
CA MET G 367 -22.72 -13.78 -20.72
C MET G 367 -23.14 -14.66 -19.63
N ARG G 368 -23.65 -14.04 -18.54
CA ARG G 368 -24.17 -14.63 -17.35
C ARG G 368 -25.08 -15.72 -17.64
N LEU G 369 -25.25 -16.46 -16.54
CA LEU G 369 -26.27 -17.41 -16.34
C LEU G 369 -26.71 -16.78 -15.01
#